data_1GZ5
#
_entry.id   1GZ5
#
_cell.length_a   103.612
_cell.length_b   125.400
_cell.length_c   176.607
_cell.angle_alpha   90.00
_cell.angle_beta   90.00
_cell.angle_gamma   90.00
#
_symmetry.space_group_name_H-M   'P 21 21 21'
#
loop_
_entity.id
_entity.type
_entity.pdbx_description
1 polymer 'ALPHA-TREHALOSE-PHOSPHATE SYNTHASE'
2 non-polymer "URIDINE-5'-DIPHOSPHATE"
3 non-polymer 6-O-phosphono-alpha-D-glucopyranose
4 non-polymer IMIDAZOLE
5 water water
#
_entity_poly.entity_id   1
_entity_poly.type   'polypeptide(L)'
_entity_poly.pdbx_seq_one_letter_code
;SRLVVVSNRIAPPDEHAASAGGLAVGILGALKAAGGLWFGWSGETGNEDQPLKKVKKGNITWASFNLSEQDLDEYYNQFS
NAVLWPAFHYRLDLVQFQRPAWDGYLRVNALLADKLLPLLQDDDIIWIHDYHLLPFAHELRKRGVNNRIGFFLHIPFPTP
EIFNALPTYDTLLEQLCDYDLLGFQTENDRLAFLDCLSNLTRVTTRSAKSHTAWGKAFRTEVYPIGIEPKEIAKQAAGPL
PPKLAQLKAELKNVQNIFSVERLDYSKGLPERFLAYEALLEKYPQHHGKIRYTQIAPTSRGDVQAYQDIRHQLENEAGRI
NGKYGQLGWTPLYYLNQHFDRKLL(MSE)KIFRYSDVGLVTPLRDG(MSE)NLVAKEYVAAQDPANPGVLVLSQFAGAAN
ELTSALIVNPYDRDEVAAALDRALT(MSE)SLAERISRHAE(MSE)LDVIVKNDINHWQECFISDLKQIVPR
;
_entity_poly.pdbx_strand_id   A,B,C,D
#
# COMPACT_ATOMS: atom_id res chain seq x y z
N SER A 1 -50.18 -22.32 -10.59
CA SER A 1 -50.92 -21.07 -10.20
C SER A 1 -49.95 -20.13 -9.48
N ARG A 2 -49.88 -20.26 -8.14
CA ARG A 2 -49.00 -19.40 -7.30
C ARG A 2 -47.52 -19.34 -7.72
N LEU A 3 -47.00 -18.13 -7.82
CA LEU A 3 -45.60 -17.89 -8.14
C LEU A 3 -44.77 -17.80 -6.87
N VAL A 4 -43.71 -18.60 -6.80
CA VAL A 4 -42.75 -18.54 -5.70
C VAL A 4 -41.39 -18.04 -6.22
N VAL A 5 -40.96 -16.87 -5.75
CA VAL A 5 -39.70 -16.31 -6.14
C VAL A 5 -38.69 -16.44 -5.03
N VAL A 6 -37.48 -16.84 -5.39
CA VAL A 6 -36.40 -16.92 -4.44
C VAL A 6 -35.17 -16.21 -4.89
N SER A 7 -34.62 -15.41 -3.98
CA SER A 7 -33.38 -14.70 -4.29
C SER A 7 -32.70 -14.51 -2.98
N ASN A 8 -31.41 -14.18 -3.01
CA ASN A 8 -30.72 -13.93 -1.77
C ASN A 8 -31.17 -12.58 -1.21
N ARG A 9 -30.97 -11.51 -1.99
CA ARG A 9 -31.41 -10.17 -1.64
C ARG A 9 -32.91 -10.03 -1.89
N ILE A 10 -33.60 -9.34 -0.97
CA ILE A 10 -35.01 -9.01 -1.18
C ILE A 10 -35.17 -7.50 -1.06
N ALA A 11 -36.25 -6.97 -1.63
CA ALA A 11 -36.64 -5.61 -1.35
C ALA A 11 -37.57 -5.77 -0.16
N PRO A 12 -37.26 -5.11 0.94
CA PRO A 12 -38.13 -5.10 2.11
C PRO A 12 -39.44 -4.37 1.80
N PRO A 13 -40.50 -4.80 2.45
CA PRO A 13 -41.79 -4.09 2.41
C PRO A 13 -41.71 -2.64 2.93
N ASP A 14 -40.89 -2.38 3.98
CA ASP A 14 -40.53 -0.98 4.36
C ASP A 14 -39.60 -0.52 3.23
N GLU A 15 -40.09 0.33 2.31
CA GLU A 15 -39.41 0.43 1.00
C GLU A 15 -38.10 1.28 0.93
N HIS A 16 -38.04 2.32 1.79
CA HIS A 16 -36.83 3.13 1.97
C HIS A 16 -35.71 2.50 2.91
N ALA A 17 -35.91 1.23 3.33
CA ALA A 17 -34.85 0.40 3.94
C ALA A 17 -34.09 -0.29 2.82
N ALA A 18 -34.33 0.15 1.58
CA ALA A 18 -33.77 -0.57 0.42
C ALA A 18 -32.26 -0.33 0.32
N SER A 19 -31.58 -1.28 -0.24
CA SER A 19 -30.15 -1.27 -0.46
C SER A 19 -30.02 -1.19 -1.99
N ALA A 20 -28.95 -0.58 -2.48
CA ALA A 20 -28.72 -0.48 -3.92
C ALA A 20 -28.63 -1.84 -4.49
N GLY A 21 -29.09 -1.99 -5.72
CA GLY A 21 -29.01 -3.24 -6.43
C GLY A 21 -30.21 -3.52 -7.32
N GLY A 22 -29.96 -3.96 -8.57
CA GLY A 22 -30.96 -4.01 -9.60
C GLY A 22 -31.89 -5.20 -9.44
N LEU A 23 -31.35 -6.29 -8.93
CA LEU A 23 -32.16 -7.51 -8.79
C LEU A 23 -33.48 -7.26 -7.98
N ALA A 24 -33.32 -6.68 -6.80
CA ALA A 24 -34.42 -6.49 -5.90
C ALA A 24 -35.41 -5.54 -6.55
N VAL A 25 -34.91 -4.51 -7.25
CA VAL A 25 -35.78 -3.56 -7.96
C VAL A 25 -36.60 -4.28 -9.04
N GLY A 26 -35.90 -5.12 -9.83
CA GLY A 26 -36.49 -5.94 -10.86
C GLY A 26 -37.56 -6.88 -10.33
N ILE A 27 -37.17 -7.74 -9.40
CA ILE A 27 -38.12 -8.72 -8.84
C ILE A 27 -39.36 -8.08 -8.20
N LEU A 28 -39.19 -6.96 -7.49
CA LEU A 28 -40.32 -6.30 -6.85
C LEU A 28 -41.27 -5.81 -7.96
N GLY A 29 -40.68 -5.19 -8.98
CA GLY A 29 -41.38 -4.80 -10.19
C GLY A 29 -42.20 -5.95 -10.73
N ALA A 30 -41.55 -7.09 -10.91
CA ALA A 30 -42.20 -8.30 -11.43
C ALA A 30 -43.35 -8.78 -10.55
N LEU A 31 -43.07 -8.94 -9.25
CA LEU A 31 -44.03 -9.43 -8.29
C LEU A 31 -45.24 -8.50 -8.21
N LYS A 32 -45.02 -7.20 -8.30
CA LYS A 32 -46.11 -6.24 -8.19
C LYS A 32 -47.03 -6.47 -9.36
N ALA A 33 -46.46 -6.87 -10.51
CA ALA A 33 -47.27 -7.13 -11.70
C ALA A 33 -47.99 -8.50 -11.57
N ALA A 34 -47.28 -9.51 -11.06
CA ALA A 34 -47.78 -10.91 -10.96
C ALA A 34 -48.65 -11.23 -9.75
N GLY A 35 -48.06 -11.07 -8.57
CA GLY A 35 -48.60 -11.53 -7.31
C GLY A 35 -47.70 -12.68 -6.94
N GLY A 36 -47.58 -13.02 -5.66
CA GLY A 36 -46.76 -14.17 -5.29
C GLY A 36 -46.04 -14.12 -3.95
N LEU A 37 -45.17 -15.10 -3.76
CA LEU A 37 -44.41 -15.30 -2.53
C LEU A 37 -42.95 -15.00 -2.81
N TRP A 38 -42.33 -14.17 -1.99
CA TRP A 38 -40.88 -13.91 -2.15
C TRP A 38 -40.15 -14.46 -0.92
N PHE A 39 -39.33 -15.47 -1.14
CA PHE A 39 -38.55 -16.11 -0.12
C PHE A 39 -37.10 -15.71 -0.34
N GLY A 40 -36.46 -15.22 0.71
CA GLY A 40 -35.07 -14.80 0.60
C GLY A 40 -34.49 -14.33 1.94
N TRP A 41 -33.23 -13.91 1.91
CA TRP A 41 -32.49 -13.50 3.10
C TRP A 41 -33.01 -12.17 3.64
N SER A 42 -33.23 -12.08 4.94
CA SER A 42 -33.64 -10.83 5.54
C SER A 42 -32.56 -9.72 5.44
N GLY A 43 -31.30 -10.10 5.21
CA GLY A 43 -30.19 -9.19 5.28
C GLY A 43 -29.52 -9.15 6.64
N GLU A 44 -30.04 -9.93 7.62
CA GLU A 44 -29.49 -9.91 8.98
C GLU A 44 -28.78 -11.23 9.25
N THR A 45 -27.84 -11.23 10.21
CA THR A 45 -27.20 -12.45 10.66
C THR A 45 -27.51 -12.70 12.11
N GLY A 46 -27.35 -13.96 12.55
CA GLY A 46 -27.68 -14.30 13.92
C GLY A 46 -29.13 -14.75 13.99
N ASN A 47 -29.55 -15.34 15.10
CA ASN A 47 -30.88 -15.91 15.22
C ASN A 47 -31.39 -16.77 14.04
N GLU A 48 -30.52 -17.52 13.40
CA GLU A 48 -30.86 -18.34 12.22
C GLU A 48 -31.94 -19.43 12.44
N ASP A 49 -32.15 -19.83 13.68
CA ASP A 49 -33.07 -20.93 13.99
C ASP A 49 -34.44 -20.40 14.37
N GLN A 50 -34.65 -19.11 14.18
CA GLN A 50 -35.92 -18.51 14.51
C GLN A 50 -36.82 -18.85 13.30
N PRO A 51 -38.13 -18.85 13.50
CA PRO A 51 -39.07 -19.06 12.38
C PRO A 51 -38.87 -18.02 11.27
N LEU A 52 -39.19 -18.38 10.04
CA LEU A 52 -39.28 -17.45 8.96
C LEU A 52 -40.13 -16.24 9.35
N LYS A 53 -39.66 -15.04 9.00
CA LYS A 53 -40.49 -13.83 9.20
C LYS A 53 -41.36 -13.60 7.95
N LYS A 54 -42.62 -13.39 8.16
CA LYS A 54 -43.58 -13.29 7.10
C LYS A 54 -44.35 -11.95 7.20
N VAL A 55 -44.42 -11.24 6.08
CA VAL A 55 -45.18 -10.00 5.95
C VAL A 55 -45.92 -10.07 4.63
N LYS A 56 -47.16 -9.65 4.65
CA LYS A 56 -48.02 -9.59 3.46
C LYS A 56 -48.36 -8.13 3.15
N LYS A 57 -48.18 -7.71 1.91
CA LYS A 57 -48.50 -6.36 1.50
C LYS A 57 -49.15 -6.44 0.13
N GLY A 58 -50.48 -6.37 0.10
CA GLY A 58 -51.25 -6.54 -1.12
C GLY A 58 -51.16 -7.94 -1.71
N ASN A 59 -50.62 -8.06 -2.92
CA ASN A 59 -50.59 -9.32 -3.63
C ASN A 59 -49.22 -10.02 -3.46
N ILE A 60 -48.36 -9.43 -2.63
CA ILE A 60 -47.05 -9.98 -2.36
C ILE A 60 -46.93 -10.47 -0.91
N THR A 61 -46.37 -11.65 -0.74
CA THR A 61 -46.00 -12.15 0.58
C THR A 61 -44.47 -12.32 0.69
N TRP A 62 -43.88 -11.81 1.75
CA TRP A 62 -42.44 -12.01 2.01
C TRP A 62 -42.24 -13.08 3.11
N ALA A 63 -41.31 -14.00 2.88
CA ALA A 63 -40.84 -14.93 3.91
C ALA A 63 -39.32 -14.84 3.94
N SER A 64 -38.76 -14.40 5.05
CA SER A 64 -37.31 -14.21 5.13
C SER A 64 -36.70 -15.05 6.24
N PHE A 65 -35.44 -15.39 6.05
CA PHE A 65 -34.64 -16.07 7.06
C PHE A 65 -33.42 -15.19 7.38
N ASN A 66 -32.87 -15.38 8.57
CA ASN A 66 -31.54 -14.96 8.90
C ASN A 66 -30.50 -16.03 8.54
N LEU A 67 -29.23 -15.62 8.51
CA LEU A 67 -28.12 -16.53 8.24
C LEU A 67 -27.15 -16.48 9.40
N SER A 68 -26.49 -17.58 9.76
CA SER A 68 -25.38 -17.48 10.74
C SER A 68 -24.22 -16.69 10.16
N GLU A 69 -23.38 -16.18 11.05
CA GLU A 69 -22.15 -15.46 10.70
C GLU A 69 -21.29 -16.31 9.76
N GLN A 70 -21.11 -17.59 10.07
CA GLN A 70 -20.34 -18.50 9.25
C GLN A 70 -20.93 -18.72 7.87
N ASP A 71 -22.23 -18.97 7.82
CA ASP A 71 -22.86 -19.11 6.52
C ASP A 71 -22.79 -17.85 5.69
N LEU A 72 -23.05 -16.71 6.30
CA LEU A 72 -22.96 -15.47 5.56
C LEU A 72 -21.53 -15.36 4.99
N ASP A 73 -20.55 -15.61 5.84
CA ASP A 73 -19.18 -15.58 5.40
C ASP A 73 -18.78 -16.53 4.26
N GLU A 74 -19.16 -17.80 4.37
CA GLU A 74 -18.70 -18.76 3.38
C GLU A 74 -19.50 -18.69 2.09
N TYR A 75 -20.83 -18.68 2.22
CA TYR A 75 -21.74 -18.65 1.08
C TYR A 75 -21.84 -17.26 0.40
N TYR A 76 -21.92 -16.19 1.19
CA TYR A 76 -22.15 -14.87 0.63
C TYR A 76 -20.84 -14.12 0.38
N ASN A 77 -20.08 -13.87 1.41
CA ASN A 77 -18.88 -13.08 1.22
C ASN A 77 -17.78 -13.78 0.46
N GLN A 78 -17.59 -15.08 0.67
CA GLN A 78 -16.55 -15.84 -0.04
C GLN A 78 -17.05 -16.38 -1.36
N PHE A 79 -17.94 -17.36 -1.35
CA PHE A 79 -18.21 -17.99 -2.62
C PHE A 79 -18.95 -17.10 -3.57
N SER A 80 -20.06 -16.53 -3.14
CA SER A 80 -20.85 -15.71 -4.06
C SER A 80 -20.10 -14.45 -4.47
N ASN A 81 -19.57 -13.68 -3.51
CA ASN A 81 -18.95 -12.39 -3.76
C ASN A 81 -17.43 -12.39 -4.11
N ALA A 82 -16.69 -13.44 -3.74
CA ALA A 82 -15.26 -13.49 -4.06
C ALA A 82 -14.84 -14.67 -4.96
N VAL A 83 -15.82 -15.44 -5.47
CA VAL A 83 -15.58 -16.40 -6.52
C VAL A 83 -16.50 -16.17 -7.70
N LEU A 84 -17.81 -16.25 -7.50
CA LEU A 84 -18.70 -16.21 -8.63
C LEU A 84 -18.81 -14.80 -9.23
N TRP A 85 -19.06 -13.80 -8.37
CA TRP A 85 -19.16 -12.43 -8.90
C TRP A 85 -17.90 -12.03 -9.72
N PRO A 86 -16.66 -12.15 -9.18
CA PRO A 86 -15.49 -11.80 -9.99
C PRO A 86 -15.35 -12.68 -11.25
N ALA A 87 -15.50 -13.98 -11.15
CA ALA A 87 -15.35 -14.86 -12.30
C ALA A 87 -16.38 -14.50 -13.41
N PHE A 88 -17.64 -14.36 -13.04
CA PHE A 88 -18.67 -14.05 -14.06
C PHE A 88 -18.44 -12.64 -14.63
N HIS A 89 -17.62 -11.80 -13.94
CA HIS A 89 -17.30 -10.47 -14.51
C HIS A 89 -15.92 -10.47 -15.14
N TYR A 90 -15.42 -11.68 -15.46
CA TYR A 90 -14.12 -11.78 -16.13
C TYR A 90 -13.02 -11.17 -15.26
N ARG A 91 -13.07 -11.48 -13.96
CA ARG A 91 -11.95 -11.07 -13.08
C ARG A 91 -11.39 -12.24 -12.33
N LEU A 92 -10.83 -13.21 -13.09
CA LEU A 92 -10.23 -14.39 -12.51
C LEU A 92 -9.12 -13.97 -11.57
N ASP A 93 -8.45 -12.84 -11.81
CA ASP A 93 -7.37 -12.42 -10.89
C ASP A 93 -7.88 -12.09 -9.49
N LEU A 94 -9.20 -11.93 -9.36
CA LEU A 94 -9.80 -11.59 -8.09
C LEU A 94 -10.45 -12.81 -7.42
N VAL A 95 -10.56 -13.93 -8.15
CA VAL A 95 -11.15 -15.07 -7.50
C VAL A 95 -10.37 -15.69 -6.35
N GLN A 96 -11.13 -16.10 -5.35
CA GLN A 96 -10.54 -16.43 -4.07
C GLN A 96 -11.18 -17.75 -3.67
N PHE A 97 -10.91 -18.79 -4.46
CA PHE A 97 -11.48 -20.09 -4.26
C PHE A 97 -10.77 -20.85 -3.14
N GLN A 98 -11.56 -21.31 -2.18
CA GLN A 98 -11.11 -22.22 -1.15
C GLN A 98 -12.24 -23.19 -0.86
N ARG A 99 -11.87 -24.43 -0.55
CA ARG A 99 -12.81 -25.50 -0.40
C ARG A 99 -13.88 -25.23 0.66
N PRO A 100 -13.51 -24.71 1.82
CA PRO A 100 -14.53 -24.41 2.83
C PRO A 100 -15.61 -23.43 2.33
N ALA A 101 -15.26 -22.48 1.46
CA ALA A 101 -16.24 -21.56 0.90
C ALA A 101 -17.19 -22.31 -0.01
N TRP A 102 -16.65 -23.23 -0.81
CA TRP A 102 -17.49 -24.04 -1.68
C TRP A 102 -18.45 -24.87 -0.84
N ASP A 103 -17.95 -25.50 0.22
CA ASP A 103 -18.76 -26.37 1.08
C ASP A 103 -19.90 -25.57 1.73
N GLY A 104 -19.58 -24.33 2.12
CA GLY A 104 -20.54 -23.48 2.79
C GLY A 104 -21.59 -23.06 1.79
N TYR A 105 -21.16 -22.71 0.59
CA TYR A 105 -22.08 -22.38 -0.50
C TYR A 105 -23.07 -23.51 -0.73
N LEU A 106 -22.60 -24.76 -0.79
CA LEU A 106 -23.51 -25.91 -0.93
C LEU A 106 -24.35 -26.08 0.32
N ARG A 107 -23.71 -25.90 1.46
CA ARG A 107 -24.43 -26.06 2.72
C ARG A 107 -25.59 -25.08 2.82
N VAL A 108 -25.39 -23.79 2.45
CA VAL A 108 -26.54 -22.91 2.57
C VAL A 108 -27.63 -23.11 1.54
N ASN A 109 -27.23 -23.38 0.29
CA ASN A 109 -28.25 -23.78 -0.69
C ASN A 109 -29.11 -24.96 -0.20
N ALA A 110 -28.52 -25.94 0.44
CA ALA A 110 -29.27 -27.07 0.94
C ALA A 110 -30.17 -26.61 2.06
N LEU A 111 -29.65 -25.79 2.96
CA LEU A 111 -30.37 -25.31 4.16
C LEU A 111 -31.63 -24.55 3.74
N LEU A 112 -31.47 -23.68 2.76
CA LEU A 112 -32.51 -22.81 2.25
C LEU A 112 -33.57 -23.64 1.58
N ALA A 113 -33.14 -24.69 0.87
CA ALA A 113 -34.10 -25.61 0.30
C ALA A 113 -34.93 -26.32 1.41
N ASP A 114 -34.32 -26.64 2.55
CA ASP A 114 -35.04 -27.27 3.64
C ASP A 114 -36.09 -26.30 4.19
N LYS A 115 -35.73 -25.02 4.25
CA LYS A 115 -36.55 -24.01 4.83
C LYS A 115 -37.71 -23.64 3.89
N LEU A 116 -37.46 -23.69 2.58
CA LEU A 116 -38.49 -23.39 1.61
C LEU A 116 -39.47 -24.54 1.53
N LEU A 117 -38.98 -25.79 1.65
CA LEU A 117 -39.83 -26.96 1.36
C LEU A 117 -41.25 -26.88 1.97
N PRO A 118 -41.42 -26.59 3.28
CA PRO A 118 -42.76 -26.62 3.85
C PRO A 118 -43.68 -25.56 3.31
N LEU A 119 -43.16 -24.54 2.65
CA LEU A 119 -44.01 -23.49 2.11
C LEU A 119 -44.61 -23.80 0.75
N LEU A 120 -44.09 -24.84 0.10
CA LEU A 120 -44.44 -25.13 -1.28
C LEU A 120 -45.68 -25.93 -1.44
N GLN A 121 -46.38 -25.63 -2.52
CA GLN A 121 -47.50 -26.45 -2.93
C GLN A 121 -47.18 -27.08 -4.27
N ASP A 122 -47.85 -28.18 -4.58
CA ASP A 122 -47.77 -28.91 -5.84
C ASP A 122 -47.86 -28.01 -7.08
N ASP A 123 -48.83 -27.13 -7.01
CA ASP A 123 -49.15 -26.07 -7.93
C ASP A 123 -48.02 -25.19 -8.36
N ASP A 124 -47.22 -24.82 -7.37
CA ASP A 124 -46.31 -23.68 -7.47
C ASP A 124 -45.45 -23.66 -8.74
N ILE A 125 -45.21 -22.45 -9.22
CA ILE A 125 -44.27 -22.18 -10.26
C ILE A 125 -43.14 -21.46 -9.54
N ILE A 126 -41.94 -22.02 -9.61
CA ILE A 126 -40.84 -21.58 -8.77
C ILE A 126 -39.79 -20.90 -9.64
N TRP A 127 -39.41 -19.69 -9.26
CA TRP A 127 -38.50 -18.87 -10.05
C TRP A 127 -37.33 -18.47 -9.18
N ILE A 128 -36.18 -19.07 -9.45
CA ILE A 128 -34.97 -18.85 -8.64
C ILE A 128 -34.06 -17.83 -9.31
N HIS A 129 -33.51 -16.90 -8.53
CA HIS A 129 -32.72 -15.81 -9.09
C HIS A 129 -31.29 -15.73 -8.59
N ASP A 130 -30.39 -15.74 -9.57
CA ASP A 130 -29.04 -15.20 -9.48
C ASP A 130 -28.01 -16.17 -8.94
N TYR A 131 -26.75 -15.72 -8.99
CA TYR A 131 -25.59 -16.59 -8.85
C TYR A 131 -25.44 -17.16 -7.47
N HIS A 132 -26.14 -16.62 -6.47
CA HIS A 132 -26.11 -17.25 -5.15
C HIS A 132 -26.71 -18.63 -5.17
N LEU A 133 -27.57 -18.90 -6.14
CA LEU A 133 -28.48 -20.06 -6.02
C LEU A 133 -28.33 -21.05 -7.19
N LEU A 134 -27.17 -21.07 -7.83
CA LEU A 134 -26.96 -22.03 -8.90
C LEU A 134 -27.36 -23.46 -8.50
N PRO A 135 -26.98 -23.98 -7.32
CA PRO A 135 -27.36 -25.37 -6.92
C PRO A 135 -28.78 -25.57 -6.46
N PHE A 136 -29.60 -24.53 -6.50
CA PHE A 136 -30.86 -24.61 -5.77
C PHE A 136 -31.86 -25.60 -6.34
N ALA A 137 -32.10 -25.56 -7.64
CA ALA A 137 -32.93 -26.61 -8.30
C ALA A 137 -32.48 -28.02 -7.93
N HIS A 138 -31.16 -28.23 -7.91
CA HIS A 138 -30.64 -29.58 -7.66
C HIS A 138 -31.03 -29.98 -6.23
N GLU A 139 -30.93 -29.05 -5.28
CA GLU A 139 -31.36 -29.29 -3.91
C GLU A 139 -32.85 -29.54 -3.79
N LEU A 140 -33.68 -28.78 -4.51
CA LEU A 140 -35.11 -29.04 -4.56
C LEU A 140 -35.43 -30.41 -5.20
N ARG A 141 -34.72 -30.79 -6.27
CA ARG A 141 -35.02 -32.09 -6.90
C ARG A 141 -34.69 -33.22 -5.95
N LYS A 142 -33.61 -33.12 -5.19
CA LYS A 142 -33.35 -34.25 -4.31
C LYS A 142 -34.33 -34.37 -3.15
N ARG A 143 -35.05 -33.28 -2.90
CA ARG A 143 -36.11 -33.30 -1.90
C ARG A 143 -37.45 -33.63 -2.53
N GLY A 144 -37.43 -34.09 -3.78
CA GLY A 144 -38.62 -34.55 -4.45
C GLY A 144 -39.49 -33.46 -5.06
N VAL A 145 -38.98 -32.24 -5.20
CA VAL A 145 -39.83 -31.26 -5.84
C VAL A 145 -39.81 -31.32 -7.36
N ASN A 146 -40.99 -31.59 -7.91
CA ASN A 146 -41.19 -31.84 -9.31
C ASN A 146 -41.78 -30.67 -10.06
N ASN A 147 -42.08 -29.60 -9.33
CA ASN A 147 -42.61 -28.38 -9.91
C ASN A 147 -41.73 -27.86 -11.06
N ARG A 148 -42.33 -27.03 -11.91
CA ARG A 148 -41.55 -26.23 -12.82
C ARG A 148 -40.66 -25.34 -12.02
N ILE A 149 -39.36 -25.35 -12.29
CA ILE A 149 -38.42 -24.40 -11.68
C ILE A 149 -37.65 -23.75 -12.78
N GLY A 150 -37.70 -22.40 -12.79
CA GLY A 150 -36.94 -21.59 -13.71
C GLY A 150 -35.87 -20.83 -12.96
N PHE A 151 -34.81 -20.51 -13.67
CA PHE A 151 -33.71 -19.79 -13.10
C PHE A 151 -33.49 -18.58 -13.98
N PHE A 152 -33.18 -17.43 -13.38
CA PHE A 152 -32.73 -16.30 -14.14
C PHE A 152 -31.40 -15.74 -13.60
N LEU A 153 -30.41 -15.56 -14.48
CA LEU A 153 -29.11 -15.08 -14.11
C LEU A 153 -29.07 -13.58 -14.36
N HIS A 154 -28.86 -12.77 -13.32
CA HIS A 154 -28.94 -11.35 -13.50
C HIS A 154 -27.63 -10.77 -14.02
N ILE A 155 -26.59 -11.57 -14.02
CA ILE A 155 -25.25 -11.09 -14.31
C ILE A 155 -24.72 -11.84 -15.54
N PRO A 156 -23.55 -11.50 -16.08
CA PRO A 156 -23.13 -12.19 -17.32
C PRO A 156 -22.83 -13.64 -17.03
N PHE A 157 -22.93 -14.52 -18.04
CA PHE A 157 -22.38 -15.86 -17.95
C PHE A 157 -21.12 -15.81 -18.75
N PRO A 158 -19.96 -16.09 -18.18
CA PRO A 158 -18.70 -15.87 -18.91
C PRO A 158 -18.36 -17.02 -19.90
N THR A 159 -17.59 -16.77 -20.98
CA THR A 159 -17.15 -17.84 -21.88
C THR A 159 -16.34 -18.92 -21.18
N PRO A 160 -16.33 -20.11 -21.79
CA PRO A 160 -15.60 -21.26 -21.26
C PRO A 160 -14.18 -20.93 -20.76
N GLU A 161 -13.40 -20.21 -21.56
CA GLU A 161 -12.00 -19.91 -21.19
C GLU A 161 -11.90 -19.26 -19.78
N ILE A 162 -12.96 -18.58 -19.36
CA ILE A 162 -13.05 -18.05 -18.02
C ILE A 162 -13.81 -18.98 -17.06
N PHE A 163 -14.97 -19.45 -17.49
CA PHE A 163 -15.83 -20.24 -16.60
C PHE A 163 -15.11 -21.50 -16.14
N ASN A 164 -14.38 -22.17 -17.05
CA ASN A 164 -13.73 -23.43 -16.73
C ASN A 164 -12.58 -23.29 -15.76
N ALA A 165 -12.19 -22.08 -15.44
CA ALA A 165 -11.15 -21.91 -14.43
C ALA A 165 -11.72 -22.09 -13.02
N LEU A 166 -13.04 -21.96 -12.89
CA LEU A 166 -13.68 -22.28 -11.62
C LEU A 166 -13.42 -23.76 -11.26
N PRO A 167 -12.78 -24.01 -10.11
CA PRO A 167 -12.40 -25.40 -9.73
C PRO A 167 -13.58 -26.37 -9.75
N THR A 168 -14.74 -25.79 -9.70
CA THR A 168 -15.95 -26.49 -9.37
C THR A 168 -17.01 -26.30 -10.48
N TYR A 169 -16.58 -25.73 -11.61
CA TYR A 169 -17.40 -25.42 -12.79
C TYR A 169 -18.28 -26.60 -13.23
N ASP A 170 -17.60 -27.71 -13.24
CA ASP A 170 -18.03 -29.05 -13.23
C ASP A 170 -19.45 -29.30 -12.63
N THR A 171 -19.52 -29.22 -11.29
CA THR A 171 -20.70 -29.41 -10.54
C THR A 171 -21.72 -28.33 -10.82
N LEU A 172 -21.28 -27.10 -11.01
CA LEU A 172 -22.17 -25.98 -11.28
C LEU A 172 -23.00 -26.22 -12.53
N LEU A 173 -22.37 -26.73 -13.59
CA LEU A 173 -23.02 -26.97 -14.84
C LEU A 173 -24.01 -28.12 -14.74
N GLU A 174 -23.62 -29.23 -14.11
CA GLU A 174 -24.51 -30.37 -13.86
C GLU A 174 -25.80 -29.84 -13.19
N GLN A 175 -25.63 -29.01 -12.17
CA GLN A 175 -26.72 -28.58 -11.31
C GLN A 175 -27.62 -27.58 -11.94
N LEU A 176 -27.09 -26.73 -12.79
CA LEU A 176 -27.91 -25.83 -13.56
C LEU A 176 -28.91 -26.57 -14.48
N CYS A 177 -28.55 -27.78 -14.94
CA CYS A 177 -29.42 -28.51 -15.82
C CYS A 177 -30.55 -29.16 -15.09
N ASP A 178 -30.68 -28.91 -13.79
CA ASP A 178 -31.82 -29.42 -13.02
C ASP A 178 -32.96 -28.40 -13.09
N TYR A 179 -32.67 -27.20 -13.58
CA TYR A 179 -33.73 -26.21 -13.85
C TYR A 179 -34.45 -26.62 -15.12
N ASP A 180 -35.75 -26.31 -15.21
CA ASP A 180 -36.51 -26.55 -16.41
C ASP A 180 -36.29 -25.47 -17.43
N LEU A 181 -36.01 -24.26 -16.95
CA LEU A 181 -35.87 -23.09 -17.78
C LEU A 181 -34.75 -22.27 -17.21
N LEU A 182 -33.80 -21.92 -18.06
CA LEU A 182 -32.69 -21.03 -17.69
C LEU A 182 -32.82 -19.75 -18.53
N GLY A 183 -32.95 -18.62 -17.83
CA GLY A 183 -33.07 -17.32 -18.46
C GLY A 183 -31.82 -16.49 -18.29
N PHE A 184 -31.47 -15.74 -19.33
CA PHE A 184 -30.22 -14.94 -19.37
C PHE A 184 -30.52 -13.53 -19.78
N GLN A 185 -29.64 -12.60 -19.46
CA GLN A 185 -29.86 -11.24 -19.90
C GLN A 185 -29.60 -10.89 -21.34
N THR A 186 -28.65 -11.58 -21.99
CA THR A 186 -28.36 -11.34 -23.38
C THR A 186 -28.14 -12.66 -24.10
N GLU A 187 -28.35 -12.66 -25.41
CA GLU A 187 -27.99 -13.84 -26.21
C GLU A 187 -26.55 -14.35 -25.94
N ASN A 188 -25.57 -13.46 -25.85
CA ASN A 188 -24.21 -13.93 -25.48
C ASN A 188 -24.06 -14.69 -24.18
N ASP A 189 -24.77 -14.28 -23.14
CA ASP A 189 -24.82 -15.06 -21.91
C ASP A 189 -25.36 -16.50 -22.10
N ARG A 190 -26.46 -16.62 -22.84
CA ARG A 190 -27.05 -17.88 -23.11
C ARG A 190 -26.08 -18.79 -23.88
N LEU A 191 -25.54 -18.26 -24.95
CA LEU A 191 -24.62 -18.99 -25.81
C LEU A 191 -23.36 -19.41 -24.99
N ALA A 192 -22.90 -18.52 -24.10
CA ALA A 192 -21.75 -18.84 -23.30
C ALA A 192 -22.00 -20.04 -22.37
N PHE A 193 -23.12 -20.03 -21.66
CA PHE A 193 -23.55 -21.19 -20.88
C PHE A 193 -23.57 -22.48 -21.75
N LEU A 194 -24.16 -22.39 -22.95
CA LEU A 194 -24.35 -23.55 -23.79
C LEU A 194 -23.00 -24.08 -24.27
N ASP A 195 -22.08 -23.14 -24.46
CA ASP A 195 -20.70 -23.49 -24.78
C ASP A 195 -19.97 -24.23 -23.68
N CYS A 196 -20.02 -23.68 -22.47
CA CYS A 196 -19.48 -24.31 -21.30
C CYS A 196 -20.08 -25.69 -21.14
N LEU A 197 -21.39 -25.81 -21.28
CA LEU A 197 -22.04 -27.11 -21.17
C LEU A 197 -21.48 -28.10 -22.21
N SER A 198 -21.42 -27.68 -23.47
CA SER A 198 -20.92 -28.55 -24.58
C SER A 198 -19.47 -29.00 -24.37
N ASN A 199 -18.68 -28.24 -23.63
CA ASN A 199 -17.28 -28.63 -23.45
C ASN A 199 -17.16 -29.79 -22.51
N LEU A 200 -18.13 -29.92 -21.62
CA LEU A 200 -18.14 -30.91 -20.59
C LEU A 200 -18.83 -32.18 -21.06
N THR A 201 -19.98 -32.04 -21.69
CA THR A 201 -20.83 -33.19 -22.04
C THR A 201 -21.54 -32.94 -23.37
N ARG A 202 -22.09 -33.97 -23.98
CA ARG A 202 -22.88 -33.80 -25.19
C ARG A 202 -24.23 -33.15 -24.87
N VAL A 203 -24.51 -32.03 -25.54
CA VAL A 203 -25.83 -31.44 -25.48
C VAL A 203 -26.61 -31.52 -26.79
N THR A 204 -27.76 -32.18 -26.73
CA THR A 204 -28.65 -32.29 -27.90
C THR A 204 -29.57 -31.11 -27.93
N THR A 205 -29.70 -30.48 -29.08
CA THR A 205 -30.58 -29.35 -29.24
C THR A 205 -31.40 -29.60 -30.47
N ARG A 206 -32.59 -30.15 -30.30
CA ARG A 206 -33.42 -30.53 -31.46
C ARG A 206 -34.40 -29.42 -31.87
N SER A 207 -34.51 -28.38 -31.06
CA SER A 207 -35.40 -27.25 -31.35
C SER A 207 -34.79 -25.94 -30.90
N ALA A 208 -35.29 -24.84 -31.45
CA ALA A 208 -34.80 -23.56 -30.99
C ALA A 208 -34.87 -23.73 -29.47
N LYS A 209 -33.68 -23.58 -28.84
CA LYS A 209 -33.53 -23.31 -27.41
C LYS A 209 -34.08 -24.35 -26.45
N SER A 210 -34.03 -25.61 -26.87
CA SER A 210 -34.54 -26.72 -26.09
C SER A 210 -33.51 -27.86 -26.10
N HIS A 211 -33.06 -28.29 -24.93
CA HIS A 211 -31.82 -29.05 -24.81
C HIS A 211 -31.93 -30.29 -23.96
N THR A 212 -30.97 -31.19 -24.14
CA THR A 212 -30.77 -32.38 -23.31
C THR A 212 -29.29 -32.48 -22.94
N ALA A 213 -28.99 -32.69 -21.66
CA ALA A 213 -27.64 -33.00 -21.24
C ALA A 213 -27.76 -33.97 -20.10
N TRP A 214 -26.94 -35.03 -20.15
CA TRP A 214 -26.97 -36.11 -19.17
C TRP A 214 -28.37 -36.63 -18.98
N GLY A 215 -29.14 -36.70 -20.06
CA GLY A 215 -30.53 -37.13 -19.99
C GLY A 215 -31.50 -36.15 -19.30
N LYS A 216 -31.02 -34.97 -18.91
CA LYS A 216 -31.90 -33.98 -18.30
C LYS A 216 -32.39 -33.02 -19.38
N ALA A 217 -33.71 -32.80 -19.45
CA ALA A 217 -34.31 -31.82 -20.39
C ALA A 217 -34.40 -30.45 -19.77
N PHE A 218 -34.15 -29.41 -20.54
CA PHE A 218 -34.24 -28.02 -20.05
C PHE A 218 -34.26 -27.05 -21.25
N ARG A 219 -34.72 -25.83 -20.99
CA ARG A 219 -34.88 -24.81 -22.03
C ARG A 219 -34.03 -23.58 -21.67
N THR A 220 -33.51 -22.89 -22.67
CA THR A 220 -32.81 -21.65 -22.44
C THR A 220 -33.47 -20.55 -23.22
N GLU A 221 -33.33 -19.29 -22.74
CA GLU A 221 -34.00 -18.13 -23.35
C GLU A 221 -33.44 -16.82 -22.81
N VAL A 222 -33.69 -15.74 -23.53
CA VAL A 222 -33.12 -14.43 -23.19
C VAL A 222 -34.25 -13.52 -22.77
N TYR A 223 -34.12 -12.89 -21.59
CA TYR A 223 -35.14 -11.93 -21.11
C TYR A 223 -34.43 -10.73 -20.53
N PRO A 224 -34.10 -9.73 -21.32
CA PRO A 224 -33.42 -8.56 -20.72
C PRO A 224 -34.35 -7.86 -19.69
N ILE A 225 -33.93 -7.77 -18.43
CA ILE A 225 -34.70 -7.19 -17.33
C ILE A 225 -34.89 -5.68 -17.52
N GLY A 226 -36.08 -5.18 -17.13
CA GLY A 226 -36.46 -3.81 -17.39
C GLY A 226 -36.93 -3.13 -16.14
N ILE A 227 -37.67 -2.06 -16.35
CA ILE A 227 -37.96 -1.03 -15.40
C ILE A 227 -39.48 -0.70 -15.58
N GLU A 228 -40.08 0.05 -14.64
CA GLU A 228 -41.48 0.51 -14.77
C GLU A 228 -41.51 1.96 -15.24
N PRO A 229 -41.61 2.21 -16.55
CA PRO A 229 -41.31 3.55 -17.10
C PRO A 229 -42.33 4.56 -16.62
N LYS A 230 -43.56 4.11 -16.45
CA LYS A 230 -44.64 4.97 -16.02
C LYS A 230 -44.41 5.40 -14.58
N GLU A 231 -44.04 4.47 -13.69
CA GLU A 231 -43.81 4.83 -12.30
C GLU A 231 -42.60 5.77 -12.12
N ILE A 232 -41.50 5.54 -12.86
CA ILE A 232 -40.39 6.47 -12.71
C ILE A 232 -40.70 7.85 -13.25
N ALA A 233 -41.48 7.91 -14.33
CA ALA A 233 -41.99 9.19 -14.83
C ALA A 233 -42.60 9.92 -13.65
N LYS A 234 -43.54 9.28 -12.97
CA LYS A 234 -44.28 9.87 -11.83
C LYS A 234 -43.30 10.31 -10.77
N GLN A 235 -42.37 9.43 -10.38
CA GLN A 235 -41.53 9.82 -9.25
C GLN A 235 -40.55 10.93 -9.65
N ALA A 236 -40.06 10.89 -10.90
CA ALA A 236 -39.10 11.88 -11.42
C ALA A 236 -39.72 13.31 -11.50
N ALA A 237 -41.04 13.40 -11.59
CA ALA A 237 -41.71 14.69 -11.76
C ALA A 237 -42.21 15.27 -10.42
N GLY A 238 -42.06 14.52 -9.34
CA GLY A 238 -42.45 14.98 -8.02
C GLY A 238 -41.52 16.08 -7.54
N PRO A 239 -41.95 16.87 -6.57
CA PRO A 239 -41.16 18.05 -6.15
C PRO A 239 -39.79 17.63 -5.59
N LEU A 240 -38.77 18.49 -5.76
CA LEU A 240 -37.47 18.18 -5.17
C LEU A 240 -37.46 18.53 -3.68
N PRO A 241 -36.71 17.78 -2.87
CA PRO A 241 -36.45 18.20 -1.48
C PRO A 241 -35.89 19.63 -1.47
N PRO A 242 -36.21 20.43 -0.44
CA PRO A 242 -35.95 21.87 -0.46
C PRO A 242 -34.50 22.23 -0.81
N LYS A 243 -33.57 21.51 -0.18
CA LYS A 243 -32.16 21.72 -0.31
C LYS A 243 -31.69 21.47 -1.78
N LEU A 244 -32.32 20.52 -2.46
CA LEU A 244 -31.99 20.27 -3.86
C LEU A 244 -32.72 21.25 -4.81
N ALA A 245 -33.89 21.74 -4.38
CA ALA A 245 -34.63 22.82 -5.10
C ALA A 245 -33.78 24.08 -5.20
N GLN A 246 -33.02 24.35 -4.14
CA GLN A 246 -31.97 25.38 -4.08
C GLN A 246 -30.89 25.09 -5.10
N LEU A 247 -30.22 23.94 -4.94
CA LEU A 247 -29.03 23.63 -5.75
C LEU A 247 -29.34 23.68 -7.24
N LYS A 248 -30.51 23.20 -7.65
CA LYS A 248 -30.97 23.33 -9.05
C LYS A 248 -30.98 24.80 -9.51
N ALA A 249 -31.53 25.68 -8.70
CA ALA A 249 -31.51 27.12 -9.01
C ALA A 249 -30.08 27.68 -9.14
N GLU A 250 -29.17 27.22 -8.28
CA GLU A 250 -27.81 27.76 -8.18
C GLU A 250 -26.96 27.29 -9.33
N LEU A 251 -27.31 26.10 -9.87
CA LEU A 251 -26.50 25.41 -10.87
C LEU A 251 -27.11 25.61 -12.27
N LYS A 252 -27.87 26.68 -12.38
CA LYS A 252 -28.56 27.08 -13.61
C LYS A 252 -27.66 27.22 -14.83
N ASN A 253 -26.37 27.56 -14.63
CA ASN A 253 -25.46 27.67 -15.77
C ASN A 253 -24.34 26.70 -15.69
N VAL A 254 -24.55 25.67 -14.86
CA VAL A 254 -23.62 24.56 -14.78
C VAL A 254 -24.31 23.32 -15.33
N GLN A 255 -23.65 22.60 -16.24
CA GLN A 255 -24.21 21.32 -16.68
C GLN A 255 -23.79 20.20 -15.78
N ASN A 256 -24.71 19.26 -15.55
CA ASN A 256 -24.47 18.14 -14.65
C ASN A 256 -24.30 16.82 -15.38
N ILE A 257 -23.14 16.17 -15.16
CA ILE A 257 -22.92 14.79 -15.50
C ILE A 257 -23.16 13.98 -14.24
N PHE A 258 -23.96 12.93 -14.32
CA PHE A 258 -24.35 12.25 -13.13
C PHE A 258 -24.23 10.74 -13.31
N SER A 259 -23.70 10.09 -12.30
CA SER A 259 -23.56 8.63 -12.28
C SER A 259 -23.99 8.09 -10.95
N VAL A 260 -24.59 6.90 -10.96
CA VAL A 260 -24.93 6.28 -9.67
C VAL A 260 -24.78 4.76 -9.79
N GLU A 261 -24.13 4.13 -8.82
CA GLU A 261 -24.04 2.67 -8.76
C GLU A 261 -23.44 2.24 -7.46
N ARG A 262 -23.66 1.00 -7.08
CA ARG A 262 -22.86 0.37 -6.02
C ARG A 262 -21.37 0.54 -6.31
N LEU A 263 -20.59 0.73 -5.29
CA LEU A 263 -19.18 0.84 -5.43
C LEU A 263 -18.58 -0.53 -5.65
N ASP A 264 -18.57 -0.95 -6.92
CA ASP A 264 -18.21 -2.32 -7.33
C ASP A 264 -17.13 -2.19 -8.40
N TYR A 265 -16.14 -3.05 -8.40
CA TYR A 265 -15.10 -3.01 -9.48
C TYR A 265 -15.63 -3.38 -10.85
N SER A 266 -16.84 -3.94 -10.91
CA SER A 266 -17.43 -4.25 -12.22
C SER A 266 -17.78 -2.93 -12.96
N LYS A 267 -18.04 -1.89 -12.18
CA LYS A 267 -18.57 -0.61 -12.68
C LYS A 267 -17.53 0.35 -13.25
N GLY A 268 -16.24 0.04 -13.13
CA GLY A 268 -15.22 0.86 -13.78
C GLY A 268 -15.18 2.32 -13.32
N LEU A 269 -15.46 2.56 -12.05
CA LEU A 269 -15.39 3.91 -11.53
C LEU A 269 -14.01 4.63 -11.63
N PRO A 270 -12.91 3.99 -11.32
CA PRO A 270 -11.59 4.63 -11.55
C PRO A 270 -11.40 5.00 -13.03
N GLU A 271 -11.74 4.12 -13.96
CA GLU A 271 -11.58 4.44 -15.38
C GLU A 271 -12.45 5.62 -15.73
N ARG A 272 -13.60 5.70 -15.07
CA ARG A 272 -14.53 6.79 -15.33
C ARG A 272 -13.92 8.10 -14.87
N PHE A 273 -13.33 8.08 -13.68
CA PHE A 273 -12.69 9.27 -13.12
C PHE A 273 -11.58 9.73 -14.07
N LEU A 274 -10.91 8.78 -14.68
CA LEU A 274 -9.83 9.07 -15.59
C LEU A 274 -10.35 9.68 -16.90
N ALA A 275 -11.52 9.23 -17.34
CA ALA A 275 -12.20 9.79 -18.54
C ALA A 275 -12.65 11.23 -18.25
N TYR A 276 -13.14 11.49 -17.02
CA TYR A 276 -13.49 12.84 -16.65
C TYR A 276 -12.26 13.72 -16.59
N GLU A 277 -11.17 13.25 -15.99
CA GLU A 277 -9.91 13.98 -16.04
C GLU A 277 -9.50 14.28 -17.48
N ALA A 278 -9.59 13.30 -18.39
CA ALA A 278 -9.24 13.55 -19.81
C ALA A 278 -10.17 14.61 -20.39
N LEU A 279 -11.44 14.63 -19.96
CA LEU A 279 -12.35 15.69 -20.44
C LEU A 279 -11.86 17.08 -20.00
N LEU A 280 -11.40 17.18 -18.78
CA LEU A 280 -10.99 18.44 -18.20
C LEU A 280 -9.65 18.87 -18.80
N GLU A 281 -8.78 17.91 -19.13
CA GLU A 281 -7.51 18.18 -19.72
C GLU A 281 -7.70 18.64 -21.14
N LYS A 282 -8.52 17.93 -21.91
CA LYS A 282 -8.51 18.18 -23.35
C LYS A 282 -9.62 19.15 -23.76
N TYR A 283 -10.56 19.44 -22.86
CA TYR A 283 -11.63 20.37 -23.22
C TYR A 283 -11.79 21.50 -22.16
N PRO A 284 -10.77 22.37 -22.06
CA PRO A 284 -10.71 23.40 -21.00
C PRO A 284 -11.89 24.37 -20.97
N GLN A 285 -12.66 24.37 -22.03
CA GLN A 285 -13.79 25.31 -22.20
C GLN A 285 -14.89 24.97 -21.22
N HIS A 286 -14.89 23.73 -20.71
CA HIS A 286 -15.89 23.28 -19.78
C HIS A 286 -15.56 23.64 -18.32
N HIS A 287 -14.36 24.17 -18.05
CA HIS A 287 -13.96 24.42 -16.67
C HIS A 287 -14.89 25.42 -15.99
N GLY A 288 -15.43 25.07 -14.84
CA GLY A 288 -16.30 25.94 -14.09
C GLY A 288 -17.73 25.91 -14.58
N LYS A 289 -18.00 25.19 -15.65
CA LYS A 289 -19.29 25.19 -16.29
C LYS A 289 -19.92 23.81 -16.32
N ILE A 290 -19.25 22.83 -15.79
CA ILE A 290 -19.79 21.49 -15.72
C ILE A 290 -19.43 20.93 -14.37
N ARG A 291 -20.00 19.76 -14.08
CA ARG A 291 -19.85 19.11 -12.78
C ARG A 291 -20.15 17.66 -12.96
N TYR A 292 -19.28 16.80 -12.47
CA TYR A 292 -19.55 15.40 -12.54
C TYR A 292 -19.83 14.96 -11.07
N THR A 293 -20.98 14.35 -10.85
CA THR A 293 -21.34 13.84 -9.55
C THR A 293 -21.43 12.34 -9.64
N GLN A 294 -20.70 11.66 -8.77
CA GLN A 294 -20.71 10.21 -8.71
C GLN A 294 -21.25 9.76 -7.38
N ILE A 295 -22.38 9.06 -7.39
CA ILE A 295 -22.90 8.49 -6.16
C ILE A 295 -22.58 7.01 -6.14
N ALA A 296 -21.95 6.56 -5.05
CA ALA A 296 -21.40 5.20 -5.00
C ALA A 296 -21.46 4.69 -3.56
N PRO A 297 -22.62 4.20 -3.13
CA PRO A 297 -22.71 3.59 -1.81
C PRO A 297 -21.81 2.34 -1.73
N THR A 298 -21.21 2.13 -0.57
CA THR A 298 -20.42 0.93 -0.31
C THR A 298 -21.27 -0.35 -0.51
N SER A 299 -20.71 -1.34 -1.16
CA SER A 299 -21.38 -2.59 -1.39
C SER A 299 -20.41 -3.69 -0.96
N ARG A 300 -20.84 -4.68 -0.18
CA ARG A 300 -20.02 -5.88 0.07
C ARG A 300 -18.69 -5.49 0.67
N GLY A 301 -18.73 -4.60 1.66
CA GLY A 301 -17.56 -3.89 2.16
C GLY A 301 -16.63 -4.75 2.95
N ASP A 302 -17.03 -5.99 3.23
CA ASP A 302 -16.17 -6.95 3.91
C ASP A 302 -15.26 -7.70 2.95
N VAL A 303 -15.46 -7.58 1.64
CA VAL A 303 -14.62 -8.32 0.73
C VAL A 303 -13.42 -7.46 0.36
N GLN A 304 -12.22 -8.04 0.48
CA GLN A 304 -11.01 -7.27 0.28
C GLN A 304 -11.02 -6.50 -1.02
N ALA A 305 -11.39 -7.16 -2.11
CA ALA A 305 -11.39 -6.51 -3.39
C ALA A 305 -12.26 -5.24 -3.41
N TYR A 306 -13.34 -5.22 -2.63
CA TYR A 306 -14.23 -4.05 -2.54
C TYR A 306 -13.65 -2.89 -1.77
N GLN A 307 -13.02 -3.18 -0.63
CA GLN A 307 -12.17 -2.23 0.07
C GLN A 307 -11.12 -1.63 -0.84
N ASP A 308 -10.40 -2.44 -1.61
CA ASP A 308 -9.33 -1.89 -2.48
C ASP A 308 -9.90 -0.87 -3.50
N ILE A 309 -11.01 -1.19 -4.14
CA ILE A 309 -11.49 -0.31 -5.19
C ILE A 309 -12.01 0.98 -4.57
N ARG A 310 -12.58 0.86 -3.37
CA ARG A 310 -13.00 2.05 -2.65
C ARG A 310 -11.84 2.97 -2.29
N HIS A 311 -10.75 2.42 -1.78
CA HIS A 311 -9.61 3.25 -1.44
C HIS A 311 -9.04 3.90 -2.70
N GLN A 312 -9.02 3.15 -3.79
CA GLN A 312 -8.52 3.69 -5.03
C GLN A 312 -9.43 4.88 -5.50
N LEU A 313 -10.73 4.69 -5.39
CA LEU A 313 -11.64 5.74 -5.79
C LEU A 313 -11.48 6.99 -4.91
N GLU A 314 -11.28 6.84 -3.61
CA GLU A 314 -11.07 8.01 -2.74
C GLU A 314 -9.81 8.76 -3.16
N ASN A 315 -8.80 8.01 -3.63
CA ASN A 315 -7.55 8.66 -4.00
C ASN A 315 -7.74 9.50 -5.24
N GLU A 316 -8.43 8.96 -6.23
CA GLU A 316 -8.65 9.65 -7.47
C GLU A 316 -9.55 10.88 -7.27
N ALA A 317 -10.56 10.80 -6.42
CA ALA A 317 -11.36 12.01 -6.16
C ALA A 317 -10.49 13.15 -5.58
N GLY A 318 -9.70 12.84 -4.54
CA GLY A 318 -8.80 13.79 -3.95
C GLY A 318 -7.84 14.29 -4.99
N ARG A 319 -7.31 13.38 -5.81
CA ARG A 319 -6.30 13.82 -6.79
C ARG A 319 -6.88 14.76 -7.84
N ILE A 320 -8.03 14.41 -8.39
CA ILE A 320 -8.56 15.14 -9.52
C ILE A 320 -9.02 16.54 -9.08
N ASN A 321 -9.73 16.61 -7.97
CA ASN A 321 -10.11 17.86 -7.42
C ASN A 321 -8.93 18.67 -6.99
N GLY A 322 -7.88 17.98 -6.52
CA GLY A 322 -6.66 18.66 -6.10
C GLY A 322 -5.97 19.39 -7.25
N LYS A 323 -6.14 18.84 -8.44
CA LYS A 323 -5.45 19.29 -9.62
C LYS A 323 -6.29 20.24 -10.44
N TYR A 324 -7.58 20.01 -10.58
CA TYR A 324 -8.39 20.86 -11.45
C TYR A 324 -9.35 21.73 -10.68
N GLY A 325 -9.47 21.57 -9.37
CA GLY A 325 -10.37 22.41 -8.60
C GLY A 325 -9.91 23.85 -8.55
N GLN A 326 -10.84 24.74 -8.25
CA GLN A 326 -10.54 26.16 -8.04
C GLN A 326 -11.15 26.53 -6.73
N LEU A 327 -10.84 27.70 -6.22
CA LEU A 327 -11.47 28.15 -4.98
C LEU A 327 -13.00 28.06 -4.98
N GLY A 328 -13.62 28.31 -6.13
CA GLY A 328 -15.07 28.30 -6.25
C GLY A 328 -15.60 27.30 -7.25
N TRP A 329 -14.93 26.16 -7.39
CA TRP A 329 -15.39 25.15 -8.33
C TRP A 329 -14.76 23.79 -8.03
N THR A 330 -15.59 22.86 -7.58
CA THR A 330 -15.20 21.48 -7.43
C THR A 330 -15.63 20.68 -8.64
N PRO A 331 -14.72 20.23 -9.46
CA PRO A 331 -15.08 19.52 -10.68
C PRO A 331 -15.86 18.22 -10.46
N LEU A 332 -15.56 17.53 -9.36
CA LEU A 332 -16.01 16.19 -9.14
C LEU A 332 -16.61 16.01 -7.75
N TYR A 333 -17.89 15.61 -7.68
CA TYR A 333 -18.57 15.40 -6.39
C TYR A 333 -18.68 13.89 -6.21
N TYR A 334 -17.87 13.29 -5.35
CA TYR A 334 -17.93 11.90 -5.09
C TYR A 334 -18.64 11.66 -3.79
N LEU A 335 -19.73 10.90 -3.82
CA LEU A 335 -20.48 10.65 -2.59
C LEU A 335 -20.58 9.16 -2.35
N ASN A 336 -20.01 8.73 -1.22
CA ASN A 336 -19.98 7.32 -0.84
C ASN A 336 -21.15 7.07 0.03
N GLN A 337 -22.31 7.27 -0.56
CA GLN A 337 -23.55 7.26 0.25
C GLN A 337 -24.67 6.62 -0.56
N HIS A 338 -25.63 6.06 0.15
CA HIS A 338 -26.79 5.51 -0.49
C HIS A 338 -27.86 6.60 -0.62
N PHE A 339 -28.47 6.68 -1.78
CA PHE A 339 -29.58 7.61 -1.99
C PHE A 339 -30.88 6.82 -2.29
N ASP A 340 -31.98 7.28 -1.74
CA ASP A 340 -33.30 6.74 -2.02
C ASP A 340 -33.54 6.77 -3.53
N ARG A 341 -34.09 5.68 -4.05
CA ARG A 341 -34.37 5.53 -5.47
C ARG A 341 -35.38 6.54 -6.00
N LYS A 342 -36.39 6.84 -5.19
CA LYS A 342 -37.33 7.93 -5.49
C LYS A 342 -36.58 9.23 -5.83
N LEU A 343 -35.60 9.56 -4.99
CA LEU A 343 -34.89 10.79 -5.13
C LEU A 343 -33.99 10.76 -6.37
N LEU A 344 -33.42 9.58 -6.64
CA LEU A 344 -32.53 9.45 -7.77
C LEU A 344 -33.25 9.74 -9.08
N LYS A 346 -35.54 11.89 -9.63
CA LYS A 346 -35.59 13.32 -9.79
C LYS A 346 -34.26 13.87 -10.20
N ILE A 347 -33.20 13.38 -9.57
CA ILE A 347 -31.87 13.83 -9.91
C ILE A 347 -31.57 13.52 -11.36
N PHE A 348 -32.02 12.33 -11.82
CA PHE A 348 -31.76 11.95 -13.21
C PHE A 348 -32.41 13.01 -14.09
N ARG A 349 -33.65 13.33 -13.79
CA ARG A 349 -34.43 14.25 -14.60
C ARG A 349 -33.71 15.59 -14.79
N TYR A 350 -33.03 16.04 -13.75
CA TYR A 350 -32.35 17.33 -13.80
C TYR A 350 -30.88 17.25 -14.20
N SER A 351 -30.36 16.05 -14.51
CA SER A 351 -29.02 15.88 -15.07
C SER A 351 -28.95 16.03 -16.58
N ASP A 352 -27.93 16.70 -17.11
CA ASP A 352 -27.84 16.86 -18.54
C ASP A 352 -27.28 15.61 -19.18
N VAL A 353 -26.46 14.87 -18.44
CA VAL A 353 -25.79 13.71 -18.99
C VAL A 353 -25.82 12.62 -17.95
N GLY A 354 -26.26 11.43 -18.30
CA GLY A 354 -26.08 10.26 -17.45
C GLY A 354 -24.87 9.45 -17.93
N LEU A 355 -23.95 9.17 -17.01
CA LEU A 355 -22.68 8.52 -17.37
C LEU A 355 -22.71 7.10 -16.83
N VAL A 356 -22.85 6.12 -17.72
CA VAL A 356 -23.00 4.74 -17.28
C VAL A 356 -22.04 3.88 -18.05
N THR A 357 -20.83 3.77 -17.51
CA THR A 357 -19.81 3.05 -18.22
C THR A 357 -19.17 1.91 -17.43
N PRO A 358 -19.95 0.92 -17.01
CA PRO A 358 -19.37 -0.25 -16.34
C PRO A 358 -18.40 -0.99 -17.28
N LEU A 359 -17.41 -1.63 -16.70
CA LEU A 359 -16.47 -2.47 -17.47
C LEU A 359 -17.23 -3.73 -17.89
N ARG A 360 -18.18 -4.17 -17.07
CA ARG A 360 -18.93 -5.37 -17.38
C ARG A 360 -20.17 -5.38 -16.53
N ASP A 361 -21.32 -5.59 -17.13
CA ASP A 361 -22.59 -5.48 -16.41
C ASP A 361 -23.61 -6.34 -17.09
N GLY A 362 -24.30 -7.15 -16.31
CA GLY A 362 -25.36 -8.00 -16.87
C GLY A 362 -26.41 -7.21 -17.62
N ASN A 364 -27.79 -3.37 -16.36
CA ASN A 364 -27.62 -2.05 -15.84
C ASN A 364 -28.94 -1.29 -15.88
N LEU A 365 -29.68 -1.31 -14.77
CA LEU A 365 -30.97 -0.64 -14.73
C LEU A 365 -30.81 0.86 -14.59
N VAL A 366 -29.72 1.32 -14.00
CA VAL A 366 -29.51 2.75 -13.88
C VAL A 366 -29.63 3.42 -15.25
N ALA A 367 -29.07 2.78 -16.28
CA ALA A 367 -29.16 3.30 -17.64
C ALA A 367 -30.60 3.46 -18.09
N LYS A 368 -31.44 2.45 -17.84
CA LYS A 368 -32.84 2.54 -18.26
C LYS A 368 -33.59 3.53 -17.44
N GLU A 369 -33.28 3.59 -16.15
CA GLU A 369 -33.94 4.55 -15.24
C GLU A 369 -33.65 5.97 -15.68
N TYR A 370 -32.40 6.20 -16.12
CA TYR A 370 -31.99 7.52 -16.55
C TYR A 370 -32.87 7.94 -17.71
N VAL A 371 -33.08 7.03 -18.69
CA VAL A 371 -33.90 7.43 -19.80
C VAL A 371 -35.35 7.66 -19.46
N ALA A 372 -35.89 6.79 -18.60
CA ALA A 372 -37.32 6.83 -18.27
C ALA A 372 -37.64 8.07 -17.46
N ALA A 373 -36.63 8.64 -16.83
CA ALA A 373 -36.82 9.76 -15.93
C ALA A 373 -36.74 11.09 -16.64
N GLN A 374 -36.17 11.10 -17.85
CA GLN A 374 -36.01 12.35 -18.56
C GLN A 374 -37.37 12.98 -18.94
N ASP A 375 -37.38 14.30 -18.92
CA ASP A 375 -38.48 15.12 -19.46
C ASP A 375 -38.41 14.98 -20.97
N PRO A 376 -39.38 14.28 -21.59
CA PRO A 376 -39.34 14.03 -23.05
C PRO A 376 -39.16 15.31 -23.88
N ALA A 377 -39.64 16.45 -23.39
CA ALA A 377 -39.52 17.72 -24.10
C ALA A 377 -38.12 18.36 -24.01
N ASN A 378 -37.32 17.93 -23.04
CA ASN A 378 -35.96 18.43 -22.85
C ASN A 378 -35.03 17.41 -22.14
N PRO A 379 -34.76 16.28 -22.81
CA PRO A 379 -34.04 15.18 -22.19
C PRO A 379 -32.52 15.27 -22.24
N GLY A 380 -31.88 14.68 -21.23
CA GLY A 380 -30.44 14.59 -21.19
C GLY A 380 -29.93 13.49 -22.13
N VAL A 381 -28.63 13.26 -22.09
CA VAL A 381 -27.99 12.31 -22.98
C VAL A 381 -27.42 11.21 -22.15
N LEU A 382 -27.60 9.99 -22.63
CA LEU A 382 -27.02 8.78 -22.04
C LEU A 382 -25.69 8.45 -22.70
N VAL A 383 -24.61 8.41 -21.93
CA VAL A 383 -23.33 7.85 -22.39
C VAL A 383 -23.18 6.49 -21.70
N LEU A 384 -23.03 5.42 -22.50
CA LEU A 384 -23.21 4.03 -22.07
C LEU A 384 -22.04 3.15 -22.57
N SER A 385 -21.47 2.38 -21.67
CA SER A 385 -20.49 1.41 -22.02
C SER A 385 -21.08 0.34 -22.95
N GLN A 386 -20.34 0.00 -23.99
CA GLN A 386 -20.73 -1.15 -24.83
C GLN A 386 -20.74 -2.52 -24.08
N PHE A 387 -20.17 -2.59 -22.88
CA PHE A 387 -20.14 -3.83 -22.14
C PHE A 387 -21.31 -3.97 -21.18
N ALA A 388 -22.25 -3.02 -21.16
CA ALA A 388 -23.42 -3.18 -20.33
C ALA A 388 -24.43 -3.91 -21.18
N GLY A 389 -25.03 -4.97 -20.63
CA GLY A 389 -26.13 -5.61 -21.30
C GLY A 389 -27.12 -4.60 -21.91
N ALA A 390 -27.41 -3.48 -21.24
CA ALA A 390 -28.35 -2.49 -21.81
C ALA A 390 -27.96 -1.96 -23.21
N ALA A 391 -26.69 -2.03 -23.56
CA ALA A 391 -26.24 -1.54 -24.87
C ALA A 391 -26.83 -2.33 -26.02
N ASN A 392 -27.29 -3.57 -25.77
CA ASN A 392 -27.99 -4.31 -26.82
C ASN A 392 -29.30 -3.65 -27.20
N GLU A 393 -29.93 -2.96 -26.24
CA GLU A 393 -31.17 -2.30 -26.59
C GLU A 393 -31.15 -0.75 -26.66
N LEU A 394 -30.27 -0.09 -25.90
CA LEU A 394 -30.17 1.36 -25.85
C LEU A 394 -29.20 1.85 -26.89
N THR A 395 -29.45 1.35 -28.06
CA THR A 395 -28.62 1.52 -29.20
C THR A 395 -28.47 2.97 -29.63
N SER A 396 -29.32 3.85 -29.13
CA SER A 396 -29.28 5.27 -29.51
C SER A 396 -28.59 6.10 -28.45
N ALA A 397 -28.08 5.47 -27.42
CA ALA A 397 -27.18 6.14 -26.46
C ALA A 397 -25.86 6.41 -27.17
N LEU A 398 -25.02 7.24 -26.56
CA LEU A 398 -23.65 7.43 -27.05
C LEU A 398 -22.85 6.23 -26.51
N ILE A 399 -22.64 5.24 -27.37
CA ILE A 399 -22.01 3.99 -26.94
C ILE A 399 -20.50 4.13 -26.98
N VAL A 400 -19.85 3.77 -25.87
CA VAL A 400 -18.41 3.95 -25.75
C VAL A 400 -17.72 2.75 -25.13
N ASN A 401 -16.41 2.69 -25.34
CA ASN A 401 -15.52 1.71 -24.74
C ASN A 401 -14.79 2.34 -23.55
N PRO A 402 -15.10 1.93 -22.33
CA PRO A 402 -14.49 2.58 -21.16
C PRO A 402 -12.98 2.35 -21.04
N TYR A 403 -12.40 1.44 -21.80
CA TYR A 403 -10.97 1.25 -21.75
C TYR A 403 -10.24 2.32 -22.57
N ASP A 404 -11.04 3.17 -23.24
CA ASP A 404 -10.45 4.25 -24.01
C ASP A 404 -10.93 5.56 -23.36
N ARG A 405 -10.20 6.11 -22.42
CA ARG A 405 -10.68 7.27 -21.74
C ARG A 405 -10.98 8.44 -22.64
N ASP A 406 -10.23 8.60 -23.74
CA ASP A 406 -10.41 9.70 -24.65
C ASP A 406 -11.68 9.54 -25.47
N GLU A 407 -12.00 8.32 -25.86
CA GLU A 407 -13.31 8.07 -26.47
C GLU A 407 -14.45 8.43 -25.47
N VAL A 408 -14.27 8.12 -24.18
CA VAL A 408 -15.33 8.49 -23.23
C VAL A 408 -15.36 10.02 -23.03
N ALA A 409 -14.20 10.66 -22.90
CA ALA A 409 -14.19 12.13 -22.80
C ALA A 409 -14.89 12.80 -23.98
N ALA A 410 -14.61 12.32 -25.20
CA ALA A 410 -15.20 12.90 -26.41
C ALA A 410 -16.71 12.71 -26.37
N ALA A 411 -17.20 11.58 -25.90
CA ALA A 411 -18.63 11.36 -25.84
C ALA A 411 -19.26 12.26 -24.80
N LEU A 412 -18.56 12.50 -23.68
CA LEU A 412 -19.06 13.48 -22.71
C LEU A 412 -19.19 14.88 -23.33
N ASP A 413 -18.21 15.29 -24.13
CA ASP A 413 -18.22 16.56 -24.78
C ASP A 413 -19.33 16.65 -25.81
N ARG A 414 -19.52 15.58 -26.57
CA ARG A 414 -20.59 15.55 -27.55
C ARG A 414 -21.96 15.61 -26.81
N ALA A 415 -22.10 14.88 -25.71
CA ALA A 415 -23.30 14.91 -24.89
C ALA A 415 -23.60 16.29 -24.33
N LEU A 416 -22.58 17.01 -23.89
CA LEU A 416 -22.75 18.35 -23.30
C LEU A 416 -23.19 19.42 -24.30
N THR A 417 -22.90 19.23 -25.59
CA THR A 417 -23.17 20.27 -26.60
C THR A 417 -24.21 19.81 -27.60
N SER A 419 -27.53 19.29 -29.57
CA SER A 419 -28.76 20.06 -29.82
C SER A 419 -30.01 19.36 -29.29
N LEU A 420 -31.03 20.16 -29.02
CA LEU A 420 -32.31 19.69 -28.50
C LEU A 420 -32.96 18.64 -29.39
N ALA A 421 -32.91 18.85 -30.71
CA ALA A 421 -33.49 17.94 -31.68
C ALA A 421 -32.84 16.56 -31.69
N GLU A 422 -31.50 16.49 -31.61
CA GLU A 422 -30.82 15.21 -31.47
C GLU A 422 -31.11 14.60 -30.13
N ARG A 423 -31.22 15.41 -29.08
CA ARG A 423 -31.49 14.79 -27.76
C ARG A 423 -32.91 14.25 -27.76
N ILE A 424 -33.86 14.94 -28.45
CA ILE A 424 -35.25 14.48 -28.48
C ILE A 424 -35.29 13.10 -29.16
N SER A 425 -34.65 12.99 -30.31
CA SER A 425 -34.79 11.78 -31.11
C SER A 425 -34.04 10.57 -30.55
N ARG A 426 -32.91 10.82 -29.89
CA ARG A 426 -32.18 9.77 -29.22
C ARG A 426 -33.00 9.32 -28.03
N HIS A 427 -33.61 10.26 -27.32
CA HIS A 427 -34.32 9.88 -26.13
C HIS A 427 -35.58 9.10 -26.44
N ALA A 428 -36.29 9.52 -27.48
CA ALA A 428 -37.59 8.93 -27.78
C ALA A 428 -37.38 7.54 -28.33
N GLU A 429 -36.28 7.33 -29.05
CA GLU A 429 -35.97 5.97 -29.48
C GLU A 429 -35.68 5.02 -28.30
N LEU A 431 -36.60 5.42 -25.14
CA LEU A 431 -37.77 5.33 -24.29
C LEU A 431 -38.70 4.33 -24.88
N ASP A 432 -38.82 4.32 -26.18
CA ASP A 432 -39.76 3.38 -26.75
C ASP A 432 -39.29 1.93 -26.51
N VAL A 433 -38.00 1.67 -26.71
CA VAL A 433 -37.45 0.34 -26.43
C VAL A 433 -37.66 -0.15 -24.99
N ILE A 434 -37.53 0.74 -24.02
CA ILE A 434 -37.75 0.34 -22.63
C ILE A 434 -39.22 0.29 -22.20
N VAL A 435 -40.10 1.01 -22.90
CA VAL A 435 -41.52 0.91 -22.68
C VAL A 435 -42.01 -0.43 -23.24
N LYS A 436 -41.51 -0.82 -24.41
CA LYS A 436 -41.97 -2.07 -25.00
C LYS A 436 -41.45 -3.22 -24.18
N ASN A 437 -40.26 -3.07 -23.61
CA ASN A 437 -39.69 -4.10 -22.77
C ASN A 437 -39.58 -3.72 -21.28
N ASP A 438 -40.70 -3.24 -20.79
CA ASP A 438 -41.24 -3.26 -19.45
C ASP A 438 -40.71 -4.36 -18.55
N ILE A 439 -40.55 -4.09 -17.25
CA ILE A 439 -40.48 -5.17 -16.25
C ILE A 439 -41.74 -6.08 -16.33
N ASN A 440 -42.88 -5.51 -16.64
CA ASN A 440 -44.09 -6.34 -16.82
C ASN A 440 -43.98 -7.34 -17.98
N HIS A 441 -43.43 -6.90 -19.10
CA HIS A 441 -43.06 -7.82 -20.20
C HIS A 441 -42.07 -8.95 -19.82
N TRP A 442 -41.00 -8.60 -19.09
CA TRP A 442 -39.99 -9.55 -18.59
C TRP A 442 -40.67 -10.71 -17.84
N GLN A 443 -41.37 -10.33 -16.80
CA GLN A 443 -42.14 -11.19 -15.93
C GLN A 443 -43.14 -12.08 -16.70
N GLU A 444 -43.90 -11.45 -17.57
CA GLU A 444 -44.85 -12.16 -18.42
C GLU A 444 -44.24 -13.23 -19.31
N CYS A 445 -43.16 -12.87 -20.01
CA CYS A 445 -42.45 -13.78 -20.94
C CYS A 445 -41.85 -14.95 -20.21
N PHE A 446 -41.21 -14.67 -19.08
CA PHE A 446 -40.61 -15.73 -18.31
C PHE A 446 -41.64 -16.72 -17.75
N ILE A 447 -42.67 -16.20 -17.08
CA ILE A 447 -43.67 -17.03 -16.47
C ILE A 447 -44.40 -17.83 -17.56
N SER A 448 -44.75 -17.16 -18.65
CA SER A 448 -45.43 -17.84 -19.76
C SER A 448 -44.58 -18.96 -20.34
N ASP A 449 -43.27 -18.71 -20.54
CA ASP A 449 -42.36 -19.74 -21.04
C ASP A 449 -42.25 -20.91 -20.06
N LEU A 450 -42.14 -20.59 -18.78
CA LEU A 450 -42.11 -21.61 -17.72
C LEU A 450 -43.41 -22.46 -17.65
N LYS A 451 -44.55 -21.79 -17.72
CA LYS A 451 -45.84 -22.46 -17.60
C LYS A 451 -46.04 -23.38 -18.77
N GLN A 452 -45.32 -23.11 -19.85
CA GLN A 452 -45.45 -23.87 -21.11
C GLN A 452 -44.71 -25.22 -21.10
N ILE A 453 -43.75 -25.40 -20.16
CA ILE A 453 -43.05 -26.69 -20.15
C ILE A 453 -43.77 -27.73 -19.28
N VAL A 454 -43.75 -28.99 -19.73
CA VAL A 454 -44.31 -30.05 -18.92
C VAL A 454 -43.28 -30.50 -17.89
N PRO A 455 -43.69 -30.59 -16.62
CA PRO A 455 -42.79 -31.03 -15.54
C PRO A 455 -42.48 -32.56 -15.61
N ARG A 456 -41.38 -32.96 -14.97
CA ARG A 456 -40.87 -34.34 -15.03
C ARG A 456 -41.85 -35.33 -14.38
N SER B 1 13.34 -19.41 -51.23
CA SER B 1 14.59 -20.02 -50.69
C SER B 1 14.86 -19.43 -49.28
N ARG B 2 15.60 -18.31 -49.21
CA ARG B 2 16.10 -17.80 -47.95
C ARG B 2 14.99 -17.45 -46.95
N LEU B 3 15.19 -17.89 -45.71
CA LEU B 3 14.26 -17.63 -44.63
C LEU B 3 14.66 -16.35 -43.91
N VAL B 4 13.73 -15.42 -43.80
CA VAL B 4 13.93 -14.20 -43.00
C VAL B 4 13.00 -14.19 -41.79
N VAL B 5 13.60 -14.23 -40.59
CA VAL B 5 12.85 -14.23 -39.36
C VAL B 5 12.96 -12.88 -38.71
N VAL B 6 11.82 -12.37 -38.21
CA VAL B 6 11.81 -11.15 -37.45
C VAL B 6 11.05 -11.27 -36.17
N SER B 7 11.70 -10.80 -35.11
CA SER B 7 11.09 -10.79 -33.79
C SER B 7 11.67 -9.58 -33.09
N ASN B 8 11.02 -9.14 -32.02
CA ASN B 8 11.56 -8.08 -31.23
C ASN B 8 12.77 -8.58 -30.52
N ARG B 9 12.62 -9.65 -29.74
CA ARG B 9 13.70 -10.22 -28.96
C ARG B 9 14.55 -11.15 -29.84
N ILE B 10 15.88 -11.08 -29.70
CA ILE B 10 16.72 -12.04 -30.39
C ILE B 10 17.62 -12.77 -29.38
N ALA B 11 18.14 -13.92 -29.79
CA ALA B 11 19.15 -14.60 -29.02
C ALA B 11 20.41 -14.09 -29.64
N PRO B 12 21.26 -13.46 -28.83
CA PRO B 12 22.55 -12.98 -29.32
C PRO B 12 23.43 -14.16 -29.69
N PRO B 13 24.33 -13.95 -30.64
CA PRO B 13 25.40 -14.91 -30.97
C PRO B 13 26.40 -15.22 -29.83
N ASP B 14 26.69 -14.22 -28.97
CA ASP B 14 27.36 -14.47 -27.67
C ASP B 14 26.22 -15.06 -26.82
N GLU B 15 26.26 -16.38 -26.58
CA GLU B 15 25.04 -17.12 -26.15
C GLU B 15 24.60 -16.99 -24.66
N HIS B 16 25.61 -16.81 -23.79
CA HIS B 16 25.41 -16.54 -22.35
C HIS B 16 25.10 -15.03 -21.97
N ALA B 17 24.90 -14.19 -23.00
CA ALA B 17 24.32 -12.84 -22.85
C ALA B 17 22.83 -12.99 -22.97
N ALA B 18 22.36 -14.25 -22.95
CA ALA B 18 20.93 -14.53 -23.15
C ALA B 18 20.02 -14.04 -22.01
N SER B 19 18.82 -13.65 -22.37
CA SER B 19 17.83 -13.16 -21.44
C SER B 19 16.79 -14.29 -21.36
N ALA B 20 16.15 -14.49 -20.20
CA ALA B 20 15.07 -15.48 -20.07
C ALA B 20 13.98 -15.16 -21.07
N GLY B 21 13.35 -16.21 -21.61
CA GLY B 21 12.27 -16.06 -22.58
C GLY B 21 12.27 -17.16 -23.62
N GLY B 22 11.09 -17.72 -23.90
CA GLY B 22 10.96 -18.91 -24.71
C GLY B 22 11.07 -18.68 -26.21
N LEU B 23 10.61 -17.51 -26.65
CA LEU B 23 10.64 -17.15 -28.06
C LEU B 23 12.05 -17.27 -28.69
N ALA B 24 13.01 -16.59 -28.06
CA ALA B 24 14.37 -16.54 -28.56
C ALA B 24 14.97 -17.95 -28.57
N VAL B 25 14.64 -18.73 -27.53
CA VAL B 25 15.11 -20.12 -27.45
C VAL B 25 14.55 -20.95 -28.61
N GLY B 26 13.25 -20.83 -28.83
CA GLY B 26 12.57 -21.44 -29.94
C GLY B 26 13.14 -21.05 -31.29
N ILE B 27 13.13 -19.77 -31.63
CA ILE B 27 13.57 -19.31 -32.94
C ILE B 27 15.04 -19.71 -33.25
N LEU B 28 15.92 -19.56 -32.27
CA LEU B 28 17.30 -20.02 -32.43
C LEU B 28 17.32 -21.50 -32.77
N GLY B 29 16.61 -22.30 -31.97
CA GLY B 29 16.38 -23.69 -32.28
C GLY B 29 15.97 -23.88 -33.74
N ALA B 30 14.94 -23.14 -34.17
CA ALA B 30 14.43 -23.26 -35.55
C ALA B 30 15.48 -22.90 -36.59
N LEU B 31 16.10 -21.73 -36.42
CA LEU B 31 17.10 -21.22 -37.35
C LEU B 31 18.28 -22.14 -37.45
N LYS B 32 18.69 -22.71 -36.32
CA LYS B 32 19.81 -23.66 -36.31
C LYS B 32 19.49 -24.85 -37.21
N ALA B 33 18.20 -25.22 -37.24
CA ALA B 33 17.77 -26.34 -38.08
C ALA B 33 17.65 -25.91 -39.57
N ALA B 34 17.10 -24.71 -39.79
CA ALA B 34 16.84 -24.16 -41.14
C ALA B 34 18.07 -23.53 -41.85
N GLY B 35 18.58 -22.45 -41.23
CA GLY B 35 19.52 -21.53 -41.86
C GLY B 35 18.69 -20.29 -42.07
N GLY B 36 19.31 -19.12 -42.15
CA GLY B 36 18.54 -17.90 -42.38
C GLY B 36 19.06 -16.59 -41.79
N LEU B 37 18.21 -15.55 -41.89
CA LEU B 37 18.49 -14.19 -41.47
C LEU B 37 17.55 -13.85 -40.31
N TRP B 38 18.11 -13.38 -39.22
CA TRP B 38 17.33 -13.01 -38.05
C TRP B 38 17.46 -11.49 -37.88
N PHE B 39 16.34 -10.81 -38.06
CA PHE B 39 16.26 -9.37 -37.93
C PHE B 39 15.46 -9.05 -36.69
N GLY B 40 16.03 -8.22 -35.82
CA GLY B 40 15.35 -7.86 -34.59
C GLY B 40 16.08 -6.83 -33.76
N TRP B 41 15.50 -6.51 -32.61
CA TRP B 41 16.06 -5.48 -31.73
C TRP B 41 17.30 -6.00 -31.04
N SER B 42 18.32 -5.16 -30.96
CA SER B 42 19.55 -5.53 -30.28
C SER B 42 19.36 -5.67 -28.77
N GLY B 43 18.27 -5.11 -28.24
CA GLY B 43 18.12 -4.99 -26.80
C GLY B 43 18.63 -3.70 -26.19
N GLU B 44 19.26 -2.83 -26.99
CA GLU B 44 19.83 -1.56 -26.51
C GLU B 44 19.04 -0.37 -27.03
N THR B 45 19.15 0.75 -26.33
CA THR B 45 18.46 1.98 -26.74
C THR B 45 19.48 3.05 -26.98
N GLY B 46 19.10 4.06 -27.76
CA GLY B 46 20.02 5.12 -28.15
C GLY B 46 20.69 4.71 -29.45
N ASN B 47 21.43 5.63 -30.08
CA ASN B 47 22.06 5.41 -31.39
C ASN B 47 21.20 4.73 -32.45
N GLU B 48 19.92 5.08 -32.52
CA GLU B 48 18.97 4.42 -33.43
C GLU B 48 19.22 4.62 -34.93
N ASP B 49 19.99 5.64 -35.26
CA ASP B 49 20.27 6.01 -36.65
C ASP B 49 21.58 5.40 -37.12
N GLN B 50 22.16 4.51 -36.31
CA GLN B 50 23.40 3.85 -36.71
C GLN B 50 22.96 2.73 -37.65
N PRO B 51 23.86 2.28 -38.52
CA PRO B 51 23.56 1.15 -39.41
C PRO B 51 23.18 -0.11 -38.64
N LEU B 52 22.36 -0.97 -39.22
CA LEU B 52 22.12 -2.30 -38.68
C LEU B 52 23.46 -3.00 -38.30
N LYS B 53 23.49 -3.67 -37.15
CA LYS B 53 24.66 -4.47 -36.77
C LYS B 53 24.44 -5.90 -37.28
N LYS B 54 25.48 -6.39 -37.95
CA LYS B 54 25.41 -7.70 -38.62
C LYS B 54 26.52 -8.63 -38.16
N VAL B 55 26.13 -9.84 -37.76
CA VAL B 55 27.07 -10.90 -37.34
C VAL B 55 26.59 -12.18 -38.00
N LYS B 56 27.55 -12.93 -38.54
CA LYS B 56 27.29 -14.23 -39.15
C LYS B 56 27.94 -15.35 -38.34
N LYS B 57 27.16 -16.36 -37.96
CA LYS B 57 27.68 -17.52 -37.23
C LYS B 57 27.11 -18.80 -37.83
N GLY B 58 27.90 -19.47 -38.66
CA GLY B 58 27.46 -20.65 -39.39
C GLY B 58 26.37 -20.34 -40.42
N ASN B 59 25.21 -20.96 -40.26
CA ASN B 59 24.13 -20.83 -41.22
C ASN B 59 23.10 -19.73 -40.82
N ILE B 60 23.39 -19.02 -39.74
CA ILE B 60 22.56 -17.92 -39.24
C ILE B 60 23.24 -16.55 -39.43
N THR B 61 22.49 -15.58 -39.91
CA THR B 61 22.94 -14.18 -39.94
C THR B 61 22.07 -13.30 -39.05
N TRP B 62 22.68 -12.51 -38.17
CA TRP B 62 21.92 -11.57 -37.33
C TRP B 62 22.03 -10.15 -37.87
N ALA B 63 20.90 -9.44 -37.91
CA ALA B 63 20.87 -8.01 -38.23
C ALA B 63 20.01 -7.30 -37.19
N SER B 64 20.65 -6.45 -36.39
CA SER B 64 19.95 -5.82 -35.26
C SER B 64 19.94 -4.33 -35.39
N PHE B 65 18.92 -3.73 -34.80
CA PHE B 65 18.77 -2.28 -34.71
C PHE B 65 18.64 -1.87 -33.24
N ASN B 66 19.09 -0.64 -32.95
CA ASN B 66 18.71 0.03 -31.70
C ASN B 66 17.37 0.77 -31.78
N LEU B 67 16.74 1.04 -30.65
CA LEU B 67 15.49 1.80 -30.60
C LEU B 67 15.75 3.09 -29.80
N SER B 68 15.08 4.21 -30.11
CA SER B 68 15.16 5.37 -29.20
C SER B 68 14.44 5.06 -27.91
N GLU B 69 14.78 5.84 -26.89
CA GLU B 69 14.13 5.80 -25.59
C GLU B 69 12.60 5.89 -25.71
N GLN B 70 12.11 6.84 -26.52
CA GLN B 70 10.69 7.04 -26.72
C GLN B 70 10.02 5.88 -27.42
N ASP B 71 10.65 5.34 -28.45
CA ASP B 71 10.08 4.18 -29.13
C ASP B 71 10.04 2.96 -28.27
N LEU B 72 11.13 2.67 -27.56
CA LEU B 72 11.13 1.58 -26.59
C LEU B 72 9.95 1.78 -25.64
N ASP B 73 9.82 2.98 -25.09
CA ASP B 73 8.77 3.25 -24.15
C ASP B 73 7.35 3.04 -24.68
N GLU B 74 7.06 3.56 -25.87
CA GLU B 74 5.68 3.54 -26.36
C GLU B 74 5.33 2.17 -26.94
N TYR B 75 6.21 1.64 -27.76
CA TYR B 75 6.00 0.39 -28.47
C TYR B 75 6.23 -0.83 -27.59
N TYR B 76 7.27 -0.81 -26.79
CA TYR B 76 7.65 -2.00 -26.02
C TYR B 76 7.05 -1.96 -24.61
N ASN B 77 7.44 -0.99 -23.82
CA ASN B 77 6.93 -0.93 -22.46
C ASN B 77 5.44 -0.67 -22.34
N GLN B 78 4.88 0.17 -23.21
CA GLN B 78 3.48 0.53 -23.07
C GLN B 78 2.61 -0.37 -23.89
N PHE B 79 2.69 -0.27 -25.21
CA PHE B 79 1.74 -1.02 -25.97
C PHE B 79 1.95 -2.54 -25.88
N SER B 80 3.15 -3.02 -26.13
CA SER B 80 3.37 -4.44 -26.13
C SER B 80 3.23 -5.02 -24.73
N ASN B 81 3.88 -4.40 -23.75
CA ASN B 81 3.94 -4.97 -22.41
C ASN B 81 2.78 -4.58 -21.45
N ALA B 82 2.09 -3.46 -21.71
CA ALA B 82 1.07 -2.99 -20.81
C ALA B 82 -0.28 -2.90 -21.47
N VAL B 83 -0.36 -3.31 -22.72
CA VAL B 83 -1.68 -3.52 -23.38
C VAL B 83 -1.82 -4.92 -23.92
N LEU B 84 -0.93 -5.32 -24.80
CA LEU B 84 -1.16 -6.60 -25.51
C LEU B 84 -0.85 -7.76 -24.60
N TRP B 85 0.31 -7.73 -23.95
CA TRP B 85 0.63 -8.85 -23.04
C TRP B 85 -0.51 -9.08 -21.99
N PRO B 86 -0.88 -8.07 -21.20
CA PRO B 86 -1.97 -8.30 -20.21
C PRO B 86 -3.30 -8.70 -20.87
N ALA B 87 -3.69 -8.03 -21.97
CA ALA B 87 -4.95 -8.41 -22.59
C ALA B 87 -4.90 -9.88 -23.09
N PHE B 88 -3.82 -10.26 -23.79
CA PHE B 88 -3.78 -11.64 -24.32
C PHE B 88 -3.67 -12.67 -23.20
N HIS B 89 -3.33 -12.23 -21.99
CA HIS B 89 -3.28 -13.13 -20.86
C HIS B 89 -4.51 -12.96 -19.95
N TYR B 90 -5.57 -12.38 -20.51
CA TYR B 90 -6.85 -12.21 -19.77
C TYR B 90 -6.68 -11.38 -18.52
N ARG B 91 -6.00 -10.26 -18.69
CA ARG B 91 -5.81 -9.33 -17.56
C ARG B 91 -6.16 -7.94 -18.02
N LEU B 92 -7.40 -7.80 -18.48
CA LEU B 92 -7.93 -6.49 -18.83
C LEU B 92 -7.75 -5.51 -17.72
N ASP B 93 -7.82 -5.93 -16.46
CA ASP B 93 -7.64 -4.97 -15.35
C ASP B 93 -6.27 -4.30 -15.35
N LEU B 94 -5.33 -4.87 -16.12
CA LEU B 94 -3.98 -4.40 -16.11
C LEU B 94 -3.69 -3.57 -17.37
N VAL B 95 -4.61 -3.62 -18.35
CA VAL B 95 -4.37 -2.88 -19.54
C VAL B 95 -4.32 -1.38 -19.37
N GLN B 96 -3.38 -0.78 -20.06
CA GLN B 96 -3.06 0.62 -19.79
C GLN B 96 -3.06 1.28 -21.14
N PHE B 97 -4.21 1.28 -21.80
CA PHE B 97 -4.33 1.84 -23.15
C PHE B 97 -4.30 3.36 -23.18
N GLN B 98 -3.38 3.94 -23.95
CA GLN B 98 -3.38 5.37 -24.25
C GLN B 98 -2.97 5.56 -25.70
N ARG B 99 -3.52 6.59 -26.34
CA ARG B 99 -3.38 6.75 -27.75
C ARG B 99 -1.91 6.89 -28.12
N PRO B 100 -1.11 7.67 -27.40
CA PRO B 100 0.30 7.82 -27.79
C PRO B 100 1.05 6.48 -27.83
N ALA B 101 0.71 5.55 -26.92
CA ALA B 101 1.33 4.24 -27.00
C ALA B 101 0.92 3.51 -28.26
N TRP B 102 -0.36 3.65 -28.64
CA TRP B 102 -0.83 3.00 -29.85
C TRP B 102 -0.10 3.57 -31.05
N ASP B 103 0.02 4.90 -31.11
CA ASP B 103 0.71 5.58 -32.22
C ASP B 103 2.19 5.16 -32.31
N GLY B 104 2.82 5.00 -31.16
CA GLY B 104 4.22 4.63 -31.08
C GLY B 104 4.39 3.17 -31.56
N TYR B 105 3.46 2.33 -31.19
CA TYR B 105 3.43 0.93 -31.65
C TYR B 105 3.37 0.89 -33.15
N LEU B 106 2.49 1.71 -33.76
CA LEU B 106 2.39 1.74 -35.21
C LEU B 106 3.67 2.30 -35.77
N ARG B 107 4.15 3.37 -35.13
CA ARG B 107 5.30 4.05 -35.64
C ARG B 107 6.50 3.10 -35.67
N VAL B 108 6.71 2.30 -34.61
CA VAL B 108 7.88 1.45 -34.70
C VAL B 108 7.80 0.27 -35.69
N ASN B 109 6.60 -0.30 -35.80
CA ASN B 109 6.35 -1.32 -36.83
C ASN B 109 6.65 -0.75 -38.20
N ALA B 110 6.27 0.49 -38.45
CA ALA B 110 6.49 1.09 -39.73
C ALA B 110 8.01 1.27 -39.94
N LEU B 111 8.69 1.77 -38.90
CA LEU B 111 10.11 2.08 -38.95
C LEU B 111 10.92 0.80 -39.23
N LEU B 112 10.55 -0.26 -38.53
CA LEU B 112 11.20 -1.55 -38.63
C LEU B 112 11.02 -2.11 -40.03
N ALA B 113 9.84 -1.90 -40.61
CA ALA B 113 9.62 -2.32 -41.99
C ALA B 113 10.47 -1.52 -42.95
N ASP B 114 10.74 -0.25 -42.67
CA ASP B 114 11.64 0.53 -43.53
C ASP B 114 13.06 -0.01 -43.48
N LYS B 115 13.45 -0.43 -42.29
CA LYS B 115 14.83 -0.88 -42.04
C LYS B 115 15.03 -2.28 -42.63
N LEU B 116 13.97 -3.08 -42.63
CA LEU B 116 14.05 -4.42 -43.16
C LEU B 116 14.06 -4.38 -44.68
N LEU B 117 13.27 -3.50 -45.26
CA LEU B 117 13.08 -3.49 -46.71
C LEU B 117 14.34 -3.71 -47.56
N PRO B 118 15.42 -2.94 -47.36
CA PRO B 118 16.61 -3.12 -48.23
C PRO B 118 17.26 -4.49 -48.10
N LEU B 119 16.96 -5.26 -47.06
CA LEU B 119 17.64 -6.54 -46.87
C LEU B 119 16.93 -7.65 -47.62
N LEU B 120 15.70 -7.38 -48.06
CA LEU B 120 14.85 -8.42 -48.62
C LEU B 120 15.12 -8.71 -50.09
N GLN B 121 14.98 -9.98 -50.45
CA GLN B 121 14.96 -10.40 -51.82
C GLN B 121 13.58 -10.94 -52.17
N ASP B 122 13.24 -10.88 -53.46
CA ASP B 122 12.02 -11.44 -54.04
C ASP B 122 11.70 -12.83 -53.55
N ASP B 123 12.76 -13.64 -53.52
CA ASP B 123 12.83 -15.01 -53.05
C ASP B 123 12.27 -15.29 -51.74
N ASP B 124 12.55 -14.37 -50.82
CA ASP B 124 12.55 -14.65 -49.42
C ASP B 124 11.25 -15.31 -49.04
N ILE B 125 11.35 -16.10 -47.98
CA ILE B 125 10.20 -16.52 -47.14
C ILE B 125 10.31 -15.78 -45.77
N ILE B 126 9.30 -14.99 -45.41
CA ILE B 126 9.34 -14.10 -44.24
C ILE B 126 8.45 -14.62 -43.13
N TRP B 127 9.04 -14.73 -41.94
CA TRP B 127 8.38 -15.33 -40.79
C TRP B 127 8.47 -14.33 -39.65
N ILE B 128 7.32 -13.76 -39.27
CA ILE B 128 7.28 -12.71 -38.27
C ILE B 128 6.80 -13.31 -36.97
N HIS B 129 7.40 -12.92 -35.86
CA HIS B 129 7.05 -13.50 -34.55
C HIS B 129 6.54 -12.55 -33.48
N ASP B 130 5.37 -12.91 -32.96
CA ASP B 130 4.86 -12.44 -31.70
C ASP B 130 4.19 -11.08 -31.72
N TYR B 131 3.62 -10.74 -30.55
CA TYR B 131 2.62 -9.68 -30.39
C TYR B 131 3.19 -8.30 -30.60
N HIS B 132 4.50 -8.14 -30.55
CA HIS B 132 5.09 -6.86 -30.87
C HIS B 132 4.85 -6.45 -32.32
N LEU B 133 4.57 -7.42 -33.19
CA LEU B 133 4.61 -7.18 -34.63
C LEU B 133 3.33 -7.53 -35.36
N LEU B 134 2.19 -7.49 -34.65
CA LEU B 134 0.88 -7.68 -35.33
C LEU B 134 0.70 -6.85 -36.63
N PRO B 135 1.04 -5.54 -36.67
CA PRO B 135 0.90 -4.74 -37.91
C PRO B 135 1.98 -4.95 -38.98
N PHE B 136 2.92 -5.85 -38.76
CA PHE B 136 4.11 -5.80 -39.59
C PHE B 136 3.87 -6.21 -41.05
N ALA B 137 3.12 -7.28 -41.29
CA ALA B 137 2.74 -7.65 -42.66
C ALA B 137 2.06 -6.52 -43.38
N HIS B 138 1.19 -5.81 -42.68
CA HIS B 138 0.47 -4.69 -43.28
C HIS B 138 1.46 -3.62 -43.73
N GLU B 139 2.43 -3.34 -42.89
CA GLU B 139 3.49 -2.38 -43.22
C GLU B 139 4.31 -2.85 -44.43
N LEU B 140 4.68 -4.12 -44.44
CA LEU B 140 5.40 -4.69 -45.59
C LEU B 140 4.56 -4.65 -46.87
N ARG B 141 3.23 -4.91 -46.76
CA ARG B 141 2.36 -4.87 -47.94
C ARG B 141 2.31 -3.48 -48.52
N LYS B 142 2.20 -2.45 -47.67
CA LYS B 142 2.12 -1.13 -48.27
C LYS B 142 3.44 -0.67 -48.89
N ARG B 143 4.53 -1.36 -48.56
CA ARG B 143 5.80 -1.07 -49.18
C ARG B 143 6.02 -1.96 -50.38
N GLY B 144 4.98 -2.69 -50.78
CA GLY B 144 5.02 -3.47 -52.00
C GLY B 144 5.60 -4.87 -51.83
N VAL B 145 5.81 -5.34 -50.61
CA VAL B 145 6.34 -6.69 -50.50
C VAL B 145 5.28 -7.78 -50.65
N ASN B 146 5.49 -8.60 -51.67
CA ASN B 146 4.52 -9.59 -52.10
C ASN B 146 4.90 -10.98 -51.67
N ASN B 147 6.01 -11.08 -50.96
CA ASN B 147 6.53 -12.34 -50.48
C ASN B 147 5.51 -13.10 -49.65
N ARG B 148 5.67 -14.42 -49.54
CA ARG B 148 4.96 -15.13 -48.51
C ARG B 148 5.37 -14.57 -47.16
N ILE B 149 4.41 -14.17 -46.34
CA ILE B 149 4.71 -13.76 -44.98
C ILE B 149 3.82 -14.59 -44.06
N GLY B 150 4.46 -15.30 -43.14
CA GLY B 150 3.77 -16.01 -42.07
C GLY B 150 3.98 -15.28 -40.74
N PHE B 151 3.02 -15.44 -39.84
CA PHE B 151 3.09 -14.93 -38.50
C PHE B 151 2.91 -16.08 -37.54
N PHE B 152 3.64 -16.06 -36.44
CA PHE B 152 3.40 -17.01 -35.40
C PHE B 152 3.26 -16.28 -34.06
N LEU B 153 2.18 -16.59 -33.32
CA LEU B 153 1.87 -15.93 -32.05
C LEU B 153 2.34 -16.85 -30.97
N HIS B 154 3.27 -16.38 -30.15
CA HIS B 154 3.86 -17.22 -29.12
C HIS B 154 3.01 -17.29 -27.85
N ILE B 155 2.03 -16.39 -27.75
CA ILE B 155 1.25 -16.26 -26.55
C ILE B 155 -0.21 -16.61 -26.86
N PRO B 156 -1.11 -16.70 -25.89
CA PRO B 156 -2.51 -17.03 -26.21
C PRO B 156 -3.17 -15.95 -27.05
N PHE B 157 -4.22 -16.30 -27.79
CA PHE B 157 -5.04 -15.30 -28.45
C PHE B 157 -6.32 -15.36 -27.67
N PRO B 158 -6.76 -14.27 -27.08
CA PRO B 158 -7.90 -14.34 -26.13
C PRO B 158 -9.26 -14.32 -26.82
N THR B 159 -10.31 -14.89 -26.20
CA THR B 159 -11.66 -14.87 -26.79
C THR B 159 -12.16 -13.45 -26.99
N PRO B 160 -13.11 -13.30 -27.92
CA PRO B 160 -13.71 -12.01 -28.25
C PRO B 160 -14.08 -11.15 -27.02
N GLU B 161 -14.74 -11.74 -26.03
CA GLU B 161 -15.17 -11.01 -24.86
C GLU B 161 -14.04 -10.23 -24.19
N ILE B 162 -12.80 -10.71 -24.34
CA ILE B 162 -11.63 -10.02 -23.88
C ILE B 162 -10.96 -9.20 -24.99
N PHE B 163 -10.75 -9.81 -26.15
CA PHE B 163 -10.04 -9.15 -27.22
C PHE B 163 -10.75 -7.87 -27.63
N ASN B 164 -12.08 -7.88 -27.69
CA ASN B 164 -12.82 -6.72 -28.19
C ASN B 164 -12.76 -5.53 -27.26
N ALA B 165 -12.19 -5.72 -26.08
CA ALA B 165 -12.06 -4.58 -25.18
C ALA B 165 -10.91 -3.71 -25.60
N LEU B 166 -9.96 -4.26 -26.33
CA LEU B 166 -8.89 -3.47 -26.89
C LEU B 166 -9.48 -2.34 -27.77
N PRO B 167 -9.22 -1.09 -27.44
CA PRO B 167 -9.82 0.03 -28.20
C PRO B 167 -9.55 -0.04 -29.70
N THR B 168 -8.59 -0.85 -30.05
CA THR B 168 -7.96 -0.78 -31.33
C THR B 168 -7.98 -2.18 -31.99
N TYR B 169 -8.82 -3.08 -31.43
CA TYR B 169 -8.90 -4.50 -31.79
C TYR B 169 -9.22 -4.64 -33.28
N ASP B 170 -10.12 -3.80 -33.65
CA ASP B 170 -10.44 -3.33 -34.95
C ASP B 170 -9.32 -3.41 -36.00
N THR B 171 -8.37 -2.49 -35.87
CA THR B 171 -7.24 -2.38 -36.75
C THR B 171 -6.36 -3.61 -36.66
N LEU B 172 -6.23 -4.16 -35.47
CA LEU B 172 -5.34 -5.28 -35.27
C LEU B 172 -5.77 -6.47 -36.11
N LEU B 173 -7.09 -6.70 -36.13
CA LEU B 173 -7.67 -7.80 -36.87
C LEU B 173 -7.50 -7.61 -38.38
N GLU B 174 -7.82 -6.42 -38.88
CA GLU B 174 -7.64 -6.07 -40.27
C GLU B 174 -6.22 -6.44 -40.70
N GLN B 175 -5.26 -6.02 -39.88
CA GLN B 175 -3.86 -6.08 -40.25
C GLN B 175 -3.29 -7.48 -40.16
N LEU B 176 -3.78 -8.27 -39.22
CA LEU B 176 -3.38 -9.66 -39.16
C LEU B 176 -3.74 -10.40 -40.45
N CYS B 177 -4.83 -10.01 -41.11
CA CYS B 177 -5.23 -10.66 -42.35
C CYS B 177 -4.37 -10.32 -43.55
N ASP B 178 -3.32 -9.54 -43.35
CA ASP B 178 -2.36 -9.29 -44.42
C ASP B 178 -1.25 -10.35 -44.43
N TYR B 179 -1.17 -11.16 -43.37
CA TYR B 179 -0.31 -12.33 -43.36
C TYR B 179 -0.91 -13.40 -44.25
N ASP B 180 -0.06 -14.19 -44.91
CA ASP B 180 -0.50 -15.32 -45.70
C ASP B 180 -0.83 -16.51 -44.81
N LEU B 181 -0.11 -16.63 -43.70
CA LEU B 181 -0.23 -17.75 -42.81
C LEU B 181 -0.16 -17.22 -41.38
N LEU B 182 -1.14 -17.59 -40.57
CA LEU B 182 -1.16 -17.25 -39.14
C LEU B 182 -1.05 -18.55 -38.33
N GLY B 183 -0.01 -18.63 -37.51
CA GLY B 183 0.26 -19.81 -36.72
C GLY B 183 -0.02 -19.55 -35.26
N PHE B 184 -0.58 -20.54 -34.56
CA PHE B 184 -0.92 -20.37 -33.16
C PHE B 184 -0.40 -21.51 -32.36
N GLN B 185 -0.32 -21.35 -31.05
CA GLN B 185 0.14 -22.43 -30.23
C GLN B 185 -0.81 -23.54 -29.94
N THR B 186 -2.09 -23.25 -29.85
CA THR B 186 -3.08 -24.31 -29.57
C THR B 186 -4.29 -24.09 -30.47
N GLU B 187 -5.05 -25.14 -30.72
CA GLU B 187 -6.31 -24.98 -31.43
C GLU B 187 -7.21 -23.85 -30.84
N ASN B 188 -7.32 -23.75 -29.51
CA ASN B 188 -8.11 -22.68 -28.93
C ASN B 188 -7.67 -21.26 -29.30
N ASP B 189 -6.37 -21.02 -29.39
CA ASP B 189 -5.89 -19.72 -29.85
C ASP B 189 -6.35 -19.44 -31.27
N ARG B 190 -6.20 -20.41 -32.16
CA ARG B 190 -6.62 -20.26 -33.54
C ARG B 190 -8.12 -19.97 -33.62
N LEU B 191 -8.92 -20.81 -32.96
CA LEU B 191 -10.39 -20.63 -32.93
C LEU B 191 -10.78 -19.27 -32.35
N ALA B 192 -10.09 -18.80 -31.30
CA ALA B 192 -10.39 -17.50 -30.69
C ALA B 192 -10.13 -16.33 -31.68
N PHE B 193 -9.00 -16.35 -32.38
CA PHE B 193 -8.73 -15.39 -33.45
C PHE B 193 -9.86 -15.39 -34.49
N LEU B 194 -10.29 -16.57 -34.91
CA LEU B 194 -11.28 -16.72 -35.98
C LEU B 194 -12.63 -16.18 -35.51
N ASP B 195 -12.86 -16.34 -34.23
CA ASP B 195 -14.06 -15.84 -33.60
C ASP B 195 -14.10 -14.33 -33.59
N CYS B 196 -13.04 -13.74 -33.05
CA CYS B 196 -12.83 -12.29 -33.09
C CYS B 196 -13.04 -11.77 -34.49
N LEU B 197 -12.42 -12.39 -35.48
CA LEU B 197 -12.56 -11.96 -36.87
C LEU B 197 -14.03 -12.01 -37.29
N SER B 198 -14.70 -13.12 -37.04
CA SER B 198 -16.09 -13.28 -37.44
C SER B 198 -17.03 -12.26 -36.81
N ASN B 199 -16.65 -11.72 -35.66
CA ASN B 199 -17.53 -10.77 -34.99
C ASN B 199 -17.52 -9.45 -35.70
N LEU B 200 -16.39 -9.17 -36.36
CA LEU B 200 -16.14 -7.90 -37.01
C LEU B 200 -16.63 -7.93 -38.44
N THR B 201 -16.28 -8.99 -39.16
CA THR B 201 -16.56 -9.07 -40.60
C THR B 201 -16.96 -10.50 -41.00
N ARG B 202 -17.47 -10.68 -42.22
CA ARG B 202 -17.74 -12.01 -42.72
C ARG B 202 -16.47 -12.73 -43.11
N VAL B 203 -16.23 -13.90 -42.53
CA VAL B 203 -15.13 -14.76 -42.96
C VAL B 203 -15.61 -16.05 -43.65
N THR B 204 -15.20 -16.20 -44.91
CA THR B 204 -15.46 -17.41 -45.67
C THR B 204 -14.37 -18.43 -45.39
N THR B 205 -14.78 -19.66 -45.11
CA THR B 205 -13.84 -20.74 -44.88
C THR B 205 -14.31 -21.90 -45.71
N ARG B 206 -13.73 -22.05 -46.89
CA ARG B 206 -14.20 -23.09 -47.82
C ARG B 206 -13.41 -24.41 -47.68
N SER B 207 -12.32 -24.35 -46.87
CA SER B 207 -11.45 -25.51 -46.64
C SER B 207 -10.92 -25.59 -45.21
N LYS B 209 -9.15 -24.65 -42.64
CA LYS B 209 -8.17 -23.67 -42.16
C LYS B 209 -7.67 -22.69 -43.24
N SER B 210 -8.54 -22.36 -44.19
CA SER B 210 -8.22 -21.49 -45.33
C SER B 210 -9.33 -20.45 -45.48
N HIS B 211 -8.99 -19.17 -45.37
CA HIS B 211 -9.99 -18.14 -45.10
C HIS B 211 -9.95 -16.94 -46.02
N THR B 212 -11.05 -16.19 -46.04
CA THR B 212 -11.19 -14.93 -46.74
C THR B 212 -11.86 -13.94 -45.81
N ALA B 213 -11.28 -12.77 -45.67
CA ALA B 213 -11.94 -11.67 -44.95
C ALA B 213 -11.55 -10.38 -45.65
N TRP B 214 -12.56 -9.54 -45.90
CA TRP B 214 -12.39 -8.30 -46.64
C TRP B 214 -11.67 -8.53 -47.95
N GLY B 215 -11.95 -9.66 -48.59
CA GLY B 215 -11.28 -10.04 -49.82
C GLY B 215 -9.80 -10.39 -49.69
N LYS B 216 -9.29 -10.50 -48.47
CA LYS B 216 -7.92 -10.95 -48.26
C LYS B 216 -7.89 -12.46 -47.98
N ALA B 217 -7.06 -13.20 -48.71
CA ALA B 217 -6.90 -14.64 -48.47
C ALA B 217 -5.80 -14.92 -47.46
N PHE B 218 -6.02 -15.89 -46.56
CA PHE B 218 -5.00 -16.25 -45.58
C PHE B 218 -5.29 -17.62 -45.00
N ARG B 219 -4.28 -18.27 -44.43
CA ARG B 219 -4.43 -19.58 -43.81
C ARG B 219 -4.18 -19.53 -42.28
N THR B 220 -4.83 -20.41 -41.53
CA THR B 220 -4.52 -20.52 -40.10
C THR B 220 -4.09 -21.94 -39.81
N GLU B 221 -3.30 -22.14 -38.76
CA GLU B 221 -2.81 -23.46 -38.38
C GLU B 221 -2.20 -23.46 -36.99
N VAL B 222 -2.02 -24.63 -36.40
CA VAL B 222 -1.51 -24.76 -35.03
C VAL B 222 -0.16 -25.44 -35.08
N TYR B 223 0.84 -24.81 -34.47
CA TYR B 223 2.17 -25.41 -34.36
C TYR B 223 2.70 -25.24 -32.94
N PRO B 224 2.41 -26.15 -32.01
CA PRO B 224 2.94 -26.00 -30.65
C PRO B 224 4.47 -26.07 -30.65
N ILE B 225 5.11 -25.01 -30.17
CA ILE B 225 6.60 -24.85 -30.16
C ILE B 225 7.24 -25.84 -29.18
N GLY B 226 8.43 -26.31 -29.55
CA GLY B 226 9.09 -27.37 -28.81
C GLY B 226 10.53 -27.02 -28.46
N ILE B 227 11.26 -28.07 -28.16
CA ILE B 227 12.53 -28.00 -27.49
C ILE B 227 13.44 -28.93 -28.26
N GLU B 228 14.74 -28.86 -28.01
CA GLU B 228 15.68 -29.84 -28.54
C GLU B 228 15.91 -30.84 -27.42
N PRO B 229 15.22 -31.99 -27.45
CA PRO B 229 15.36 -33.03 -26.39
C PRO B 229 16.76 -33.71 -26.31
N LYS B 230 17.41 -33.89 -27.45
CA LYS B 230 18.74 -34.51 -27.48
C LYS B 230 19.78 -33.57 -26.84
N GLU B 231 19.59 -32.23 -27.09
CA GLU B 231 20.63 -31.30 -26.61
C GLU B 231 20.48 -31.13 -25.11
N ILE B 232 19.26 -31.12 -24.63
CA ILE B 232 19.13 -30.90 -23.19
C ILE B 232 19.63 -32.19 -22.45
N ALA B 233 19.31 -33.35 -23.02
CA ALA B 233 19.82 -34.59 -22.43
C ALA B 233 21.36 -34.51 -22.19
N LYS B 234 22.08 -34.14 -23.25
CA LYS B 234 23.48 -33.72 -23.12
C LYS B 234 23.74 -32.69 -22.02
N GLN B 235 23.10 -31.52 -22.07
CA GLN B 235 23.46 -30.50 -21.07
C GLN B 235 23.03 -30.83 -19.63
N ALA B 236 21.94 -31.59 -19.49
CA ALA B 236 21.52 -32.09 -18.17
C ALA B 236 22.48 -33.11 -17.53
N ALA B 237 23.20 -33.88 -18.35
CA ALA B 237 24.07 -34.91 -17.83
C ALA B 237 25.50 -34.44 -17.57
N GLY B 238 25.79 -33.18 -17.89
CA GLY B 238 27.14 -32.64 -17.71
C GLY B 238 27.39 -32.43 -16.22
N PRO B 239 28.64 -32.34 -15.80
CA PRO B 239 28.95 -32.23 -14.37
C PRO B 239 28.35 -30.96 -13.74
N LEU B 240 27.99 -31.03 -12.45
CA LEU B 240 27.47 -29.86 -11.76
C LEU B 240 28.62 -28.93 -11.34
N PRO B 241 28.38 -27.61 -11.31
CA PRO B 241 29.32 -26.67 -10.68
C PRO B 241 29.63 -27.14 -9.25
N PRO B 242 30.88 -26.94 -8.78
CA PRO B 242 31.36 -27.60 -7.55
C PRO B 242 30.43 -27.32 -6.35
N LYS B 243 30.02 -26.06 -6.20
CA LYS B 243 29.13 -25.62 -5.15
C LYS B 243 27.81 -26.45 -5.14
N LEU B 244 27.27 -26.76 -6.33
CA LEU B 244 25.98 -27.46 -6.45
C LEU B 244 26.22 -28.98 -6.29
N ALA B 245 27.40 -29.44 -6.69
CA ALA B 245 27.80 -30.82 -6.42
C ALA B 245 27.75 -31.13 -4.93
N GLN B 246 28.16 -30.15 -4.12
CA GLN B 246 28.03 -30.16 -2.67
C GLN B 246 26.57 -30.26 -2.28
N LEU B 247 25.77 -29.25 -2.66
CA LEU B 247 24.40 -29.16 -2.20
C LEU B 247 23.64 -30.45 -2.47
N LYS B 248 23.94 -31.09 -3.61
CA LYS B 248 23.21 -32.32 -4.00
C LYS B 248 23.56 -33.44 -2.97
N ALA B 249 24.83 -33.52 -2.62
CA ALA B 249 25.25 -34.43 -1.53
C ALA B 249 24.56 -34.16 -0.17
N GLU B 250 24.40 -32.88 0.18
CA GLU B 250 23.85 -32.46 1.48
C GLU B 250 22.32 -32.67 1.54
N LEU B 251 21.65 -32.57 0.38
CA LEU B 251 20.20 -32.63 0.28
C LEU B 251 19.70 -34.04 -0.12
N LYS B 252 20.55 -35.03 0.20
CA LYS B 252 20.32 -36.43 -0.11
C LYS B 252 18.98 -36.98 0.42
N ASN B 253 18.50 -36.44 1.55
CA ASN B 253 17.25 -36.91 2.13
C ASN B 253 16.21 -35.82 2.17
N VAL B 254 16.45 -34.80 1.36
CA VAL B 254 15.47 -33.76 1.14
C VAL B 254 14.99 -33.87 -0.31
N GLN B 255 13.67 -33.85 -0.52
CA GLN B 255 13.14 -33.82 -1.88
C GLN B 255 13.01 -32.39 -2.38
N ASN B 256 13.29 -32.19 -3.66
CA ASN B 256 13.30 -30.87 -4.24
C ASN B 256 12.13 -30.66 -5.19
N ILE B 257 11.32 -29.62 -4.90
CA ILE B 257 10.33 -29.12 -5.83
C ILE B 257 10.99 -27.89 -6.44
N PHE B 258 10.96 -27.80 -7.76
CA PHE B 258 11.69 -26.76 -8.42
C PHE B 258 10.85 -26.11 -9.51
N SER B 259 10.95 -24.78 -9.60
CA SER B 259 10.18 -23.94 -10.55
C SER B 259 11.03 -22.82 -11.08
N VAL B 260 10.95 -22.57 -12.37
CA VAL B 260 11.73 -21.45 -12.92
C VAL B 260 10.95 -20.76 -14.02
N GLU B 261 10.89 -19.43 -13.96
CA GLU B 261 10.24 -18.61 -14.97
C GLU B 261 10.59 -17.14 -14.75
N ARG B 262 10.40 -16.33 -15.78
CA ARG B 262 10.35 -14.86 -15.64
C ARG B 262 9.34 -14.51 -14.57
N LEU B 263 9.63 -13.49 -13.80
CA LEU B 263 8.72 -13.04 -12.78
C LEU B 263 7.62 -12.23 -13.46
N ASP B 264 6.60 -12.95 -13.91
CA ASP B 264 5.51 -12.43 -14.71
C ASP B 264 4.18 -12.80 -14.03
N TYR B 265 3.22 -11.90 -14.03
CA TYR B 265 1.92 -12.22 -13.41
C TYR B 265 1.15 -13.30 -14.14
N SER B 266 1.55 -13.63 -15.36
CA SER B 266 0.90 -14.70 -16.11
C SER B 266 1.26 -16.06 -15.48
N LYS B 267 2.36 -16.11 -14.75
CA LYS B 267 2.88 -17.34 -14.20
C LYS B 267 2.24 -17.77 -12.86
N GLY B 268 1.47 -16.93 -12.21
CA GLY B 268 0.79 -17.39 -11.00
C GLY B 268 1.69 -17.76 -9.84
N LEU B 269 2.82 -17.07 -9.72
CA LEU B 269 3.71 -17.31 -8.61
C LEU B 269 3.11 -17.14 -7.20
N PRO B 270 2.36 -16.09 -6.90
CA PRO B 270 1.71 -15.97 -5.59
C PRO B 270 0.78 -17.17 -5.35
N GLU B 271 -0.03 -17.56 -6.34
CA GLU B 271 -0.94 -18.69 -6.14
C GLU B 271 -0.13 -19.97 -5.90
N ARG B 272 1.05 -20.03 -6.50
CA ARG B 272 1.92 -21.16 -6.31
C ARG B 272 2.45 -21.22 -4.87
N PHE B 273 2.87 -20.07 -4.36
CA PHE B 273 3.35 -19.98 -2.99
C PHE B 273 2.24 -20.39 -2.03
N LEU B 274 1.01 -20.04 -2.37
CA LEU B 274 -0.15 -20.35 -1.54
C LEU B 274 -0.42 -21.87 -1.56
N ALA B 275 -0.17 -22.50 -2.71
CA ALA B 275 -0.33 -23.94 -2.84
C ALA B 275 0.75 -24.66 -2.01
N TYR B 276 1.97 -24.13 -2.05
CA TYR B 276 3.03 -24.66 -1.21
C TYR B 276 2.66 -24.51 0.26
N GLU B 277 2.22 -23.32 0.65
CA GLU B 277 1.75 -23.13 2.03
C GLU B 277 0.68 -24.20 2.39
N ALA B 278 -0.27 -24.44 1.51
CA ALA B 278 -1.32 -25.45 1.79
C ALA B 278 -0.67 -26.85 1.93
N LEU B 279 0.39 -27.08 1.18
CA LEU B 279 1.07 -28.36 1.31
C LEU B 279 1.65 -28.50 2.69
N LEU B 280 2.23 -27.41 3.17
CA LEU B 280 2.91 -27.42 4.44
C LEU B 280 1.91 -27.46 5.57
N GLU B 281 0.75 -26.82 5.35
CA GLU B 281 -0.35 -26.84 6.32
C GLU B 281 -0.97 -28.20 6.46
N LYS B 282 -1.29 -28.81 5.33
CA LYS B 282 -2.12 -30.00 5.40
C LYS B 282 -1.35 -31.29 5.34
N TYR B 283 -0.05 -31.24 5.03
CA TYR B 283 0.78 -32.43 4.99
C TYR B 283 2.04 -32.23 5.82
N PRO B 284 1.89 -32.13 7.15
CA PRO B 284 3.03 -31.87 8.07
C PRO B 284 4.16 -32.90 8.03
N GLN B 285 3.92 -34.02 7.40
CA GLN B 285 4.90 -35.12 7.35
C GLN B 285 6.08 -34.73 6.49
N HIS B 286 5.87 -33.72 5.63
CA HIS B 286 6.89 -33.23 4.72
C HIS B 286 7.82 -32.16 5.32
N HIS B 287 7.46 -31.62 6.48
CA HIS B 287 8.34 -30.65 7.14
C HIS B 287 9.78 -31.12 7.36
N GLY B 288 10.73 -30.33 6.85
CA GLY B 288 12.13 -30.63 7.02
C GLY B 288 12.67 -31.63 6.03
N LYS B 289 11.78 -32.17 5.20
CA LYS B 289 12.13 -33.24 4.27
C LYS B 289 11.93 -32.84 2.82
N ILE B 290 11.41 -31.65 2.61
CA ILE B 290 11.17 -31.14 1.25
C ILE B 290 11.59 -29.68 1.18
N ARG B 291 11.72 -29.21 -0.05
CA ARG B 291 12.21 -27.88 -0.30
C ARG B 291 11.60 -27.43 -1.60
N TYR B 292 11.12 -26.20 -1.64
CA TYR B 292 10.56 -25.66 -2.87
C TYR B 292 11.46 -24.49 -3.24
N THR B 293 12.11 -24.61 -4.39
CA THR B 293 12.96 -23.55 -4.87
C THR B 293 12.28 -22.92 -6.04
N GLN B 294 12.18 -21.59 -6.01
CA GLN B 294 11.60 -20.82 -7.09
C GLN B 294 12.65 -19.90 -7.64
N ILE B 295 12.97 -20.08 -8.91
CA ILE B 295 13.82 -19.09 -9.58
C ILE B 295 12.97 -18.15 -10.47
N ALA B 296 13.14 -16.85 -10.27
CA ALA B 296 12.29 -15.87 -10.92
C ALA B 296 13.04 -14.59 -11.18
N PRO B 297 13.78 -14.54 -12.29
CA PRO B 297 14.47 -13.31 -12.67
C PRO B 297 13.42 -12.22 -13.00
N THR B 298 13.71 -11.00 -12.62
CA THR B 298 12.90 -9.85 -13.01
C THR B 298 12.79 -9.77 -14.52
N SER B 299 11.59 -9.55 -14.99
CA SER B 299 11.30 -9.34 -16.40
C SER B 299 10.47 -8.03 -16.51
N ARG B 300 10.80 -7.15 -17.45
CA ARG B 300 9.97 -5.99 -17.81
C ARG B 300 9.74 -5.11 -16.59
N GLY B 301 10.83 -4.89 -15.85
CA GLY B 301 10.79 -4.31 -14.52
C GLY B 301 10.38 -2.85 -14.45
N ASP B 302 10.27 -2.22 -15.61
CA ASP B 302 9.78 -0.86 -15.70
C ASP B 302 8.26 -0.77 -15.69
N VAL B 303 7.54 -1.86 -15.94
CA VAL B 303 6.10 -1.80 -16.02
C VAL B 303 5.55 -1.97 -14.62
N GLN B 304 4.65 -1.07 -14.24
CA GLN B 304 4.11 -1.06 -12.91
C GLN B 304 3.60 -2.42 -12.49
N ALA B 305 2.80 -3.07 -13.34
CA ALA B 305 2.22 -4.32 -12.96
C ALA B 305 3.27 -5.38 -12.62
N TYR B 306 4.45 -5.29 -13.24
CA TYR B 306 5.57 -6.20 -12.92
C TYR B 306 6.23 -5.90 -11.58
N GLN B 307 6.37 -4.62 -11.26
CA GLN B 307 6.85 -4.24 -9.95
C GLN B 307 5.88 -4.73 -8.90
N ASP B 308 4.57 -4.57 -9.13
CA ASP B 308 3.59 -4.98 -8.13
C ASP B 308 3.73 -6.49 -7.80
N ILE B 309 3.83 -7.31 -8.84
CA ILE B 309 3.78 -8.73 -8.61
C ILE B 309 5.06 -9.18 -7.87
N ARG B 310 6.15 -8.47 -8.15
CA ARG B 310 7.38 -8.77 -7.55
C ARG B 310 7.35 -8.46 -6.08
N HIS B 311 6.78 -7.29 -5.71
CA HIS B 311 6.67 -6.93 -4.30
C HIS B 311 5.77 -7.91 -3.56
N GLN B 312 4.76 -8.41 -4.23
CA GLN B 312 3.83 -9.30 -3.62
C GLN B 312 4.55 -10.62 -3.38
N LEU B 313 5.35 -11.03 -4.36
CA LEU B 313 6.11 -12.28 -4.21
C LEU B 313 7.10 -12.20 -3.07
N GLU B 314 7.80 -11.07 -2.94
CA GLU B 314 8.76 -10.91 -1.85
C GLU B 314 8.05 -11.09 -0.54
N ASN B 315 6.85 -10.52 -0.42
CA ASN B 315 6.09 -10.57 0.84
C ASN B 315 5.72 -11.97 1.21
N GLU B 316 5.21 -12.72 0.24
CA GLU B 316 4.88 -14.12 0.48
C GLU B 316 6.07 -15.03 0.84
N ALA B 317 7.24 -14.83 0.22
CA ALA B 317 8.42 -15.59 0.60
C ALA B 317 8.76 -15.35 2.07
N GLY B 318 8.82 -14.09 2.47
CA GLY B 318 9.12 -13.75 3.85
C GLY B 318 8.04 -14.31 4.75
N ARG B 319 6.77 -14.23 4.34
CA ARG B 319 5.71 -14.65 5.25
C ARG B 319 5.71 -16.15 5.46
N ILE B 320 5.92 -16.91 4.40
CA ILE B 320 5.81 -18.34 4.47
C ILE B 320 6.98 -18.92 5.25
N ASN B 321 8.18 -18.45 4.93
CA ASN B 321 9.34 -18.84 5.68
C ASN B 321 9.23 -18.41 7.13
N GLY B 322 8.60 -17.25 7.35
CA GLY B 322 8.45 -16.69 8.68
C GLY B 322 7.58 -17.59 9.55
N LYS B 323 6.66 -18.26 8.89
CA LYS B 323 5.66 -19.02 9.58
C LYS B 323 6.02 -20.50 9.69
N TYR B 324 6.63 -21.07 8.66
CA TYR B 324 6.93 -22.50 8.65
C TYR B 324 8.41 -22.83 8.75
N GLY B 325 9.29 -21.85 8.69
CA GLY B 325 10.71 -22.16 8.76
C GLY B 325 11.06 -22.62 10.16
N GLN B 326 12.26 -23.21 10.31
CA GLN B 326 12.79 -23.63 11.59
C GLN B 326 14.22 -23.17 11.59
N LEU B 327 14.93 -23.31 12.71
CA LEU B 327 16.31 -22.83 12.77
C LEU B 327 17.20 -23.48 11.71
N GLY B 328 16.90 -24.72 11.35
CA GLY B 328 17.69 -25.42 10.36
C GLY B 328 16.91 -25.92 9.17
N TRP B 329 15.87 -25.18 8.77
CA TRP B 329 15.08 -25.56 7.61
C TRP B 329 14.30 -24.38 7.05
N THR B 330 14.67 -24.00 5.85
CA THR B 330 13.98 -23.01 5.12
C THR B 330 13.11 -23.74 4.11
N PRO B 331 11.79 -23.68 4.27
CA PRO B 331 10.88 -24.37 3.36
C PRO B 331 10.96 -23.90 1.93
N LEU B 332 11.22 -22.61 1.71
CA LEU B 332 11.04 -21.98 0.40
C LEU B 332 12.23 -21.10 0.01
N TYR B 333 12.83 -21.39 -1.13
CA TYR B 333 14.04 -20.69 -1.58
C TYR B 333 13.56 -19.89 -2.77
N TYR B 334 13.40 -18.60 -2.57
CA TYR B 334 13.02 -17.71 -3.65
C TYR B 334 14.23 -16.93 -4.14
N LEU B 335 14.56 -17.08 -5.42
CA LEU B 335 15.72 -16.41 -5.98
C LEU B 335 15.26 -15.55 -7.16
N ASN B 336 15.38 -14.25 -6.99
CA ASN B 336 15.06 -13.26 -7.99
C ASN B 336 16.26 -13.01 -8.88
N GLN B 337 16.68 -14.07 -9.57
CA GLN B 337 17.95 -14.03 -10.26
C GLN B 337 17.84 -14.83 -11.54
N HIS B 338 18.64 -14.46 -12.51
CA HIS B 338 18.66 -15.19 -13.76
C HIS B 338 19.69 -16.30 -13.65
N PHE B 339 19.31 -17.48 -14.13
CA PHE B 339 20.24 -18.64 -14.20
C PHE B 339 20.48 -19.07 -15.64
N ASP B 340 21.74 -19.37 -15.97
CA ASP B 340 22.12 -19.88 -17.28
C ASP B 340 21.40 -21.20 -17.62
N ARG B 341 20.94 -21.31 -18.86
CA ARG B 341 19.98 -22.36 -19.28
C ARG B 341 20.59 -23.71 -19.15
N LYS B 342 21.86 -23.78 -19.53
CA LYS B 342 22.72 -24.95 -19.37
C LYS B 342 22.60 -25.47 -17.94
N LEU B 343 22.83 -24.59 -16.97
CA LEU B 343 22.76 -25.00 -15.58
C LEU B 343 21.33 -25.46 -15.14
N LEU B 344 20.30 -24.78 -15.65
CA LEU B 344 18.95 -25.12 -15.29
C LEU B 344 18.63 -26.55 -15.69
N LYS B 346 20.56 -29.12 -15.73
CA LYS B 346 21.16 -29.97 -14.69
C LYS B 346 20.33 -29.96 -13.43
N ILE B 347 19.77 -28.79 -13.07
CA ILE B 347 19.07 -28.69 -11.82
C ILE B 347 17.85 -29.56 -11.99
N PHE B 348 17.20 -29.40 -13.17
CA PHE B 348 15.90 -30.07 -13.47
C PHE B 348 16.20 -31.58 -13.22
N ARG B 349 17.28 -32.05 -13.80
CA ARG B 349 17.67 -33.49 -13.67
C ARG B 349 17.76 -34.01 -12.23
N TYR B 350 18.25 -33.18 -11.34
CA TYR B 350 18.28 -33.53 -9.92
C TYR B 350 17.04 -33.09 -9.06
N SER B 351 16.01 -32.46 -9.66
CA SER B 351 14.77 -32.17 -8.95
C SER B 351 13.83 -33.34 -8.93
N ASP B 352 13.15 -33.58 -7.82
CA ASP B 352 12.18 -34.67 -7.78
C ASP B 352 10.86 -34.26 -8.42
N VAL B 353 10.51 -32.96 -8.31
CA VAL B 353 9.27 -32.47 -8.86
C VAL B 353 9.55 -31.17 -9.59
N GLY B 354 9.09 -31.07 -10.84
CA GLY B 354 8.96 -29.78 -11.54
C GLY B 354 7.57 -29.16 -11.36
N LEU B 355 7.50 -27.94 -10.80
CA LEU B 355 6.21 -27.27 -10.57
C LEU B 355 6.02 -26.22 -11.61
N VAL B 356 5.08 -26.42 -12.51
CA VAL B 356 4.83 -25.44 -13.58
C VAL B 356 3.35 -25.11 -13.68
N THR B 357 2.92 -24.13 -12.90
CA THR B 357 1.49 -23.80 -12.83
C THR B 357 1.12 -22.35 -13.18
N PRO B 358 1.45 -21.93 -14.40
CA PRO B 358 1.03 -20.61 -14.86
C PRO B 358 -0.47 -20.48 -14.83
N LEU B 359 -0.96 -19.25 -14.62
CA LEU B 359 -2.38 -18.96 -14.70
C LEU B 359 -2.78 -18.95 -16.18
N ARG B 360 -1.84 -18.57 -17.06
CA ARG B 360 -2.14 -18.59 -18.47
C ARG B 360 -0.87 -18.52 -19.21
N ASP B 361 -0.66 -19.39 -20.18
CA ASP B 361 0.65 -19.46 -20.86
C ASP B 361 0.44 -20.03 -22.26
N GLY B 362 1.02 -19.33 -23.24
CA GLY B 362 0.99 -19.82 -24.62
C GLY B 362 1.45 -21.27 -24.82
N ASN B 364 4.70 -22.79 -22.66
CA ASN B 364 5.57 -23.05 -21.54
C ASN B 364 6.65 -24.08 -21.83
N LEU B 365 7.83 -23.61 -22.21
CA LEU B 365 8.91 -24.50 -22.56
C LEU B 365 9.56 -25.07 -21.31
N VAL B 366 9.53 -24.37 -20.21
CA VAL B 366 10.09 -24.90 -18.98
C VAL B 366 9.55 -26.29 -18.68
N ALA B 367 8.27 -26.51 -18.95
CA ALA B 367 7.64 -27.79 -18.73
C ALA B 367 8.26 -28.88 -19.59
N LYS B 368 8.49 -28.55 -20.86
CA LYS B 368 9.08 -29.52 -21.78
C LYS B 368 10.55 -29.77 -21.45
N GLU B 369 11.27 -28.73 -21.06
CA GLU B 369 12.68 -28.86 -20.70
C GLU B 369 12.78 -29.74 -19.47
N TYR B 370 11.85 -29.63 -18.54
CA TYR B 370 11.92 -30.43 -17.33
C TYR B 370 11.82 -31.86 -17.70
N VAL B 371 10.82 -32.24 -18.52
CA VAL B 371 10.79 -33.64 -18.91
C VAL B 371 12.02 -34.13 -19.70
N ALA B 372 12.54 -33.31 -20.61
CA ALA B 372 13.65 -33.69 -21.48
C ALA B 372 14.94 -33.91 -20.72
N ALA B 373 15.04 -33.26 -19.57
CA ALA B 373 16.23 -33.28 -18.75
C ALA B 373 16.32 -34.48 -17.81
N GLN B 374 15.22 -35.28 -17.69
CA GLN B 374 15.13 -36.23 -16.58
C GLN B 374 15.93 -37.44 -16.99
N ASP B 375 16.58 -38.02 -15.99
CA ASP B 375 17.17 -39.29 -16.16
C ASP B 375 16.01 -40.28 -16.37
N PRO B 376 15.98 -40.93 -17.59
CA PRO B 376 14.86 -41.85 -17.92
C PRO B 376 14.73 -42.98 -16.95
N ALA B 377 15.84 -43.37 -16.32
CA ALA B 377 15.84 -44.49 -15.38
C ALA B 377 15.35 -44.12 -13.98
N ASN B 378 15.31 -42.82 -13.67
CA ASN B 378 14.83 -42.32 -12.39
C ASN B 378 14.33 -40.87 -12.49
N PRO B 379 13.21 -40.67 -13.20
CA PRO B 379 12.70 -39.32 -13.49
C PRO B 379 11.83 -38.70 -12.41
N GLY B 380 11.87 -37.38 -12.32
CA GLY B 380 10.95 -36.63 -11.47
C GLY B 380 9.55 -36.55 -12.05
N VAL B 381 8.68 -35.82 -11.35
CA VAL B 381 7.31 -35.71 -11.74
C VAL B 381 7.00 -34.26 -12.12
N LEU B 382 6.27 -34.09 -13.21
CA LEU B 382 5.81 -32.80 -13.68
C LEU B 382 4.41 -32.50 -13.14
N VAL B 383 4.27 -31.41 -12.38
CA VAL B 383 2.97 -30.88 -11.98
C VAL B 383 2.70 -29.65 -12.84
N LEU B 384 1.60 -29.68 -13.60
CA LEU B 384 1.36 -28.74 -14.72
C LEU B 384 -0.02 -28.11 -14.68
N SER B 385 -0.05 -26.80 -14.81
CA SER B 385 -1.34 -26.11 -14.91
C SER B 385 -2.09 -26.51 -16.19
N GLN B 386 -3.36 -26.81 -16.08
CA GLN B 386 -4.19 -27.00 -17.26
C GLN B 386 -4.27 -25.78 -18.20
N PHE B 387 -3.85 -24.60 -17.76
CA PHE B 387 -3.91 -23.42 -18.58
C PHE B 387 -2.64 -23.17 -19.37
N ALA B 388 -1.62 -24.01 -19.23
CA ALA B 388 -0.43 -23.89 -20.08
C ALA B 388 -0.72 -24.63 -21.36
N GLY B 389 -0.41 -23.99 -22.47
CA GLY B 389 -0.48 -24.65 -23.76
C GLY B 389 0.10 -26.06 -23.72
N ALA B 390 1.17 -26.27 -22.95
CA ALA B 390 1.81 -27.58 -22.88
C ALA B 390 0.90 -28.70 -22.39
N ALA B 391 -0.15 -28.34 -21.67
CA ALA B 391 -1.08 -29.34 -21.16
C ALA B 391 -1.85 -30.09 -22.24
N ASN B 392 -1.94 -29.51 -23.44
CA ASN B 392 -2.56 -30.21 -24.56
C ASN B 392 -1.74 -31.43 -24.98
N GLU B 393 -0.42 -31.35 -24.79
CA GLU B 393 0.40 -32.50 -25.16
C GLU B 393 1.02 -33.30 -23.97
N LEU B 394 1.33 -32.63 -22.87
CA LEU B 394 1.90 -33.28 -21.67
C LEU B 394 0.81 -33.83 -20.78
N THR B 395 -0.05 -34.58 -21.45
CA THR B 395 -1.21 -35.21 -20.90
C THR B 395 -0.96 -36.16 -19.73
N SER B 396 0.28 -36.60 -19.58
CA SER B 396 0.63 -37.54 -18.53
C SER B 396 1.30 -36.89 -17.33
N ALA B 397 1.46 -35.58 -17.38
CA ALA B 397 1.80 -34.83 -16.19
C ALA B 397 0.64 -34.88 -15.20
N LEU B 398 0.90 -34.54 -13.94
CA LEU B 398 -0.15 -34.28 -12.98
C LEU B 398 -0.78 -32.92 -13.31
N ILE B 399 -1.92 -32.95 -14.00
CA ILE B 399 -2.61 -31.74 -14.46
C ILE B 399 -3.48 -31.17 -13.36
N VAL B 400 -3.28 -29.89 -13.10
CA VAL B 400 -3.98 -29.22 -12.01
C VAL B 400 -4.52 -27.83 -12.40
N ASN B 401 -5.45 -27.34 -11.59
CA ASN B 401 -6.03 -26.00 -11.71
C ASN B 401 -5.43 -25.10 -10.64
N PRO B 402 -4.54 -24.17 -11.00
CA PRO B 402 -3.86 -23.34 -9.98
C PRO B 402 -4.80 -22.51 -9.11
N TYR B 403 -6.06 -22.32 -9.52
CA TYR B 403 -7.00 -21.51 -8.72
C TYR B 403 -7.51 -22.32 -7.54
N ASP B 404 -7.13 -23.59 -7.51
CA ASP B 404 -7.49 -24.41 -6.37
C ASP B 404 -6.21 -24.84 -5.64
N ARG B 405 -5.76 -24.05 -4.66
CA ARG B 405 -4.51 -24.34 -4.04
C ARG B 405 -4.41 -25.76 -3.47
N ASP B 406 -5.52 -26.29 -2.95
CA ASP B 406 -5.51 -27.63 -2.33
C ASP B 406 -5.37 -28.71 -3.39
N GLU B 407 -5.98 -28.55 -4.56
CA GLU B 407 -5.69 -29.47 -5.67
C GLU B 407 -4.19 -29.44 -6.03
N VAL B 408 -3.58 -28.26 -6.03
CA VAL B 408 -2.15 -28.18 -6.33
C VAL B 408 -1.34 -28.83 -5.21
N ALA B 409 -1.63 -28.51 -3.95
CA ALA B 409 -0.94 -29.18 -2.84
C ALA B 409 -1.04 -30.71 -2.94
N ALA B 410 -2.24 -31.22 -3.24
CA ALA B 410 -2.47 -32.66 -3.30
C ALA B 410 -1.63 -33.27 -4.40
N ALA B 411 -1.52 -32.59 -5.53
CA ALA B 411 -0.68 -33.10 -6.62
C ALA B 411 0.80 -33.05 -6.23
N LEU B 412 1.23 -32.06 -5.45
CA LEU B 412 2.60 -32.03 -5.01
C LEU B 412 2.86 -33.24 -4.11
N ASP B 413 1.90 -33.54 -3.23
CA ASP B 413 2.01 -34.69 -2.33
C ASP B 413 2.05 -35.99 -3.12
N ARG B 414 1.20 -36.09 -4.13
CA ARG B 414 1.18 -37.31 -4.95
C ARG B 414 2.53 -37.40 -5.66
N ALA B 415 3.01 -36.29 -6.22
CA ALA B 415 4.31 -36.27 -6.91
C ALA B 415 5.51 -36.71 -6.02
N LEU B 416 5.51 -36.28 -4.76
CA LEU B 416 6.57 -36.56 -3.83
C LEU B 416 6.63 -38.03 -3.39
N THR B 417 5.51 -38.75 -3.48
CA THR B 417 5.41 -40.13 -3.01
C THR B 417 5.17 -41.11 -4.14
N SER B 419 5.64 -43.81 -6.90
CA SER B 419 6.54 -44.94 -7.13
C SER B 419 7.33 -44.79 -8.42
N LEU B 420 8.48 -45.45 -8.47
CA LEU B 420 9.38 -45.38 -9.61
C LEU B 420 8.66 -45.75 -10.91
N ALA B 421 7.99 -46.93 -10.88
CA ALA B 421 7.24 -47.42 -12.05
C ALA B 421 6.26 -46.32 -12.63
N GLU B 422 5.48 -45.65 -11.77
CA GLU B 422 4.56 -44.65 -12.28
C GLU B 422 5.31 -43.36 -12.78
N ARG B 423 6.38 -42.98 -12.11
CA ARG B 423 7.28 -41.97 -12.67
C ARG B 423 7.91 -42.42 -14.00
N ILE B 424 8.34 -43.71 -14.16
CA ILE B 424 8.93 -44.16 -15.44
C ILE B 424 7.89 -43.98 -16.57
N SER B 425 6.70 -44.56 -16.38
CA SER B 425 5.69 -44.55 -17.45
C SER B 425 5.08 -43.17 -17.77
N ARG B 426 4.94 -42.30 -16.76
CA ARG B 426 4.51 -40.94 -17.00
C ARG B 426 5.60 -40.23 -17.78
N HIS B 427 6.85 -40.36 -17.37
CA HIS B 427 7.91 -39.62 -18.03
C HIS B 427 8.10 -40.04 -19.47
N ALA B 428 8.11 -41.37 -19.72
CA ALA B 428 8.37 -41.88 -21.05
C ALA B 428 7.28 -41.42 -22.01
N GLU B 429 6.03 -41.40 -21.55
CA GLU B 429 4.96 -40.93 -22.41
C GLU B 429 5.13 -39.47 -22.80
N LEU B 431 8.01 -37.76 -22.74
CA LEU B 431 9.25 -37.62 -23.50
C LEU B 431 8.99 -37.96 -24.94
N ASP B 432 8.22 -39.02 -25.17
CA ASP B 432 7.95 -39.41 -26.54
C ASP B 432 7.22 -38.31 -27.32
N VAL B 433 6.24 -37.65 -26.66
CA VAL B 433 5.47 -36.61 -27.29
C VAL B 433 6.42 -35.51 -27.72
N ILE B 434 7.37 -35.17 -26.85
CA ILE B 434 8.19 -33.97 -27.10
C ILE B 434 9.32 -34.30 -28.06
N VAL B 435 9.67 -35.56 -28.13
CA VAL B 435 10.65 -36.03 -29.13
C VAL B 435 10.04 -36.06 -30.55
N LYS B 436 8.81 -36.55 -30.65
CA LYS B 436 8.07 -36.42 -31.93
C LYS B 436 7.78 -34.97 -32.32
N ASN B 437 7.50 -34.09 -31.35
CA ASN B 437 7.29 -32.68 -31.65
C ASN B 437 8.39 -31.72 -31.16
N ASP B 438 9.59 -32.15 -31.52
CA ASP B 438 10.80 -31.37 -31.77
C ASP B 438 10.62 -29.87 -32.13
N ILE B 439 11.55 -29.02 -31.68
CA ILE B 439 11.66 -27.70 -32.30
C ILE B 439 11.92 -27.85 -33.80
N ASN B 440 12.65 -28.89 -34.19
CA ASN B 440 12.92 -29.08 -35.60
C ASN B 440 11.59 -29.31 -36.34
N HIS B 441 10.71 -30.15 -35.79
CA HIS B 441 9.41 -30.43 -36.40
C HIS B 441 8.60 -29.12 -36.56
N TRP B 442 8.57 -28.30 -35.51
CA TRP B 442 7.89 -26.99 -35.50
C TRP B 442 8.26 -26.11 -36.70
N GLN B 443 9.54 -25.79 -36.76
CA GLN B 443 10.23 -25.12 -37.85
C GLN B 443 9.92 -25.76 -39.23
N GLU B 444 10.06 -27.08 -39.34
CA GLU B 444 9.80 -27.77 -40.61
C GLU B 444 8.34 -27.54 -41.07
N CYS B 445 7.40 -27.73 -40.15
CA CYS B 445 5.98 -27.71 -40.50
C CYS B 445 5.58 -26.33 -40.94
N PHE B 446 6.07 -25.34 -40.20
CA PHE B 446 5.76 -23.96 -40.50
C PHE B 446 6.31 -23.44 -41.80
N ILE B 447 7.61 -23.67 -42.03
CA ILE B 447 8.26 -23.35 -43.31
C ILE B 447 7.57 -24.11 -44.45
N SER B 448 7.34 -25.41 -44.27
CA SER B 448 6.78 -26.21 -45.37
C SER B 448 5.37 -25.70 -45.75
N ASP B 449 4.59 -25.33 -44.73
CA ASP B 449 3.24 -24.80 -44.96
C ASP B 449 3.32 -23.47 -45.71
N LEU B 450 4.26 -22.62 -45.27
CA LEU B 450 4.48 -21.31 -45.87
C LEU B 450 4.92 -21.42 -47.32
N LYS B 451 5.87 -22.31 -47.59
CA LYS B 451 6.44 -22.48 -48.92
C LYS B 451 5.36 -22.99 -49.86
N GLN B 452 4.31 -23.57 -49.29
CA GLN B 452 3.22 -24.18 -50.03
C GLN B 452 2.15 -23.19 -50.51
N ILE B 453 2.16 -21.97 -50.01
CA ILE B 453 1.17 -21.02 -50.53
C ILE B 453 1.73 -20.17 -51.66
N VAL B 454 0.87 -19.78 -52.59
CA VAL B 454 1.31 -18.98 -53.72
C VAL B 454 1.17 -17.53 -53.33
N PRO B 455 2.22 -16.74 -53.56
CA PRO B 455 2.22 -15.32 -53.16
C PRO B 455 1.32 -14.48 -54.07
N ARG B 456 0.89 -13.32 -53.58
CA ARG B 456 -0.01 -12.42 -54.32
C ARG B 456 0.54 -11.90 -55.66
N SER C 1 5.43 -5.00 55.67
CA SER C 1 5.82 -6.43 55.55
C SER C 1 5.53 -6.96 54.15
N ARG C 2 4.33 -7.53 53.95
CA ARG C 2 3.94 -8.12 52.66
C ARG C 2 4.09 -7.19 51.46
N LEU C 3 4.70 -7.72 50.41
CA LEU C 3 4.86 -6.99 49.13
C LEU C 3 3.69 -7.28 48.19
N VAL C 4 3.08 -6.21 47.67
CA VAL C 4 2.00 -6.34 46.68
C VAL C 4 2.47 -5.73 45.36
N VAL C 5 2.62 -6.58 44.34
CA VAL C 5 3.04 -6.13 43.02
C VAL C 5 1.85 -6.07 42.07
N VAL C 6 1.74 -4.99 41.32
CA VAL C 6 0.73 -4.93 40.29
C VAL C 6 1.28 -4.50 38.96
N SER C 7 0.88 -5.23 37.94
CA SER C 7 1.29 -4.97 36.57
C SER C 7 0.14 -5.45 35.70
N ASN C 8 0.09 -4.95 34.48
CA ASN C 8 -0.90 -5.44 33.55
C ASN C 8 -0.58 -6.87 33.19
N ARG C 9 0.62 -7.09 32.64
CA ARG C 9 1.06 -8.44 32.25
C ARG C 9 1.58 -9.20 33.45
N ILE C 10 1.22 -10.47 33.54
CA ILE C 10 1.79 -11.34 34.56
C ILE C 10 2.47 -12.53 33.92
N ALA C 11 3.37 -13.16 34.66
CA ALA C 11 3.92 -14.45 34.28
C ALA C 11 3.02 -15.44 34.96
N PRO C 12 2.36 -16.29 34.18
CA PRO C 12 1.49 -17.32 34.74
C PRO C 12 2.33 -18.32 35.53
N PRO C 13 1.74 -18.92 36.56
CA PRO C 13 2.32 -20.07 37.28
C PRO C 13 2.61 -21.34 36.41
N ASP C 14 1.76 -21.63 35.41
CA ASP C 14 2.09 -22.55 34.32
C ASP C 14 3.11 -21.79 33.48
N GLU C 15 4.39 -22.13 33.58
CA GLU C 15 5.46 -21.21 33.14
C GLU C 15 5.73 -21.10 31.61
N HIS C 16 5.48 -22.20 30.90
CA HIS C 16 5.58 -22.27 29.42
C HIS C 16 4.29 -21.76 28.66
N ALA C 17 3.33 -21.18 29.40
CA ALA C 17 2.23 -20.39 28.84
C ALA C 17 2.70 -18.95 28.72
N ALA C 18 4.01 -18.74 28.93
CA ALA C 18 4.59 -17.39 28.96
C ALA C 18 4.56 -16.71 27.60
N SER C 19 4.39 -15.40 27.64
CA SER C 19 4.38 -14.56 26.47
C SER C 19 5.71 -13.80 26.51
N ALA C 20 6.27 -13.49 25.34
CA ALA C 20 7.48 -12.66 25.27
C ALA C 20 7.26 -11.34 25.97
N GLY C 21 8.31 -10.82 26.61
CA GLY C 21 8.23 -9.55 27.34
C GLY C 21 9.06 -9.54 28.61
N GLY C 22 9.84 -8.48 28.81
CA GLY C 22 10.84 -8.40 29.85
C GLY C 22 10.28 -8.14 31.23
N LEU C 23 9.19 -7.38 31.28
CA LEU C 23 8.55 -7.02 32.56
C LEU C 23 8.22 -8.26 33.42
N ALA C 24 7.46 -9.19 32.83
CA ALA C 24 6.99 -10.38 33.52
C ALA C 24 8.18 -11.22 33.95
N VAL C 25 9.21 -11.30 33.10
CA VAL C 25 10.44 -12.02 33.43
C VAL C 25 11.15 -11.38 34.66
N GLY C 26 11.27 -10.05 34.61
CA GLY C 26 11.81 -9.27 35.70
C GLY C 26 11.06 -9.47 36.99
N ILE C 27 9.77 -9.12 36.99
CA ILE C 27 8.96 -9.18 38.22
C ILE C 27 8.93 -10.58 38.85
N LEU C 28 8.83 -11.63 38.02
CA LEU C 28 8.85 -12.99 38.53
C LEU C 28 10.18 -13.23 39.23
N GLY C 29 11.26 -12.86 38.55
CA GLY C 29 12.58 -12.87 39.14
C GLY C 29 12.57 -12.21 40.51
N ALA C 30 12.05 -10.97 40.57
CA ALA C 30 11.98 -10.21 41.81
C ALA C 30 11.18 -10.92 42.91
N LEU C 31 9.95 -11.31 42.55
CA LEU C 31 9.05 -11.97 43.48
C LEU C 31 9.61 -13.28 44.00
N LYS C 32 10.29 -14.03 43.14
CA LYS C 32 10.92 -15.28 43.56
C LYS C 32 11.95 -15.02 44.66
N ALA C 33 12.61 -13.87 44.57
CA ALA C 33 13.60 -13.48 45.57
C ALA C 33 12.93 -12.96 46.86
N ALA C 34 11.87 -12.16 46.69
CA ALA C 34 11.14 -11.51 47.79
C ALA C 34 10.12 -12.41 48.55
N GLY C 35 9.10 -12.83 47.78
CA GLY C 35 7.86 -13.37 48.31
C GLY C 35 6.83 -12.29 48.04
N GLY C 36 5.55 -12.65 47.96
CA GLY C 36 4.54 -11.63 47.76
C GLY C 36 3.29 -11.97 46.95
N LEU C 37 2.49 -10.94 46.68
CA LEU C 37 1.21 -11.04 45.98
C LEU C 37 1.36 -10.34 44.63
N TRP C 38 1.00 -11.03 43.55
CA TRP C 38 1.05 -10.44 42.22
C TRP C 38 -0.38 -10.30 41.70
N PHE C 39 -0.81 -9.07 41.55
CA PHE C 39 -2.15 -8.75 41.07
C PHE C 39 -2.00 -8.19 39.67
N GLY C 40 -2.74 -8.75 38.72
CA GLY C 40 -2.68 -8.28 37.34
C GLY C 40 -3.66 -8.98 36.43
N TRP C 41 -3.62 -8.59 35.15
CA TRP C 41 -4.53 -9.11 34.13
C TRP C 41 -4.21 -10.55 33.77
N SER C 42 -5.23 -11.38 33.69
CA SER C 42 -5.06 -12.79 33.34
C SER C 42 -4.59 -12.97 31.90
N GLY C 43 -4.77 -11.94 31.07
CA GLY C 43 -4.53 -12.04 29.64
C GLY C 43 -5.77 -12.43 28.83
N GLU C 44 -6.89 -12.68 29.50
CA GLU C 44 -8.13 -13.08 28.84
C GLU C 44 -9.16 -11.97 28.89
N THR C 45 -10.11 -11.99 27.96
CA THR C 45 -11.22 -11.02 27.96
C THR C 45 -12.55 -11.74 28.10
N GLY C 46 -13.58 -11.02 28.53
CA GLY C 46 -14.86 -11.61 28.83
C GLY C 46 -14.90 -12.07 30.28
N ASN C 47 -16.08 -12.43 30.77
CA ASN C 47 -16.28 -12.80 32.18
C ASN C 47 -15.63 -11.88 33.23
N GLU C 48 -15.65 -10.58 32.98
CA GLU C 48 -14.98 -9.58 33.86
C GLU C 48 -15.54 -9.44 35.28
N ASP C 49 -16.76 -9.92 35.48
CA ASP C 49 -17.46 -9.82 36.78
C ASP C 49 -17.29 -11.08 37.60
N GLN C 50 -16.43 -11.99 37.14
CA GLN C 50 -16.17 -13.21 37.88
C GLN C 50 -15.18 -12.83 38.98
N PRO C 51 -15.14 -13.59 40.07
CA PRO C 51 -14.16 -13.35 41.13
C PRO C 51 -12.72 -13.41 40.63
N LEU C 52 -11.83 -12.66 41.27
CA LEU C 52 -10.39 -12.79 41.03
C LEU C 52 -9.97 -14.27 41.05
N LYS C 53 -9.13 -14.67 40.10
CA LYS C 53 -8.57 -16.03 40.14
C LYS C 53 -7.28 -16.02 40.94
N LYS C 54 -7.18 -16.95 41.89
CA LYS C 54 -6.06 -17.00 42.82
C LYS C 54 -5.34 -18.36 42.79
N VAL C 55 -4.02 -18.31 42.63
CA VAL C 55 -3.16 -19.50 42.66
C VAL C 55 -1.95 -19.14 43.53
N LYS C 56 -1.56 -20.09 44.36
CA LYS C 56 -0.39 -19.96 45.22
C LYS C 56 0.67 -20.99 44.83
N LYS C 57 1.90 -20.52 44.61
CA LYS C 57 3.01 -21.40 44.25
C LYS C 57 4.25 -20.97 45.04
N GLY C 58 4.52 -21.69 46.14
CA GLY C 58 5.60 -21.33 47.05
C GLY C 58 5.37 -20.03 47.80
N ASN C 59 6.27 -19.07 47.59
CA ASN C 59 6.21 -17.79 48.29
C ASN C 59 5.51 -16.68 47.44
N ILE C 60 4.96 -17.08 46.29
CA ILE C 60 4.22 -16.16 45.42
C ILE C 60 2.73 -16.51 45.38
N THR C 61 1.88 -15.48 45.46
CA THR C 61 0.44 -15.63 45.24
C THR C 61 0.00 -14.80 44.03
N TRP C 62 -0.73 -15.42 43.10
CA TRP C 62 -1.27 -14.69 41.95
C TRP C 62 -2.76 -14.40 42.16
N ALA C 63 -3.17 -13.17 41.86
CA ALA C 63 -4.59 -12.80 41.79
C ALA C 63 -4.84 -12.07 40.46
N SER C 64 -5.63 -12.69 39.58
CA SER C 64 -5.85 -12.14 38.25
C SER C 64 -7.30 -11.80 38.00
N PHE C 65 -7.50 -10.83 37.11
CA PHE C 65 -8.82 -10.44 36.66
C PHE C 65 -8.87 -10.54 35.14
N ASN C 66 -10.08 -10.73 34.62
CA ASN C 66 -10.35 -10.57 33.20
C ASN C 66 -10.79 -9.13 32.93
N LEU C 67 -10.69 -8.72 31.66
CA LEU C 67 -11.10 -7.39 31.21
C LEU C 67 -12.21 -7.55 30.16
N SER C 68 -13.14 -6.61 30.07
CA SER C 68 -14.12 -6.66 28.97
C SER C 68 -13.43 -6.32 27.66
N GLU C 69 -14.07 -6.70 26.56
CA GLU C 69 -13.60 -6.38 25.22
C GLU C 69 -13.35 -4.87 25.06
N GLN C 70 -14.29 -4.06 25.55
CA GLN C 70 -14.17 -2.61 25.44
C GLN C 70 -13.04 -2.04 26.27
N ASP C 71 -12.89 -2.53 27.49
CA ASP C 71 -11.79 -2.06 28.34
C ASP C 71 -10.44 -2.47 27.76
N LEU C 72 -10.32 -3.71 27.32
CA LEU C 72 -9.09 -4.15 26.68
C LEU C 72 -8.79 -3.19 25.55
N ASP C 73 -9.78 -2.92 24.72
CA ASP C 73 -9.58 -2.08 23.56
C ASP C 73 -9.16 -0.64 23.88
N GLU C 74 -9.83 -0.01 24.84
CA GLU C 74 -9.58 1.41 25.10
C GLU C 74 -8.33 1.62 25.92
N TYR C 75 -8.18 0.82 26.97
CA TYR C 75 -7.07 0.93 27.91
C TYR C 75 -5.80 0.29 27.38
N TYR C 76 -5.91 -0.91 26.84
CA TYR C 76 -4.72 -1.65 26.44
C TYR C 76 -4.33 -1.36 24.98
N ASN C 77 -5.20 -1.69 24.05
CA ASN C 77 -4.83 -1.52 22.66
C ASN C 77 -4.71 -0.08 22.21
N GLN C 78 -5.59 0.79 22.68
CA GLN C 78 -5.55 2.20 22.27
C GLN C 78 -4.64 3.02 23.15
N PHE C 79 -5.02 3.26 24.40
CA PHE C 79 -4.21 4.19 25.15
C PHE C 79 -2.81 3.69 25.47
N SER C 80 -2.72 2.49 26.06
CA SER C 80 -1.41 1.98 26.44
C SER C 80 -0.51 1.70 25.25
N ASN C 81 -1.05 1.01 24.23
CA ASN C 81 -0.26 0.53 23.09
C ASN C 81 -0.21 1.49 21.90
N ALA C 82 -1.17 2.40 21.78
CA ALA C 82 -1.19 3.30 20.62
C ALA C 82 -1.06 4.79 20.99
N VAL C 83 -0.82 5.07 22.27
CA VAL C 83 -0.49 6.41 22.73
C VAL C 83 0.78 6.41 23.57
N LEU C 84 0.75 5.71 24.67
CA LEU C 84 1.88 5.76 25.59
C LEU C 84 3.10 5.04 25.04
N TRP C 85 2.93 3.80 24.58
CA TRP C 85 4.06 3.07 24.03
C TRP C 85 4.76 3.86 22.91
N PRO C 86 4.08 4.27 21.86
CA PRO C 86 4.77 5.04 20.80
C PRO C 86 5.34 6.36 21.28
N ALA C 87 4.61 7.09 22.12
CA ALA C 87 5.11 8.38 22.60
C ALA C 87 6.37 8.18 23.42
N PHE C 88 6.35 7.24 24.35
CA PHE C 88 7.51 7.06 25.23
C PHE C 88 8.67 6.50 24.41
N HIS C 89 8.40 5.95 23.22
CA HIS C 89 9.50 5.50 22.36
C HIS C 89 9.80 6.50 21.22
N TYR C 90 9.46 7.77 21.47
CA TYR C 90 9.77 8.85 20.51
C TYR C 90 9.17 8.63 19.11
N ARG C 91 7.91 8.20 19.10
CA ARG C 91 7.20 7.96 17.87
C ARG C 91 5.86 8.65 17.93
N LEU C 92 5.92 9.96 18.09
CA LEU C 92 4.74 10.81 18.05
C LEU C 92 3.94 10.58 16.74
N ASP C 93 4.64 10.27 15.64
CA ASP C 93 3.93 10.03 14.39
C ASP C 93 2.98 8.85 14.43
N LEU C 94 3.15 8.01 15.46
CA LEU C 94 2.34 6.81 15.58
C LEU C 94 1.27 6.97 16.66
N VAL C 95 1.32 8.03 17.48
CA VAL C 95 0.29 8.19 18.49
C VAL C 95 -1.10 8.45 17.94
N GLN C 96 -2.06 7.84 18.58
CA GLN C 96 -3.40 7.73 18.05
C GLN C 96 -4.31 8.15 19.21
N PHE C 97 -4.17 9.40 19.65
CA PHE C 97 -4.93 9.89 20.78
C PHE C 97 -6.37 10.17 20.42
N GLN C 98 -7.29 9.58 21.16
CA GLN C 98 -8.69 9.96 21.13
C GLN C 98 -9.25 9.94 22.53
N ARG C 99 -10.18 10.84 22.79
CA ARG C 99 -10.71 11.01 24.13
C ARG C 99 -11.30 9.72 24.72
N PRO C 100 -12.11 8.96 23.97
CA PRO C 100 -12.64 7.70 24.52
C PRO C 100 -11.55 6.73 25.01
N ALA C 101 -10.39 6.70 24.35
CA ALA C 101 -9.29 5.86 24.81
C ALA C 101 -8.76 6.38 26.15
N TRP C 102 -8.67 7.69 26.28
CA TRP C 102 -8.20 8.28 27.51
C TRP C 102 -9.18 7.93 28.64
N ASP C 103 -10.45 8.12 28.39
CA ASP C 103 -11.49 7.83 29.37
C ASP C 103 -11.47 6.36 29.81
N GLY C 104 -11.25 5.48 28.85
CA GLY C 104 -11.18 4.05 29.14
C GLY C 104 -9.96 3.72 29.98
N TYR C 105 -8.83 4.34 29.65
CA TYR C 105 -7.60 4.17 30.38
C TYR C 105 -7.82 4.55 31.84
N LEU C 106 -8.50 5.68 32.08
CA LEU C 106 -8.80 6.10 33.45
C LEU C 106 -9.79 5.16 34.07
N ARG C 107 -10.81 4.79 33.30
CA ARG C 107 -11.82 3.88 33.77
C ARG C 107 -11.20 2.57 34.24
N VAL C 108 -10.30 1.96 33.47
CA VAL C 108 -9.78 0.68 33.98
C VAL C 108 -8.86 0.77 35.18
N ASN C 109 -8.01 1.82 35.20
CA ASN C 109 -7.18 2.09 36.39
C ASN C 109 -8.07 2.22 37.63
N ALA C 110 -9.20 2.91 37.50
CA ALA C 110 -10.10 3.05 38.63
C ALA C 110 -10.68 1.69 39.02
N LEU C 111 -11.13 0.93 38.02
CA LEU C 111 -11.74 -0.38 38.21
C LEU C 111 -10.79 -1.34 38.94
N LEU C 112 -9.55 -1.36 38.47
CA LEU C 112 -8.50 -2.22 38.99
C LEU C 112 -8.20 -1.85 40.45
N ALA C 113 -8.21 -0.56 40.73
CA ALA C 113 -8.04 -0.11 42.11
C ALA C 113 -9.19 -0.57 43.00
N ASP C 114 -10.41 -0.62 42.47
CA ASP C 114 -11.55 -1.15 43.24
C ASP C 114 -11.37 -2.62 43.55
N LYS C 115 -10.82 -3.35 42.58
CA LYS C 115 -10.65 -4.78 42.67
C LYS C 115 -9.50 -5.13 43.61
N LEU C 116 -8.47 -4.29 43.62
CA LEU C 116 -7.32 -4.52 44.48
C LEU C 116 -7.66 -4.20 45.92
N LEU C 117 -8.43 -3.12 46.13
CA LEU C 117 -8.70 -2.63 47.48
C LEU C 117 -8.96 -3.71 48.56
N PRO C 118 -9.91 -4.63 48.37
CA PRO C 118 -10.21 -5.61 49.43
C PRO C 118 -9.05 -6.54 49.74
N LEU C 119 -8.04 -6.63 48.87
CA LEU C 119 -6.91 -7.55 49.12
C LEU C 119 -5.85 -6.93 49.99
N LEU C 120 -5.89 -5.61 50.13
CA LEU C 120 -4.82 -4.87 50.80
C LEU C 120 -4.90 -4.87 52.31
N GLN C 121 -3.73 -4.89 52.94
CA GLN C 121 -3.61 -4.68 54.36
C GLN C 121 -2.83 -3.39 54.60
N ASP C 122 -3.06 -2.79 55.77
CA ASP C 122 -2.34 -1.61 56.27
C ASP C 122 -0.83 -1.67 56.07
N ASP C 123 -0.29 -2.82 56.47
CA ASP C 123 1.08 -3.28 56.28
C ASP C 123 1.71 -3.03 54.93
N ASP C 124 0.93 -3.36 53.90
CA ASP C 124 1.46 -3.67 52.60
C ASP C 124 2.41 -2.62 52.03
N ILE C 125 3.39 -3.11 51.28
CA ILE C 125 4.27 -2.29 50.51
C ILE C 125 3.84 -2.57 49.06
N ILE C 126 3.41 -1.52 48.37
CA ILE C 126 2.78 -1.68 47.08
C ILE C 126 3.71 -1.18 45.99
N TRP C 127 3.91 -2.02 44.98
CA TRP C 127 4.85 -1.76 43.89
C TRP C 127 4.12 -1.88 42.57
N ILE C 128 3.91 -0.75 41.91
CA ILE C 128 3.13 -0.69 40.68
C ILE C 128 4.08 -0.63 39.50
N HIS C 129 3.79 -1.37 38.45
CA HIS C 129 4.67 -1.46 37.30
C HIS C 129 4.07 -1.00 35.96
N ASP C 130 4.80 -0.07 35.34
CA ASP C 130 4.73 0.24 33.93
C ASP C 130 3.62 1.15 33.49
N TYR C 131 3.71 1.53 32.21
CA TYR C 131 2.95 2.61 31.62
C TYR C 131 1.44 2.40 31.59
N HIS C 132 0.98 1.16 31.73
CA HIS C 132 -0.45 0.92 31.83
C HIS C 132 -1.04 1.55 33.08
N LEU C 133 -0.21 1.81 34.08
CA LEU C 133 -0.74 2.13 35.39
C LEU C 133 -0.26 3.47 35.97
N LEU C 134 0.07 4.41 35.10
CA LEU C 134 0.43 5.75 35.56
C LEU C 134 -0.55 6.36 36.57
N PRO C 135 -1.88 6.29 36.36
CA PRO C 135 -2.86 6.84 37.33
C PRO C 135 -3.12 6.03 38.59
N PHE C 136 -2.44 4.90 38.75
CA PHE C 136 -2.90 3.95 39.74
C PHE C 136 -2.77 4.42 41.18
N ALA C 137 -1.62 4.98 41.55
CA ALA C 137 -1.44 5.57 42.88
C ALA C 137 -2.52 6.60 43.17
N HIS C 138 -2.83 7.42 42.20
CA HIS C 138 -3.85 8.46 42.37
C HIS C 138 -5.19 7.82 42.72
N GLU C 139 -5.53 6.74 42.02
CA GLU C 139 -6.76 5.99 42.27
C GLU C 139 -6.75 5.38 43.66
N LEU C 140 -5.62 4.80 44.06
CA LEU C 140 -5.49 4.25 45.41
C LEU C 140 -5.58 5.34 46.48
N ARG C 141 -4.99 6.51 46.24
CA ARG C 141 -5.06 7.61 47.21
C ARG C 141 -6.48 8.07 47.41
N LYS C 142 -7.27 8.20 46.34
CA LYS C 142 -8.64 8.66 46.57
C LYS C 142 -9.52 7.63 47.25
N ARG C 143 -9.06 6.38 47.31
CA ARG C 143 -9.76 5.33 48.04
C ARG C 143 -9.20 5.21 49.45
N GLY C 144 -8.34 6.15 49.82
CA GLY C 144 -7.82 6.25 51.18
C GLY C 144 -6.62 5.36 51.47
N VAL C 145 -5.96 4.83 50.44
CA VAL C 145 -4.78 4.01 50.73
C VAL C 145 -3.53 4.85 50.98
N ASN C 146 -3.01 4.71 52.19
CA ASN C 146 -1.93 5.53 52.69
C ASN C 146 -0.60 4.80 52.69
N ASN C 147 -0.63 3.55 52.26
CA ASN C 147 0.56 2.70 52.20
C ASN C 147 1.67 3.37 51.38
N ARG C 148 2.90 2.92 51.58
CA ARG C 148 3.95 3.25 50.63
C ARG C 148 3.58 2.65 49.30
N ILE C 149 3.60 3.48 48.27
CA ILE C 149 3.41 2.99 46.91
C ILE C 149 4.58 3.47 46.06
N GLY C 150 5.27 2.50 45.45
CA GLY C 150 6.33 2.79 44.52
C GLY C 150 5.90 2.46 43.11
N PHE C 151 6.48 3.15 42.15
CA PHE C 151 6.22 2.89 40.76
C PHE C 151 7.54 2.62 40.07
N PHE C 152 7.54 1.69 39.12
CA PHE C 152 8.71 1.50 38.29
C PHE C 152 8.31 1.50 36.83
N LEU C 153 9.00 2.32 36.03
CA LEU C 153 8.73 2.49 34.61
C LEU C 153 9.71 1.64 33.84
N HIS C 154 9.20 0.65 33.10
CA HIS C 154 10.07 -0.32 32.45
C HIS C 154 10.58 0.19 31.11
N ILE C 155 9.98 1.27 30.63
CA ILE C 155 10.28 1.81 29.31
C ILE C 155 10.88 3.20 29.46
N PRO C 156 11.36 3.84 28.39
CA PRO C 156 11.95 5.17 28.55
C PRO C 156 10.91 6.19 28.98
N PHE C 157 11.36 7.26 29.62
CA PHE C 157 10.50 8.42 29.85
C PHE C 157 11.03 9.46 28.88
N PRO C 158 10.20 9.95 27.96
CA PRO C 158 10.72 10.82 26.89
C PRO C 158 10.90 12.27 27.32
N THR C 159 11.82 13.03 26.70
CA THR C 159 12.02 14.46 27.04
C THR C 159 10.74 15.27 26.83
N PRO C 160 10.67 16.41 27.50
CA PRO C 160 9.51 17.31 27.41
C PRO C 160 9.03 17.56 25.97
N GLU C 161 9.95 17.83 25.05
CA GLU C 161 9.56 18.15 23.67
C GLU C 161 8.70 17.07 23.05
N ILE C 162 8.86 15.83 23.51
CA ILE C 162 8.00 14.72 23.12
C ILE C 162 6.84 14.49 24.10
N PHE C 163 7.16 14.42 25.39
CA PHE C 163 6.13 14.11 26.37
C PHE C 163 4.99 15.12 26.34
N ASN C 164 5.31 16.42 26.20
CA ASN C 164 4.30 17.47 26.23
C ASN C 164 3.33 17.50 25.07
N ALA C 165 3.57 16.63 24.09
CA ALA C 165 2.67 16.51 22.96
C ALA C 165 1.49 15.67 23.34
N LEU C 166 1.64 14.84 24.35
CA LEU C 166 0.51 14.06 24.86
C LEU C 166 -0.59 15.02 25.34
N PRO C 167 -1.77 14.97 24.74
CA PRO C 167 -2.84 15.93 25.10
C PRO C 167 -3.14 15.98 26.60
N THR C 168 -2.63 14.97 27.28
CA THR C 168 -3.13 14.62 28.59
C THR C 168 -1.93 14.51 29.54
N TYR C 169 -0.77 14.98 29.07
CA TYR C 169 0.52 14.93 29.78
C TYR C 169 0.44 15.55 31.19
N ASP C 170 -0.23 16.67 31.17
CA ASP C 170 -0.86 17.34 32.25
C ASP C 170 -1.26 16.48 33.45
N THR C 171 -2.33 15.72 33.28
CA THR C 171 -2.89 14.86 34.29
C THR C 171 -1.93 13.74 34.66
N LEU C 172 -1.21 13.24 33.68
CA LEU C 172 -0.30 12.13 33.88
C LEU C 172 0.75 12.51 34.90
N LEU C 173 1.27 13.73 34.78
CA LEU C 173 2.34 14.21 35.64
C LEU C 173 1.84 14.42 37.06
N GLU C 174 0.66 15.05 37.19
CA GLU C 174 0.01 15.27 38.49
C GLU C 174 -0.07 13.94 39.22
N GLN C 175 -0.53 12.92 38.51
CA GLN C 175 -0.88 11.64 39.11
C GLN C 175 0.32 10.80 39.45
N LEU C 176 1.39 10.92 38.68
CA LEU C 176 2.64 10.26 39.01
C LEU C 176 3.18 10.73 40.37
N CYS C 177 2.93 12.00 40.70
CA CYS C 177 3.39 12.53 41.99
C CYS C 177 2.62 12.03 43.21
N ASP C 178 1.66 11.13 42.99
CA ASP C 178 0.96 10.49 44.11
C ASP C 178 1.71 9.23 44.58
N TYR C 179 2.67 8.78 43.77
CA TYR C 179 3.59 7.72 44.19
C TYR C 179 4.57 8.28 45.18
N ASP C 180 4.99 7.45 46.12
CA ASP C 180 6.01 7.82 47.09
C ASP C 180 7.38 7.72 46.47
N LEU C 181 7.55 6.75 45.58
CA LEU C 181 8.83 6.48 44.97
C LEU C 181 8.60 6.19 43.52
N LEU C 182 9.35 6.87 42.65
CA LEU C 182 9.30 6.64 41.20
C LEU C 182 10.65 6.11 40.76
N GLY C 183 10.65 4.92 40.17
CA GLY C 183 11.87 4.27 39.74
C GLY C 183 11.97 4.24 38.23
N PHE C 184 13.18 4.43 37.71
CA PHE C 184 13.40 4.52 36.27
C PHE C 184 14.54 3.62 35.88
N GLN C 185 14.65 3.30 34.59
CA GLN C 185 15.73 2.41 34.18
C GLN C 185 17.07 3.04 33.99
N THR C 186 17.10 4.31 33.63
CA THR C 186 18.35 5.02 33.43
C THR C 186 18.26 6.41 34.03
N GLU C 187 19.41 6.99 34.36
CA GLU C 187 19.42 8.37 34.81
C GLU C 187 18.69 9.31 33.83
N ASN C 188 18.92 9.16 32.53
CA ASN C 188 18.19 10.00 31.58
C ASN C 188 16.66 9.95 31.68
N ASP C 189 16.10 8.77 31.91
CA ASP C 189 14.66 8.65 32.13
C ASP C 189 14.19 9.47 33.36
N ARG C 190 14.92 9.35 34.46
CA ARG C 190 14.60 10.08 35.67
C ARG C 190 14.64 11.58 35.43
N LEU C 191 15.76 12.05 34.88
CA LEU C 191 15.94 13.47 34.55
C LEU C 191 14.86 13.98 33.60
N ALA C 192 14.48 13.17 32.60
CA ALA C 192 13.44 13.53 31.67
C ALA C 192 12.11 13.76 32.36
N PHE C 193 11.70 12.83 33.23
CA PHE C 193 10.50 13.01 34.05
C PHE C 193 10.56 14.31 34.86
N LEU C 194 11.70 14.56 35.49
CA LEU C 194 11.87 15.73 36.36
C LEU C 194 11.78 17.04 35.56
N ASP C 195 12.26 16.96 34.33
CA ASP C 195 12.15 18.04 33.38
C ASP C 195 10.73 18.37 33.02
N CYS C 196 10.01 17.35 32.58
CA CYS C 196 8.59 17.47 32.25
C CYS C 196 7.86 18.09 33.44
N LEU C 197 8.11 17.54 34.63
CA LEU C 197 7.46 18.06 35.84
C LEU C 197 7.78 19.54 36.02
N SER C 198 9.06 19.91 35.95
CA SER C 198 9.47 21.31 36.10
C SER C 198 8.85 22.28 35.10
N ASN C 199 8.50 21.81 33.91
CA ASN C 199 7.91 22.68 32.92
C ASN C 199 6.50 23.07 33.28
N LEU C 200 5.83 22.19 34.02
CA LEU C 200 4.44 22.34 34.39
C LEU C 200 4.28 23.10 35.70
N THR C 201 5.07 22.73 36.70
CA THR C 201 4.93 23.28 38.04
C THR C 201 6.30 23.42 38.70
N ARG C 202 6.37 24.19 39.79
CA ARG C 202 7.60 24.30 40.55
C ARG C 202 7.91 23.03 41.33
N VAL C 203 9.08 22.46 41.10
CA VAL C 203 9.53 21.32 41.91
C VAL C 203 10.72 21.66 42.81
N THR C 204 10.52 21.51 44.12
CA THR C 204 11.59 21.70 45.08
C THR C 204 12.36 20.41 45.25
N THR C 205 13.68 20.50 45.22
CA THR C 205 14.52 19.34 45.41
C THR C 205 15.58 19.75 46.40
N ARG C 206 15.34 19.42 47.66
CA ARG C 206 16.25 19.84 48.74
C ARG C 206 17.33 18.79 49.07
N SER C 207 17.19 17.61 48.47
CA SER C 207 18.13 16.51 48.68
C SER C 207 18.36 15.67 47.44
N ALA C 208 19.42 14.87 47.49
CA ALA C 208 19.63 13.83 46.51
C ALA C 208 18.27 13.17 46.22
N LYS C 209 17.64 13.52 45.09
CA LYS C 209 16.54 12.73 44.54
C LYS C 209 15.27 12.69 45.40
N SER C 210 14.97 13.80 46.05
CA SER C 210 13.81 13.90 46.94
C SER C 210 13.08 15.21 46.64
N HIS C 211 11.80 15.11 46.29
CA HIS C 211 11.10 16.21 45.62
C HIS C 211 9.75 16.60 46.21
N THR C 212 9.31 17.80 45.86
CA THR C 212 8.00 18.34 46.21
C THR C 212 7.41 18.97 44.95
N ALA C 213 6.17 18.60 44.63
CA ALA C 213 5.42 19.28 43.58
C ALA C 213 3.98 19.34 44.00
N TRP C 214 3.37 20.52 43.87
CA TRP C 214 1.99 20.77 44.30
C TRP C 214 1.78 20.32 45.75
N GLY C 215 2.79 20.52 46.60
CA GLY C 215 2.74 20.05 47.98
C GLY C 215 2.78 18.54 48.19
N LYS C 216 2.99 17.76 47.13
CA LYS C 216 3.12 16.32 47.27
C LYS C 216 4.61 15.94 47.35
N ALA C 217 4.98 15.17 48.36
CA ALA C 217 6.36 14.68 48.50
C ALA C 217 6.55 13.35 47.79
N PHE C 218 7.69 13.16 47.15
CA PHE C 218 8.00 11.91 46.47
C PHE C 218 9.50 11.80 46.18
N ARG C 219 9.98 10.58 45.95
CA ARG C 219 11.39 10.32 45.66
C ARG C 219 11.57 9.75 44.25
N THR C 220 12.69 10.05 43.62
CA THR C 220 13.02 9.41 42.34
C THR C 220 14.35 8.69 42.47
N GLU C 221 14.56 7.67 41.65
CA GLU C 221 15.78 6.85 41.69
C GLU C 221 15.89 5.97 40.44
N VAL C 222 17.09 5.45 40.21
CA VAL C 222 17.36 4.63 39.03
C VAL C 222 17.67 3.20 39.47
N TYR C 223 16.97 2.24 38.87
CA TYR C 223 17.22 0.83 39.15
C TYR C 223 17.19 0.06 37.82
N PRO C 224 18.33 -0.05 37.15
CA PRO C 224 18.35 -0.80 35.89
C PRO C 224 18.01 -2.26 36.11
N ILE C 225 16.98 -2.68 35.41
CA ILE C 225 16.47 -4.05 35.56
C ILE C 225 17.46 -5.06 34.99
N GLY C 226 17.57 -6.19 35.66
CA GLY C 226 18.57 -7.16 35.29
C GLY C 226 18.00 -8.54 35.15
N ILE C 227 18.92 -9.50 35.24
CA ILE C 227 18.72 -10.85 34.81
C ILE C 227 19.28 -11.76 35.94
N GLU C 228 18.99 -13.06 35.90
CA GLU C 228 19.57 -14.05 36.85
C GLU C 228 20.74 -14.78 36.19
N PRO C 229 21.98 -14.28 36.33
CA PRO C 229 23.10 -14.75 35.49
C PRO C 229 23.43 -16.19 35.74
N LYS C 230 23.29 -16.62 37.00
CA LYS C 230 23.54 -17.99 37.40
C LYS C 230 22.51 -18.94 36.76
N GLU C 231 21.23 -18.60 36.83
CA GLU C 231 20.21 -19.44 36.21
C GLU C 231 20.33 -19.55 34.69
N ILE C 232 20.62 -18.45 33.98
CA ILE C 232 20.79 -18.58 32.53
C ILE C 232 22.04 -19.36 32.14
N ALA C 233 23.11 -19.23 32.93
CA ALA C 233 24.27 -20.08 32.76
C ALA C 233 23.82 -21.53 32.73
N LYS C 234 23.07 -21.94 33.76
CA LYS C 234 22.55 -23.31 33.89
C LYS C 234 21.71 -23.68 32.67
N GLN C 235 20.73 -22.85 32.31
CA GLN C 235 19.88 -23.26 31.20
C GLN C 235 20.59 -23.25 29.84
N ALA C 236 21.54 -22.32 29.65
CA ALA C 236 22.36 -22.26 28.43
C ALA C 236 23.27 -23.49 28.22
N ALA C 237 23.66 -24.14 29.31
CA ALA C 237 24.56 -25.29 29.23
C ALA C 237 23.85 -26.64 29.11
N GLY C 238 22.52 -26.63 29.23
CA GLY C 238 21.72 -27.84 29.10
C GLY C 238 21.76 -28.37 27.68
N PRO C 239 21.45 -29.65 27.48
CA PRO C 239 21.57 -30.25 26.14
C PRO C 239 20.65 -29.57 25.14
N LEU C 240 21.05 -29.53 23.86
CA LEU C 240 20.17 -28.98 22.82
C LEU C 240 19.11 -30.00 22.41
N PRO C 241 17.92 -29.53 22.04
CA PRO C 241 16.94 -30.41 21.39
C PRO C 241 17.59 -31.13 20.20
N PRO C 242 17.21 -32.39 19.91
CA PRO C 242 17.96 -33.22 18.96
C PRO C 242 18.13 -32.55 17.59
N LYS C 243 17.05 -31.93 17.09
CA LYS C 243 17.02 -31.24 15.81
C LYS C 243 18.10 -30.11 15.77
N LEU C 244 18.30 -29.42 16.89
CA LEU C 244 19.24 -28.29 16.95
C LEU C 244 20.66 -28.79 17.18
N ALA C 245 20.78 -29.92 17.87
CA ALA C 245 22.06 -30.62 18.01
C ALA C 245 22.65 -30.94 16.63
N GLN C 246 21.78 -31.38 15.72
CA GLN C 246 22.10 -31.57 14.30
C GLN C 246 22.59 -30.27 13.68
N LEU C 247 21.72 -29.24 13.69
CA LEU C 247 22.03 -28.00 12.98
C LEU C 247 23.38 -27.44 13.44
N LYS C 248 23.70 -27.55 14.73
CA LYS C 248 24.96 -27.04 15.25
C LYS C 248 26.15 -27.75 14.56
N ALA C 249 26.06 -29.10 14.49
CA ALA C 249 27.03 -29.91 13.74
C ALA C 249 27.18 -29.49 12.25
N GLU C 250 26.05 -29.19 11.58
CA GLU C 250 26.01 -28.87 10.15
C GLU C 250 26.55 -27.43 9.86
N LEU C 251 26.43 -26.55 10.86
CA LEU C 251 26.77 -25.14 10.70
C LEU C 251 28.16 -24.86 11.31
N LYS C 252 28.96 -25.91 11.39
CA LYS C 252 30.30 -25.88 11.96
C LYS C 252 31.24 -24.84 11.35
N ASN C 253 31.03 -24.47 10.07
CA ASN C 253 31.88 -23.47 9.40
C ASN C 253 31.06 -22.31 8.93
N VAL C 254 29.88 -22.19 9.50
CA VAL C 254 29.08 -21.00 9.31
C VAL C 254 29.03 -20.24 10.64
N GLN C 255 29.27 -18.94 10.61
CA GLN C 255 29.08 -18.13 11.81
C GLN C 255 27.62 -17.62 11.89
N ASN C 256 27.11 -17.56 13.11
CA ASN C 256 25.72 -17.22 13.36
C ASN C 256 25.59 -15.84 14.01
N ILE C 257 24.85 -14.96 13.35
CA ILE C 257 24.38 -13.72 13.93
C ILE C 257 22.93 -13.92 14.33
N PHE C 258 22.59 -13.56 15.54
CA PHE C 258 21.33 -13.96 16.08
C PHE C 258 20.68 -12.76 16.78
N SER C 259 19.37 -12.65 16.59
CA SER C 259 18.59 -11.62 17.22
C SER C 259 17.29 -12.25 17.68
N VAL C 260 16.77 -11.76 18.80
CA VAL C 260 15.43 -12.14 19.21
C VAL C 260 14.72 -10.96 19.92
N GLU C 261 13.45 -10.75 19.58
CA GLU C 261 12.61 -9.75 20.25
C GLU C 261 11.19 -9.88 19.76
N ARG C 262 10.27 -9.30 20.51
CA ARG C 262 8.92 -9.04 20.02
C ARG C 262 9.02 -8.22 18.74
N LEU C 263 8.11 -8.50 17.80
CA LEU C 263 8.05 -7.75 16.56
C LEU C 263 7.42 -6.38 16.85
N ASP C 264 8.26 -5.42 17.24
CA ASP C 264 7.81 -4.12 17.69
C ASP C 264 8.60 -3.09 16.90
N TYR C 265 7.98 -1.98 16.52
CA TYR C 265 8.69 -0.97 15.76
C TYR C 265 9.77 -0.26 16.61
N SER C 266 9.72 -0.42 17.91
CA SER C 266 10.76 0.17 18.77
C SER C 266 12.11 -0.54 18.56
N LYS C 267 12.03 -1.79 18.10
CA LYS C 267 13.20 -2.64 17.92
C LYS C 267 14.01 -2.43 16.64
N GLY C 268 13.53 -1.62 15.69
CA GLY C 268 14.32 -1.31 14.50
C GLY C 268 14.70 -2.50 13.63
N LEU C 269 13.82 -3.47 13.55
CA LEU C 269 14.06 -4.64 12.71
C LEU C 269 14.33 -4.35 11.19
N PRO C 270 13.53 -3.49 10.53
CA PRO C 270 13.82 -3.15 9.14
C PRO C 270 15.21 -2.53 9.01
N GLU C 271 15.58 -1.64 9.93
CA GLU C 271 16.89 -0.98 9.84
C GLU C 271 17.97 -2.05 10.00
N ARG C 272 17.69 -3.02 10.84
CA ARG C 272 18.61 -4.11 11.08
C ARG C 272 18.83 -4.90 9.81
N PHE C 273 17.72 -5.28 9.15
CA PHE C 273 17.75 -6.01 7.88
C PHE C 273 18.57 -5.22 6.84
N LEU C 274 18.43 -3.92 6.87
CA LEU C 274 19.18 -3.06 5.96
C LEU C 274 20.68 -3.08 6.27
N ALA C 275 21.02 -3.14 7.56
CA ALA C 275 22.41 -3.22 8.01
C ALA C 275 22.99 -4.56 7.58
N TYR C 276 22.21 -5.63 7.73
CA TYR C 276 22.62 -6.92 7.20
C TYR C 276 22.82 -6.93 5.69
N GLU C 277 21.90 -6.37 4.95
CA GLU C 277 22.14 -6.16 3.53
C GLU C 277 23.46 -5.40 3.26
N ALA C 278 23.70 -4.29 3.97
CA ALA C 278 24.94 -3.55 3.76
C ALA C 278 26.15 -4.45 4.06
N LEU C 279 26.03 -5.35 5.03
CA LEU C 279 27.14 -6.26 5.34
C LEU C 279 27.40 -7.16 4.16
N LEU C 280 26.35 -7.68 3.59
CA LEU C 280 26.47 -8.59 2.47
C LEU C 280 26.98 -7.84 1.23
N GLU C 281 26.53 -6.59 1.05
CA GLU C 281 26.97 -5.78 -0.09
C GLU C 281 28.43 -5.45 -0.01
N LYS C 282 28.86 -4.94 1.13
CA LYS C 282 30.19 -4.38 1.23
C LYS C 282 31.24 -5.37 1.74
N TYR C 283 30.79 -6.49 2.26
CA TYR C 283 31.70 -7.52 2.71
C TYR C 283 31.31 -8.86 2.05
N PRO C 284 31.49 -8.98 0.74
CA PRO C 284 31.24 -10.25 0.01
C PRO C 284 32.05 -11.52 0.49
N GLN C 285 33.10 -11.34 1.29
CA GLN C 285 33.90 -12.47 1.81
C GLN C 285 33.09 -13.35 2.75
N HIS C 286 31.99 -12.80 3.27
CA HIS C 286 31.19 -13.50 4.26
C HIS C 286 30.11 -14.37 3.57
N HIS C 287 29.96 -14.26 2.25
CA HIS C 287 28.87 -14.96 1.57
C HIS C 287 29.00 -16.47 1.73
N GLY C 288 27.95 -17.12 2.20
CA GLY C 288 27.97 -18.57 2.33
C GLY C 288 28.63 -19.03 3.62
N LYS C 289 29.19 -18.08 4.37
CA LYS C 289 29.91 -18.42 5.58
C LYS C 289 29.30 -17.82 6.83
N ILE C 290 28.24 -17.02 6.68
CA ILE C 290 27.58 -16.49 7.84
C ILE C 290 26.10 -16.72 7.67
N ARG C 291 25.36 -16.41 8.72
CA ARG C 291 23.90 -16.54 8.74
C ARG C 291 23.34 -15.56 9.76
N TYR C 292 22.30 -14.82 9.39
CA TYR C 292 21.64 -13.97 10.35
C TYR C 292 20.27 -14.56 10.60
N THR C 293 20.00 -14.96 11.85
CA THR C 293 18.70 -15.48 12.22
C THR C 293 18.00 -14.47 13.10
N GLN C 294 16.77 -14.09 12.68
CA GLN C 294 15.95 -13.15 13.43
C GLN C 294 14.69 -13.83 13.95
N ILE C 295 14.54 -13.88 15.24
CA ILE C 295 13.33 -14.40 15.79
C ILE C 295 12.48 -13.25 16.28
N ALA C 296 11.22 -13.23 15.85
CA ALA C 296 10.35 -12.08 16.08
C ALA C 296 8.92 -12.53 16.18
N PRO C 297 8.49 -12.99 17.35
CA PRO C 297 7.09 -13.35 17.56
C PRO C 297 6.21 -12.09 17.45
N THR C 298 5.02 -12.23 16.88
CA THR C 298 4.07 -11.15 16.80
C THR C 298 3.70 -10.68 18.20
N SER C 299 3.64 -9.38 18.36
CA SER C 299 3.26 -8.73 19.60
C SER C 299 2.17 -7.72 19.27
N ARG C 300 1.11 -7.66 20.06
CA ARG C 300 0.11 -6.58 19.95
C ARG C 300 -0.46 -6.45 18.51
N GLY C 301 -0.77 -7.61 17.94
CA GLY C 301 -1.01 -7.74 16.50
C GLY C 301 -2.30 -7.12 16.04
N ASP C 302 -3.13 -6.69 16.98
CA ASP C 302 -4.37 -5.95 16.66
C ASP C 302 -4.10 -4.46 16.38
N VAL C 303 -2.93 -3.95 16.74
CA VAL C 303 -2.67 -2.55 16.56
C VAL C 303 -2.09 -2.28 15.18
N GLN C 304 -2.71 -1.35 14.47
CA GLN C 304 -2.36 -1.13 13.06
C GLN C 304 -0.87 -0.95 12.86
N ALA C 305 -0.24 -0.14 13.69
CA ALA C 305 1.19 0.10 13.55
C ALA C 305 2.04 -1.19 13.63
N TYR C 306 1.60 -2.17 14.42
CA TYR C 306 2.26 -3.47 14.53
C TYR C 306 2.07 -4.34 13.29
N GLN C 307 0.86 -4.35 12.74
CA GLN C 307 0.63 -5.01 11.47
C GLN C 307 1.53 -4.39 10.40
N ASP C 308 1.62 -3.07 10.35
CA ASP C 308 2.43 -2.43 9.32
C ASP C 308 3.91 -2.87 9.37
N ILE C 309 4.48 -2.91 10.55
CA ILE C 309 5.88 -3.22 10.69
C ILE C 309 6.15 -4.67 10.32
N ARG C 310 5.23 -5.51 10.70
CA ARG C 310 5.32 -6.90 10.35
C ARG C 310 5.29 -7.11 8.83
N HIS C 311 4.36 -6.48 8.12
CA HIS C 311 4.33 -6.61 6.66
C HIS C 311 5.61 -6.10 6.05
N GLN C 312 6.14 -5.01 6.61
CA GLN C 312 7.36 -4.45 6.10
C GLN C 312 8.49 -5.47 6.29
N LEU C 313 8.55 -6.06 7.47
CA LEU C 313 9.61 -7.02 7.73
C LEU C 313 9.52 -8.24 6.80
N GLU C 314 8.32 -8.76 6.56
CA GLU C 314 8.16 -9.87 5.63
C GLU C 314 8.69 -9.50 4.24
N ASN C 315 8.43 -8.27 3.79
CA ASN C 315 8.91 -7.83 2.48
C ASN C 315 10.42 -7.82 2.39
N GLU C 316 11.05 -7.24 3.41
CA GLU C 316 12.50 -7.20 3.46
C GLU C 316 13.15 -8.59 3.53
N ALA C 317 12.56 -9.54 4.27
CA ALA C 317 13.14 -10.87 4.29
C ALA C 317 13.11 -11.51 2.89
N GLY C 318 11.94 -11.43 2.22
CA GLY C 318 11.79 -11.92 0.87
C GLY C 318 12.77 -11.22 -0.06
N ARG C 319 12.90 -9.90 0.05
CA ARG C 319 13.76 -9.15 -0.87
C ARG C 319 15.23 -9.50 -0.71
N ILE C 320 15.69 -9.53 0.54
CA ILE C 320 17.11 -9.71 0.80
C ILE C 320 17.53 -11.10 0.40
N ASN C 321 16.81 -12.12 0.85
CA ASN C 321 17.05 -13.48 0.40
C ASN C 321 16.93 -13.63 -1.09
N GLY C 322 16.02 -12.90 -1.72
CA GLY C 322 15.87 -13.02 -3.14
C GLY C 322 17.14 -12.58 -3.86
N LYS C 323 17.78 -11.58 -3.27
CA LYS C 323 18.80 -10.86 -3.94
C LYS C 323 20.15 -11.49 -3.65
N TYR C 324 20.36 -11.97 -2.43
CA TYR C 324 21.67 -12.49 -2.03
C TYR C 324 21.65 -13.99 -1.79
N GLY C 325 20.49 -14.63 -1.82
CA GLY C 325 20.45 -16.07 -1.59
C GLY C 325 21.13 -16.81 -2.71
N GLN C 326 21.45 -18.07 -2.47
CA GLN C 326 22.01 -18.96 -3.50
C GLN C 326 21.29 -20.29 -3.37
N LEU C 327 21.49 -21.19 -4.31
CA LEU C 327 20.71 -22.43 -4.24
C LEU C 327 20.90 -23.16 -2.91
N GLY C 328 22.12 -23.08 -2.35
CA GLY C 328 22.43 -23.70 -1.08
C GLY C 328 22.83 -22.74 0.02
N TRP C 329 22.23 -21.56 0.06
CA TRP C 329 22.56 -20.61 1.11
C TRP C 329 21.49 -19.53 1.25
N THR C 330 20.79 -19.55 2.37
CA THR C 330 19.86 -18.51 2.73
C THR C 330 20.55 -17.57 3.71
N PRO C 331 20.82 -16.33 3.30
CA PRO C 331 21.51 -15.38 4.15
C PRO C 331 20.79 -15.01 5.43
N LEU C 332 19.47 -15.05 5.40
CA LEU C 332 18.67 -14.50 6.48
C LEU C 332 17.52 -15.45 6.84
N TYR C 333 17.43 -15.83 8.11
CA TYR C 333 16.39 -16.72 8.61
C TYR C 333 15.48 -15.90 9.48
N TYR C 334 14.31 -15.52 8.96
CA TYR C 334 13.36 -14.72 9.70
C TYR C 334 12.24 -15.63 10.19
N LEU C 335 12.04 -15.65 11.49
CA LEU C 335 11.04 -16.55 12.06
C LEU C 335 10.09 -15.74 12.91
N ASN C 336 8.84 -15.75 12.51
CA ASN C 336 7.79 -14.95 13.14
C ASN C 336 7.10 -15.86 14.15
N GLN C 337 7.91 -16.34 15.10
CA GLN C 337 7.48 -17.37 16.02
C GLN C 337 8.00 -17.10 17.40
N HIS C 338 7.27 -17.58 18.39
CA HIS C 338 7.72 -17.49 19.76
C HIS C 338 8.59 -18.68 20.10
N PHE C 339 9.71 -18.42 20.74
CA PHE C 339 10.57 -19.49 21.24
C PHE C 339 10.60 -19.48 22.77
N ASP C 340 10.61 -20.68 23.35
CA ASP C 340 10.77 -20.81 24.79
C ASP C 340 12.08 -20.08 25.17
N ARG C 341 12.03 -19.30 26.24
CA ARG C 341 13.22 -18.67 26.85
C ARG C 341 14.39 -19.64 27.26
N LYS C 342 14.05 -20.78 27.84
CA LYS C 342 15.03 -21.84 28.11
C LYS C 342 15.85 -22.16 26.86
N LEU C 343 15.18 -22.28 25.73
CA LEU C 343 15.82 -22.69 24.50
C LEU C 343 16.65 -21.56 23.94
N LEU C 344 16.16 -20.34 24.09
CA LEU C 344 16.86 -19.19 23.60
C LEU C 344 18.23 -19.05 24.26
N LYS C 346 20.24 -21.36 25.19
CA LYS C 346 21.13 -22.27 24.48
C LYS C 346 21.52 -21.65 23.11
N ILE C 347 20.54 -21.13 22.40
CA ILE C 347 20.80 -20.58 21.06
C ILE C 347 21.68 -19.31 21.03
N PHE C 348 21.52 -18.47 22.05
CA PHE C 348 22.54 -17.46 22.41
C PHE C 348 23.96 -18.07 22.60
N ARG C 349 24.09 -19.12 23.43
CA ARG C 349 25.40 -19.72 23.74
C ARG C 349 26.10 -20.11 22.44
N TYR C 350 25.33 -20.59 21.47
CA TYR C 350 25.95 -21.13 20.28
C TYR C 350 26.06 -20.14 19.15
N SER C 351 25.66 -18.90 19.42
CA SER C 351 25.73 -17.81 18.45
C SER C 351 27.03 -17.08 18.55
N ASP C 352 27.61 -16.70 17.41
CA ASP C 352 28.88 -16.00 17.42
C ASP C 352 28.68 -14.52 17.72
N VAL C 353 27.52 -14.02 17.31
CA VAL C 353 27.21 -12.57 17.38
C VAL C 353 25.74 -12.23 17.71
N GLY C 354 25.53 -11.45 18.75
CA GLY C 354 24.18 -11.17 19.21
C GLY C 354 23.97 -9.77 18.74
N LEU C 355 22.90 -9.60 17.96
CA LEU C 355 22.64 -8.35 17.33
C LEU C 355 21.46 -7.74 18.03
N VAL C 356 21.71 -6.68 18.79
CA VAL C 356 20.64 -6.05 19.55
C VAL C 356 20.63 -4.56 19.30
N THR C 357 19.90 -4.13 18.29
CA THR C 357 19.97 -2.74 17.89
C THR C 357 18.60 -2.08 17.80
N PRO C 358 17.87 -2.04 18.92
CA PRO C 358 16.60 -1.31 18.96
C PRO C 358 16.81 0.16 18.65
N LEU C 359 15.78 0.80 18.11
CA LEU C 359 15.83 2.24 17.87
C LEU C 359 15.70 2.94 19.22
N ARG C 360 14.93 2.34 20.11
CA ARG C 360 14.70 2.92 21.41
C ARG C 360 14.21 1.85 22.36
N ASP C 361 14.85 1.74 23.52
CA ASP C 361 14.54 0.63 24.41
C ASP C 361 14.81 1.01 25.84
N GLY C 362 13.86 0.77 26.73
CA GLY C 362 14.02 1.04 28.15
C GLY C 362 15.26 0.39 28.75
N ASN C 364 16.37 -3.47 27.59
CA ASN C 364 16.64 -4.61 26.72
C ASN C 364 17.32 -5.78 27.44
N LEU C 365 16.54 -6.72 27.93
CA LEU C 365 17.08 -7.87 28.64
C LEU C 365 17.74 -8.90 27.73
N VAL C 366 17.30 -8.97 26.48
CA VAL C 366 17.91 -9.88 25.52
C VAL C 366 19.43 -9.64 25.47
N ALA C 367 19.85 -8.38 25.53
CA ALA C 367 21.27 -8.05 25.51
C ALA C 367 22.00 -8.65 26.70
N LYS C 368 21.40 -8.54 27.89
CA LYS C 368 22.03 -9.07 29.09
C LYS C 368 21.99 -10.59 29.08
N GLU C 369 20.89 -11.17 28.59
CA GLU C 369 20.76 -12.61 28.52
C GLU C 369 21.79 -13.17 27.58
N TYR C 370 22.03 -12.45 26.49
CA TYR C 370 23.01 -12.84 25.47
C TYR C 370 24.37 -12.97 26.11
N VAL C 371 24.78 -12.00 26.95
CA VAL C 371 26.11 -12.11 27.60
C VAL C 371 26.14 -13.19 28.68
N ALA C 372 25.09 -13.27 29.50
CA ALA C 372 25.01 -14.24 30.58
C ALA C 372 25.08 -15.68 30.09
N ALA C 373 24.71 -15.89 28.83
CA ALA C 373 24.58 -17.23 28.29
C ALA C 373 25.84 -17.69 27.61
N GLN C 374 26.69 -16.74 27.20
CA GLN C 374 27.95 -17.16 26.58
C GLN C 374 28.84 -18.06 27.49
N ASP C 375 29.54 -19.01 26.85
CA ASP C 375 30.61 -19.80 27.44
C ASP C 375 31.81 -18.86 27.70
N PRO C 376 32.12 -18.58 28.96
CA PRO C 376 33.19 -17.60 29.27
C PRO C 376 34.52 -17.92 28.57
N ALA C 377 34.82 -19.20 28.35
CA ALA C 377 36.04 -19.63 27.66
C ALA C 377 36.07 -19.39 26.14
N ASN C 378 34.89 -19.14 25.54
CA ASN C 378 34.77 -18.93 24.10
C ASN C 378 33.46 -18.13 23.74
N PRO C 379 33.39 -16.87 24.18
CA PRO C 379 32.16 -16.09 24.09
C PRO C 379 31.97 -15.37 22.76
N GLY C 380 30.70 -15.20 22.38
CA GLY C 380 30.32 -14.39 21.23
C GLY C 380 30.49 -12.90 21.51
N VAL C 381 30.17 -12.12 20.50
CA VAL C 381 30.25 -10.68 20.61
C VAL C 381 28.87 -10.05 20.60
N LEU C 382 28.66 -9.08 21.48
CA LEU C 382 27.44 -8.30 21.54
C LEU C 382 27.56 -7.03 20.69
N VAL C 383 26.68 -6.86 19.72
CA VAL C 383 26.56 -5.59 18.95
C VAL C 383 25.29 -4.93 19.46
N LEU C 384 25.40 -3.72 20.00
CA LEU C 384 24.36 -3.09 20.80
C LEU C 384 24.05 -1.65 20.37
N SER C 385 22.78 -1.35 20.18
CA SER C 385 22.39 0.02 19.91
C SER C 385 22.67 0.92 21.10
N GLN C 386 23.25 2.09 20.83
CA GLN C 386 23.42 3.10 21.86
C GLN C 386 22.11 3.58 22.49
N PHE C 387 20.98 3.26 21.87
CA PHE C 387 19.70 3.77 22.37
C PHE C 387 19.03 2.79 23.30
N ALA C 388 19.64 1.62 23.51
CA ALA C 388 19.09 0.69 24.47
C ALA C 388 19.61 1.10 25.84
N GLY C 389 18.69 1.16 26.80
CA GLY C 389 19.08 1.38 28.18
C GLY C 389 20.29 0.55 28.59
N ALA C 390 20.41 -0.67 28.08
CA ALA C 390 21.58 -1.51 28.40
C ALA C 390 22.93 -0.93 28.08
N ALA C 391 22.98 -0.03 27.10
CA ALA C 391 24.23 0.58 26.68
C ALA C 391 24.89 1.40 27.77
N ASN C 392 24.12 1.87 28.75
CA ASN C 392 24.72 2.57 29.89
C ASN C 392 25.61 1.66 30.71
N GLU C 393 25.28 0.36 30.74
CA GLU C 393 26.14 -0.54 31.52
C GLU C 393 27.00 -1.53 30.69
N LEU C 394 26.51 -1.94 29.52
CA LEU C 394 27.23 -2.89 28.66
C LEU C 394 28.20 -2.17 27.73
N THR C 395 28.98 -1.35 28.39
CA THR C 395 29.87 -0.40 27.78
C THR C 395 30.95 -1.06 26.92
N SER C 396 31.15 -2.36 27.11
CA SER C 396 32.19 -3.12 26.40
C SER C 396 31.67 -3.87 25.19
N ALA C 397 30.36 -3.79 24.96
CA ALA C 397 29.78 -4.26 23.71
C ALA C 397 30.26 -3.38 22.55
N LEU C 398 30.09 -3.85 21.32
CA LEU C 398 30.28 -3.01 20.16
C LEU C 398 29.07 -2.07 20.03
N ILE C 399 29.23 -0.83 20.49
CA ILE C 399 28.12 0.13 20.55
C ILE C 399 28.01 0.80 19.22
N VAL C 400 26.78 0.82 18.69
CA VAL C 400 26.49 1.35 17.36
C VAL C 400 25.21 2.18 17.31
N ASN C 401 25.13 3.03 16.28
CA ASN C 401 23.96 3.84 15.98
C ASN C 401 23.14 3.17 14.84
N PRO C 402 21.99 2.58 15.15
CA PRO C 402 21.25 1.85 14.12
C PRO C 402 20.81 2.69 12.92
N TYR C 403 20.80 4.02 13.02
CA TYR C 403 20.42 4.89 11.91
C TYR C 403 21.54 4.99 10.89
N ASP C 404 22.66 4.36 11.18
CA ASP C 404 23.77 4.32 10.25
C ASP C 404 24.02 2.87 9.87
N ARG C 405 23.36 2.39 8.83
CA ARG C 405 23.48 0.98 8.54
C ARG C 405 24.92 0.51 8.32
N ASP C 406 25.78 1.37 7.79
CA ASP C 406 27.16 0.98 7.49
C ASP C 406 27.99 0.87 8.76
N GLU C 407 27.75 1.74 9.74
CA GLU C 407 28.33 1.56 11.06
C GLU C 407 27.90 0.21 11.66
N VAL C 408 26.64 -0.18 11.48
CA VAL C 408 26.19 -1.46 12.02
C VAL C 408 26.84 -2.60 11.23
N ALA C 409 26.90 -2.49 9.91
CA ALA C 409 27.55 -3.54 9.13
C ALA C 409 29.00 -3.71 9.56
N ALA C 410 29.71 -2.59 9.74
CA ALA C 410 31.12 -2.64 10.11
C ALA C 410 31.33 -3.33 11.47
N ALA C 411 30.40 -3.08 12.40
CA ALA C 411 30.47 -3.69 13.71
C ALA C 411 30.19 -5.18 13.60
N LEU C 412 29.29 -5.57 12.71
CA LEU C 412 29.05 -7.00 12.51
C LEU C 412 30.32 -7.64 11.97
N ASP C 413 31.02 -6.95 11.06
CA ASP C 413 32.24 -7.49 10.48
C ASP C 413 33.34 -7.60 11.53
N ARG C 414 33.45 -6.58 12.37
CA ARG C 414 34.45 -6.61 13.43
C ARG C 414 34.10 -7.75 14.40
N ALA C 415 32.80 -7.91 14.70
CA ALA C 415 32.38 -8.97 15.60
C ALA C 415 32.68 -10.38 15.06
N LEU C 416 32.54 -10.55 13.76
CA LEU C 416 32.78 -11.84 13.13
C LEU C 416 34.23 -12.25 13.07
N THR C 417 35.14 -11.28 13.10
CA THR C 417 36.59 -11.57 12.99
C THR C 417 37.41 -11.27 14.27
N SER C 419 39.37 -11.64 17.62
CA SER C 419 40.18 -12.65 18.27
C SER C 419 39.61 -13.06 19.60
N LEU C 420 39.96 -14.29 20.00
CA LEU C 420 39.45 -14.88 21.23
C LEU C 420 39.71 -13.97 22.42
N ALA C 421 40.94 -13.44 22.49
CA ALA C 421 41.41 -12.60 23.61
C ALA C 421 40.55 -11.37 23.78
N GLU C 422 40.26 -10.68 22.69
CA GLU C 422 39.35 -9.53 22.77
C GLU C 422 37.97 -9.97 23.17
N ARG C 423 37.53 -11.11 22.64
CA ARG C 423 36.15 -11.56 22.96
C ARG C 423 36.05 -11.91 24.42
N ILE C 424 37.14 -12.52 25.00
CA ILE C 424 37.14 -12.89 26.39
C ILE C 424 36.89 -11.59 27.18
N SER C 425 37.73 -10.59 26.91
CA SER C 425 37.85 -9.45 27.82
C SER C 425 36.61 -8.56 27.72
N ARG C 426 36.08 -8.45 26.51
CA ARG C 426 34.80 -7.77 26.35
C ARG C 426 33.64 -8.50 27.06
N HIS C 427 33.60 -9.83 26.89
CA HIS C 427 32.59 -10.59 27.63
C HIS C 427 32.73 -10.54 29.17
N ALA C 428 33.96 -10.67 29.71
CA ALA C 428 34.13 -10.76 31.15
C ALA C 428 33.75 -9.43 31.77
N GLU C 429 33.95 -8.34 31.03
CA GLU C 429 33.67 -7.02 31.59
C GLU C 429 32.18 -6.87 31.71
N LEU C 431 29.92 -9.31 31.77
CA LEU C 431 29.37 -10.30 32.67
C LEU C 431 29.46 -9.80 34.08
N ASP C 432 30.60 -9.21 34.42
CA ASP C 432 30.76 -8.73 35.78
C ASP C 432 29.72 -7.63 36.10
N VAL C 433 29.49 -6.70 35.16
CA VAL C 433 28.50 -5.64 35.36
C VAL C 433 27.11 -6.21 35.64
N ILE C 434 26.74 -7.25 34.89
CA ILE C 434 25.38 -7.81 35.03
C ILE C 434 25.26 -8.77 36.22
N VAL C 435 26.39 -9.32 36.67
CA VAL C 435 26.41 -10.11 37.89
C VAL C 435 26.25 -9.19 39.10
N LYS C 436 26.94 -8.05 39.09
CA LYS C 436 26.84 -7.09 40.19
C LYS C 436 25.44 -6.48 40.20
N ASN C 437 24.85 -6.28 39.04
CA ASN C 437 23.50 -5.74 38.98
C ASN C 437 22.43 -6.73 38.48
N ASP C 438 22.51 -7.90 39.12
CA ASP C 438 21.46 -8.87 39.40
C ASP C 438 20.03 -8.36 39.41
N ILE C 439 19.08 -9.18 38.94
CA ILE C 439 17.66 -8.93 39.24
C ILE C 439 17.46 -8.90 40.76
N ASN C 440 18.21 -9.71 41.48
CA ASN C 440 18.12 -9.67 42.94
C ASN C 440 18.52 -8.31 43.51
N HIS C 441 19.60 -7.72 43.00
CA HIS C 441 20.00 -6.35 43.37
C HIS C 441 18.90 -5.30 43.07
N TRP C 442 18.31 -5.37 41.88
CA TRP C 442 17.24 -4.47 41.46
C TRP C 442 16.13 -4.43 42.51
N GLN C 443 15.55 -5.59 42.70
CA GLN C 443 14.49 -5.88 43.66
C GLN C 443 14.87 -5.37 45.08
N GLU C 444 16.06 -5.71 45.54
CA GLU C 444 16.55 -5.31 46.86
C GLU C 444 16.61 -3.78 47.02
N CYS C 445 17.20 -3.12 46.03
CA CYS C 445 17.38 -1.67 46.08
C CYS C 445 16.06 -0.94 46.08
N PHE C 446 15.15 -1.41 45.23
CA PHE C 446 13.84 -0.78 45.16
C PHE C 446 13.06 -0.94 46.45
N ILE C 447 12.91 -2.19 46.91
CA ILE C 447 12.16 -2.46 48.12
C ILE C 447 12.78 -1.70 49.29
N SER C 448 14.11 -1.76 49.43
CA SER C 448 14.80 -1.09 50.52
C SER C 448 14.54 0.43 50.49
N ASP C 449 14.62 1.04 49.31
CA ASP C 449 14.33 2.47 49.14
C ASP C 449 12.87 2.79 49.51
N LEU C 450 11.94 1.94 49.07
CA LEU C 450 10.53 2.08 49.41
C LEU C 450 10.26 1.97 50.90
N LYS C 451 10.85 0.95 51.52
CA LYS C 451 10.65 0.67 52.95
C LYS C 451 11.18 1.83 53.78
N GLN C 452 12.08 2.60 53.19
CA GLN C 452 12.75 3.71 53.86
C GLN C 452 11.93 5.00 53.90
N ILE C 453 10.87 5.11 53.11
CA ILE C 453 10.08 6.34 53.20
C ILE C 453 8.91 6.20 54.19
N VAL C 454 8.60 7.30 54.88
CA VAL C 454 7.49 7.30 55.83
C VAL C 454 6.20 7.58 55.07
N PRO C 455 5.16 6.77 55.29
CA PRO C 455 3.88 6.93 54.58
C PRO C 455 3.10 8.14 55.10
N ARG C 456 2.18 8.65 54.28
CA ARG C 456 1.40 9.86 54.60
C ARG C 456 0.53 9.71 55.87
N SER D 1 31.02 46.59 6.65
CA SER D 1 30.08 47.43 5.86
C SER D 1 29.12 46.54 5.08
N ARG D 2 29.49 46.15 3.84
CA ARG D 2 28.62 45.33 2.98
C ARG D 2 28.13 44.01 3.61
N LEU D 3 26.83 43.77 3.51
CA LEU D 3 26.23 42.51 3.96
C LEU D 3 26.24 41.48 2.84
N VAL D 4 26.72 40.28 3.15
CA VAL D 4 26.68 39.13 2.23
C VAL D 4 25.80 38.03 2.79
N VAL D 5 24.68 37.77 2.12
CA VAL D 5 23.75 36.73 2.54
C VAL D 5 23.88 35.51 1.67
N VAL D 6 23.92 34.35 2.30
CA VAL D 6 23.92 33.12 1.55
C VAL D 6 22.89 32.14 2.03
N SER D 7 22.18 31.58 1.07
CA SER D 7 21.14 30.59 1.38
C SER D 7 21.06 29.70 0.17
N ASN D 8 20.50 28.52 0.34
CA ASN D 8 20.30 27.66 -0.79
C ASN D 8 19.25 28.26 -1.69
N ARG D 9 18.04 28.45 -1.15
CA ARG D 9 16.93 29.06 -1.89
C ARG D 9 17.06 30.57 -1.95
N ILE D 10 16.77 31.14 -3.11
CA ILE D 10 16.72 32.58 -3.24
C ILE D 10 15.35 32.99 -3.77
N ALA D 11 15.01 34.27 -3.53
CA ALA D 11 13.85 34.89 -4.14
C ALA D 11 14.42 35.54 -5.38
N PRO D 12 13.94 35.10 -6.55
CA PRO D 12 14.40 35.69 -7.80
C PRO D 12 13.95 37.14 -7.87
N PRO D 13 14.73 37.97 -8.57
CA PRO D 13 14.32 39.34 -8.93
C PRO D 13 13.04 39.46 -9.77
N ASP D 14 12.79 38.50 -10.68
CA ASP D 14 11.44 38.31 -11.31
C ASP D 14 10.60 37.71 -10.19
N GLU D 15 9.70 38.52 -9.61
CA GLU D 15 9.17 38.17 -8.26
C GLU D 15 8.04 37.10 -8.20
N HIS D 16 7.23 37.04 -9.27
CA HIS D 16 6.21 36.00 -9.44
C HIS D 16 6.73 34.61 -10.02
N ALA D 17 8.06 34.46 -10.11
CA ALA D 17 8.71 33.16 -10.36
C ALA D 17 9.00 32.54 -9.00
N ALA D 18 8.39 33.13 -7.96
CA ALA D 18 8.66 32.72 -6.58
C ALA D 18 8.07 31.33 -6.27
N SER D 19 8.77 30.61 -5.40
CA SER D 19 8.39 29.29 -4.97
C SER D 19 7.94 29.48 -3.53
N ALA D 20 6.96 28.69 -3.07
CA ALA D 20 6.53 28.73 -1.65
C ALA D 20 7.71 28.46 -0.71
N GLY D 21 7.67 29.07 0.48
CA GLY D 21 8.75 28.97 1.43
C GLY D 21 9.09 30.28 2.15
N GLY D 22 9.25 30.21 3.47
CA GLY D 22 9.30 31.41 4.29
C GLY D 22 10.68 32.05 4.31
N LEU D 23 11.72 31.23 4.14
CA LEU D 23 13.10 31.72 4.17
C LEU D 23 13.32 32.86 3.15
N ALA D 24 13.00 32.58 1.89
CA ALA D 24 13.24 33.50 0.80
C ALA D 24 12.43 34.77 1.03
N VAL D 25 11.19 34.60 1.51
CA VAL D 25 10.33 35.74 1.86
C VAL D 25 10.97 36.63 2.95
N GLY D 26 11.45 35.97 4.02
CA GLY D 26 12.17 36.60 5.10
C GLY D 26 13.40 37.36 4.61
N ILE D 27 14.35 36.63 3.99
CA ILE D 27 15.62 37.23 3.59
C ILE D 27 15.42 38.40 2.63
N LEU D 28 14.47 38.28 1.71
CA LEU D 28 14.20 39.37 0.77
C LEU D 28 13.75 40.59 1.57
N GLY D 29 12.79 40.36 2.47
CA GLY D 29 12.37 41.37 3.40
C GLY D 29 13.54 42.03 4.07
N ALA D 30 14.44 41.22 4.65
CA ALA D 30 15.63 41.73 5.33
C ALA D 30 16.52 42.55 4.39
N LEU D 31 16.88 41.97 3.25
CA LEU D 31 17.76 42.62 2.30
C LEU D 31 17.19 43.91 1.79
N LYS D 32 15.86 43.95 1.59
CA LYS D 32 15.20 45.17 1.13
C LYS D 32 15.41 46.29 2.14
N ALA D 33 15.45 45.91 3.42
CA ALA D 33 15.66 46.89 4.49
C ALA D 33 17.15 47.28 4.60
N ALA D 34 18.04 46.29 4.46
CA ALA D 34 19.49 46.49 4.61
C ALA D 34 20.22 47.07 3.36
N GLY D 35 20.17 46.29 2.28
CA GLY D 35 21.03 46.46 1.12
C GLY D 35 21.95 45.25 1.21
N GLY D 36 22.53 44.80 0.09
CA GLY D 36 23.46 43.69 0.15
C GLY D 36 23.58 42.77 -1.05
N LEU D 37 24.36 41.71 -0.86
CA LEU D 37 24.66 40.70 -1.88
C LEU D 37 24.02 39.39 -1.48
N TRP D 38 23.23 38.80 -2.36
CA TRP D 38 22.57 37.51 -2.04
C TRP D 38 23.17 36.46 -2.96
N PHE D 39 23.89 35.54 -2.35
CA PHE D 39 24.52 34.44 -3.07
C PHE D 39 23.77 33.16 -2.73
N GLY D 40 23.38 32.43 -3.78
CA GLY D 40 22.66 31.17 -3.57
C GLY D 40 22.35 30.43 -4.87
N TRP D 41 21.67 29.30 -4.74
CA TRP D 41 21.32 28.44 -5.86
C TRP D 41 20.25 29.07 -6.74
N SER D 42 20.45 28.99 -8.04
CA SER D 42 19.50 29.52 -8.99
C SER D 42 18.20 28.75 -9.02
N GLY D 43 18.23 27.53 -8.48
CA GLY D 43 17.11 26.62 -8.59
C GLY D 43 17.19 25.69 -9.78
N GLU D 44 18.20 25.86 -10.65
CA GLU D 44 18.36 25.04 -11.85
C GLU D 44 19.52 24.07 -11.73
N THR D 45 19.47 22.98 -12.49
CA THR D 45 20.56 22.01 -12.50
C THR D 45 21.17 21.92 -13.88
N GLY D 46 22.41 21.45 -13.97
CA GLY D 46 23.13 21.42 -15.24
C GLY D 46 23.90 22.72 -15.40
N ASN D 47 24.78 22.79 -16.39
CA ASN D 47 25.66 23.95 -16.60
C ASN D 47 26.36 24.52 -15.36
N GLU D 48 26.79 23.65 -14.45
CA GLU D 48 27.40 24.07 -13.17
C GLU D 48 28.72 24.82 -13.26
N ASP D 49 29.38 24.73 -14.40
CA ASP D 49 30.69 25.33 -14.60
C ASP D 49 30.57 26.67 -15.31
N GLN D 50 29.34 27.16 -15.45
CA GLN D 50 29.14 28.45 -16.09
C GLN D 50 29.42 29.48 -15.01
N PRO D 51 29.79 30.71 -15.40
CA PRO D 51 29.99 31.79 -14.42
C PRO D 51 28.75 32.05 -13.56
N LEU D 52 28.93 32.53 -12.35
CA LEU D 52 27.83 33.02 -11.53
C LEU D 52 26.93 33.97 -12.32
N LYS D 53 25.61 33.84 -12.17
CA LYS D 53 24.71 34.80 -12.82
C LYS D 53 24.45 35.93 -11.84
N LYS D 54 24.59 37.16 -12.33
CA LYS D 54 24.47 38.35 -11.50
C LYS D 54 23.42 39.32 -12.03
N VAL D 55 22.52 39.73 -11.14
CA VAL D 55 21.48 40.73 -11.44
C VAL D 55 21.47 41.70 -10.27
N LYS D 56 21.35 43.00 -10.59
CA LYS D 56 21.23 44.07 -9.60
C LYS D 56 19.87 44.75 -9.71
N LYS D 57 19.18 44.86 -8.58
CA LYS D 57 17.87 45.52 -8.54
C LYS D 57 17.81 46.42 -7.29
N GLY D 58 18.03 47.72 -7.50
CA GLY D 58 18.10 48.67 -6.40
C GLY D 58 19.32 48.46 -5.51
N ASN D 59 19.05 48.19 -4.22
CA ASN D 59 20.11 48.02 -3.22
C ASN D 59 20.49 46.54 -2.99
N ILE D 60 19.91 45.64 -3.79
CA ILE D 60 20.19 44.21 -3.71
C ILE D 60 20.92 43.72 -4.96
N THR D 61 21.93 42.88 -4.75
CA THR D 61 22.62 42.19 -5.86
C THR D 61 22.49 40.66 -5.71
N TRP D 62 22.05 39.99 -6.76
CA TRP D 62 21.95 38.53 -6.75
C TRP D 62 23.13 37.90 -7.49
N ALA D 63 23.72 36.87 -6.91
CA ALA D 63 24.71 36.02 -7.58
C ALA D 63 24.33 34.57 -7.39
N SER D 64 23.99 33.89 -8.49
CA SER D 64 23.51 32.53 -8.40
C SER D 64 24.38 31.56 -9.13
N PHE D 65 24.34 30.32 -8.67
CA PHE D 65 25.02 29.22 -9.32
C PHE D 65 24.02 28.12 -9.66
N ASN D 66 24.35 27.33 -10.68
CA ASN D 66 23.67 26.06 -10.92
C ASN D 66 24.37 24.92 -10.18
N LEU D 67 23.66 23.80 -10.01
CA LEU D 67 24.21 22.62 -9.36
C LEU D 67 24.16 21.46 -10.35
N SER D 68 25.10 20.52 -10.28
CA SER D 68 24.93 19.28 -11.09
C SER D 68 23.82 18.43 -10.52
N GLU D 69 23.34 17.52 -11.35
CA GLU D 69 22.31 16.55 -11.01
C GLU D 69 22.71 15.75 -9.78
N GLN D 70 23.96 15.33 -9.72
CA GLN D 70 24.43 14.56 -8.60
C GLN D 70 24.55 15.34 -7.32
N ASP D 71 25.06 16.56 -7.41
CA ASP D 71 25.11 17.42 -6.23
C ASP D 71 23.71 17.76 -5.73
N LEU D 72 22.80 18.11 -6.63
CA LEU D 72 21.44 18.39 -6.21
C LEU D 72 20.92 17.18 -5.46
N ASP D 73 21.12 16.00 -6.03
CA ASP D 73 20.62 14.80 -5.42
C ASP D 73 21.21 14.47 -4.05
N GLU D 74 22.52 14.62 -3.90
CA GLU D 74 23.14 14.19 -2.66
C GLU D 74 22.98 15.21 -1.55
N TYR D 75 23.21 16.47 -1.90
CA TYR D 75 23.22 17.59 -0.96
C TYR D 75 21.82 18.08 -0.67
N TYR D 76 20.98 18.18 -1.71
CA TYR D 76 19.67 18.77 -1.53
C TYR D 76 18.61 17.72 -1.23
N ASN D 77 18.39 16.81 -2.16
CA ASN D 77 17.33 15.85 -1.96
C ASN D 77 17.60 14.84 -0.87
N GLN D 78 18.85 14.40 -0.74
CA GLN D 78 19.16 13.37 0.24
C GLN D 78 19.52 13.99 1.55
N PHE D 79 20.65 14.64 1.65
CA PHE D 79 21.08 15.05 2.99
C PHE D 79 20.21 16.13 3.58
N SER D 80 20.02 17.23 2.85
CA SER D 80 19.21 18.33 3.40
C SER D 80 17.77 17.94 3.61
N ASN D 81 17.15 17.31 2.61
CA ASN D 81 15.70 17.06 2.61
C ASN D 81 15.31 15.69 3.19
N ALA D 82 16.23 14.71 3.19
CA ALA D 82 15.86 13.39 3.71
C ALA D 82 16.68 12.95 4.93
N VAL D 83 17.54 13.84 5.44
CA VAL D 83 18.18 13.63 6.73
C VAL D 83 17.91 14.81 7.68
N LEU D 84 18.34 16.00 7.29
CA LEU D 84 18.28 17.12 8.22
C LEU D 84 16.84 17.58 8.44
N TRP D 85 16.12 17.83 7.36
CA TRP D 85 14.74 18.29 7.51
C TRP D 85 13.93 17.33 8.41
N PRO D 86 13.87 16.02 8.10
CA PRO D 86 13.08 15.13 8.97
C PRO D 86 13.62 15.07 10.39
N ALA D 87 14.94 15.01 10.58
CA ALA D 87 15.49 14.89 11.91
C ALA D 87 15.18 16.15 12.73
N PHE D 88 15.40 17.33 12.15
CA PHE D 88 15.14 18.57 12.90
C PHE D 88 13.66 18.72 13.16
N HIS D 89 12.80 17.98 12.42
CA HIS D 89 11.37 18.05 12.67
C HIS D 89 10.87 16.84 13.45
N TYR D 90 11.80 16.20 14.17
CA TYR D 90 11.45 15.08 15.05
C TYR D 90 10.81 13.92 14.30
N ARG D 91 11.38 13.59 13.15
CA ARG D 91 10.91 12.46 12.36
C ARG D 91 12.08 11.58 11.99
N LEU D 92 12.68 11.00 13.02
CA LEU D 92 13.78 10.09 12.85
C LEU D 92 13.35 8.91 11.99
N ASP D 93 12.08 8.53 12.06
CA ASP D 93 11.61 7.43 11.24
C ASP D 93 11.72 7.69 9.76
N LEU D 94 11.93 8.95 9.40
CA LEU D 94 11.95 9.31 8.01
C LEU D 94 13.37 9.58 7.56
N VAL D 95 14.33 9.66 8.51
CA VAL D 95 15.70 9.87 8.05
C VAL D 95 16.30 8.74 7.22
N GLN D 96 17.04 9.15 6.21
CA GLN D 96 17.50 8.26 5.16
C GLN D 96 18.99 8.55 5.02
N PHE D 97 19.74 8.31 6.10
CA PHE D 97 21.19 8.53 6.10
C PHE D 97 21.94 7.50 5.29
N GLN D 98 22.74 7.99 4.35
CA GLN D 98 23.75 7.18 3.67
C GLN D 98 25.02 8.01 3.47
N ARG D 99 26.17 7.35 3.56
CA ARG D 99 27.44 8.04 3.54
C ARG D 99 27.62 8.85 2.28
N PRO D 100 27.28 8.34 1.09
CA PRO D 100 27.41 9.17 -0.12
C PRO D 100 26.63 10.50 -0.07
N ALA D 101 25.47 10.54 0.59
CA ALA D 101 24.74 11.79 0.76
C ALA D 101 25.51 12.73 1.68
N TRP D 102 26.10 12.18 2.73
CA TRP D 102 26.88 13.02 3.65
C TRP D 102 28.07 13.60 2.91
N ASP D 103 28.75 12.80 2.11
CA ASP D 103 29.92 13.24 1.38
C ASP D 103 29.54 14.35 0.38
N GLY D 104 28.38 14.19 -0.25
CA GLY D 104 27.91 15.13 -1.24
C GLY D 104 27.54 16.45 -0.57
N TYR D 105 26.87 16.36 0.57
CA TYR D 105 26.56 17.53 1.40
C TYR D 105 27.82 18.32 1.73
N LEU D 106 28.89 17.64 2.16
CA LEU D 106 30.16 18.33 2.45
C LEU D 106 30.75 18.84 1.17
N ARG D 107 30.71 18.02 0.12
CA ARG D 107 31.27 18.41 -1.15
C ARG D 107 30.62 19.69 -1.68
N VAL D 108 29.30 19.83 -1.63
CA VAL D 108 28.77 21.09 -2.16
C VAL D 108 28.99 22.29 -1.28
N ASN D 109 28.94 22.11 0.04
CA ASN D 109 29.32 23.22 0.94
C ASN D 109 30.73 23.72 0.60
N ALA D 110 31.63 22.78 0.29
CA ALA D 110 33.00 23.16 -0.01
C ALA D 110 33.04 23.92 -1.33
N LEU D 111 32.32 23.39 -2.31
CA LEU D 111 32.25 23.95 -3.66
C LEU D 111 31.74 25.40 -3.64
N LEU D 112 30.65 25.59 -2.89
CA LEU D 112 29.96 26.86 -2.77
C LEU D 112 30.88 27.88 -2.09
N ALA D 113 31.64 27.42 -1.10
CA ALA D 113 32.63 28.29 -0.47
C ALA D 113 33.71 28.70 -1.45
N ASP D 114 34.11 27.83 -2.37
CA ASP D 114 35.09 28.20 -3.41
C ASP D 114 34.53 29.27 -4.32
N LYS D 115 33.24 29.12 -4.64
CA LYS D 115 32.56 30.00 -5.59
C LYS D 115 32.32 31.37 -4.94
N LEU D 116 32.06 31.38 -3.64
CA LEU D 116 31.81 32.63 -2.92
C LEU D 116 33.11 33.41 -2.72
N LEU D 117 34.18 32.69 -2.40
CA LEU D 117 35.44 33.33 -2.03
C LEU D 117 35.83 34.55 -2.88
N PRO D 118 35.90 34.48 -4.21
CA PRO D 118 36.34 35.65 -4.99
C PRO D 118 35.41 36.86 -4.88
N LEU D 119 34.20 36.70 -4.36
CA LEU D 119 33.25 37.81 -4.28
C LEU D 119 33.44 38.60 -3.01
N LEU D 120 34.13 38.01 -2.05
CA LEU D 120 34.23 38.57 -0.70
C LEU D 120 35.28 39.68 -0.56
N GLN D 121 34.97 40.62 0.31
CA GLN D 121 35.91 41.63 0.71
C GLN D 121 36.15 41.46 2.22
N ASP D 122 37.31 41.96 2.67
CA ASP D 122 37.70 42.02 4.08
C ASP D 122 36.62 42.55 5.00
N ASP D 123 36.03 43.66 4.57
CA ASP D 123 34.85 44.32 5.12
C ASP D 123 33.69 43.46 5.53
N ASP D 124 33.37 42.54 4.65
CA ASP D 124 32.05 41.93 4.60
C ASP D 124 31.56 41.37 5.93
N ILE D 125 30.25 41.47 6.10
CA ILE D 125 29.56 40.86 7.20
C ILE D 125 28.77 39.77 6.52
N ILE D 126 29.01 38.52 6.91
CA ILE D 126 28.50 37.39 6.18
C ILE D 126 27.42 36.69 7.03
N TRP D 127 26.29 36.37 6.41
CA TRP D 127 25.11 35.88 7.09
C TRP D 127 24.64 34.65 6.34
N ILE D 128 24.84 33.50 6.93
CA ILE D 128 24.53 32.26 6.29
C ILE D 128 23.20 31.73 6.82
N HIS D 129 22.37 31.24 5.91
CA HIS D 129 21.05 30.76 6.31
C HIS D 129 20.75 29.27 6.09
N ASP D 130 20.29 28.66 7.16
CA ASP D 130 19.53 27.41 7.15
C ASP D 130 20.33 26.12 7.04
N TYR D 131 19.61 25.02 7.22
CA TYR D 131 20.19 23.69 7.42
C TYR D 131 20.99 23.17 6.25
N HIS D 132 20.82 23.73 5.06
CA HIS D 132 21.69 23.32 3.93
C HIS D 132 23.14 23.67 4.17
N LEU D 133 23.38 24.62 5.06
CA LEU D 133 24.71 25.22 5.12
C LEU D 133 25.37 25.16 6.50
N LEU D 134 25.01 24.15 7.29
CA LEU D 134 25.68 23.95 8.57
C LEU D 134 27.23 23.98 8.49
N PRO D 135 27.86 23.30 7.55
CA PRO D 135 29.34 23.32 7.43
C PRO D 135 29.97 24.58 6.83
N PHE D 136 29.16 25.56 6.48
CA PHE D 136 29.69 26.58 5.59
C PHE D 136 30.78 27.48 6.21
N ALA D 137 30.53 28.00 7.43
CA ALA D 137 31.55 28.75 8.16
C ALA D 137 32.86 27.97 8.25
N HIS D 138 32.78 26.66 8.48
CA HIS D 138 33.97 25.84 8.63
C HIS D 138 34.74 25.87 7.32
N GLU D 139 34.01 25.73 6.22
CA GLU D 139 34.61 25.81 4.90
C GLU D 139 35.24 27.14 4.64
N LEU D 140 34.55 28.24 5.01
CA LEU D 140 35.13 29.58 4.87
C LEU D 140 36.37 29.77 5.75
N ARG D 141 36.36 29.23 6.96
CA ARG D 141 37.53 29.38 7.85
C ARG D 141 38.73 28.68 7.27
N LYS D 142 38.55 27.47 6.72
CA LYS D 142 39.74 26.84 6.19
C LYS D 142 40.29 27.52 4.94
N ARG D 143 39.49 28.39 4.33
CA ARG D 143 39.95 29.17 3.19
C ARG D 143 40.49 30.53 3.65
N GLY D 144 40.60 30.70 4.96
CA GLY D 144 41.23 31.89 5.52
C GLY D 144 40.26 33.05 5.71
N VAL D 145 38.96 32.84 5.60
CA VAL D 145 38.07 33.97 5.84
C VAL D 145 37.83 34.25 7.33
N ASN D 146 38.26 35.44 7.74
CA ASN D 146 38.25 35.85 9.13
C ASN D 146 37.11 36.78 9.47
N ASN D 147 36.30 37.12 8.46
CA ASN D 147 35.14 38.00 8.63
C ASN D 147 34.22 37.51 9.75
N ARG D 148 33.40 38.42 10.26
CA ARG D 148 32.27 37.99 11.07
C ARG D 148 31.36 37.13 10.21
N ILE D 149 31.00 35.96 10.71
CA ILE D 149 30.04 35.11 10.03
C ILE D 149 28.99 34.75 11.05
N GLY D 150 27.74 35.05 10.72
CA GLY D 150 26.60 34.65 11.50
C GLY D 150 25.80 33.59 10.77
N PHE D 151 25.10 32.77 11.55
CA PHE D 151 24.24 31.75 11.01
C PHE D 151 22.86 31.94 11.59
N PHE D 152 21.85 31.72 10.79
CA PHE D 152 20.50 31.68 11.33
C PHE D 152 19.78 30.43 10.89
N LEU D 153 19.22 29.70 11.86
CA LEU D 153 18.52 28.43 11.59
C LEU D 153 17.03 28.72 11.49
N HIS D 154 16.44 28.48 10.33
CA HIS D 154 15.05 28.85 10.12
C HIS D 154 14.09 27.79 10.65
N ILE D 155 14.62 26.62 10.97
CA ILE D 155 13.80 25.49 11.37
C ILE D 155 14.14 25.14 12.81
N PRO D 156 13.42 24.23 13.48
CA PRO D 156 13.73 23.92 14.89
C PRO D 156 15.13 23.28 15.00
N PHE D 157 15.74 23.38 16.17
CA PHE D 157 16.90 22.58 16.46
C PHE D 157 16.43 21.55 17.44
N PRO D 158 16.55 20.26 17.14
CA PRO D 158 15.91 19.24 17.99
C PRO D 158 16.72 18.91 19.24
N THR D 159 16.09 18.45 20.33
CA THR D 159 16.81 18.02 21.54
C THR D 159 17.81 16.91 21.25
N PRO D 160 18.81 16.78 22.13
CA PRO D 160 19.84 15.75 22.03
C PRO D 160 19.33 14.36 21.72
N GLU D 161 18.28 13.92 22.41
CA GLU D 161 17.75 12.57 22.21
C GLU D 161 17.38 12.29 20.75
N ILE D 162 17.05 13.34 19.99
CA ILE D 162 16.84 13.25 18.56
C ILE D 162 18.09 13.60 17.78
N PHE D 163 18.70 14.72 18.10
CA PHE D 163 19.85 15.19 17.30
C PHE D 163 20.98 14.16 17.27
N ASN D 164 21.23 13.50 18.39
CA ASN D 164 22.36 12.58 18.53
C ASN D 164 22.19 11.29 17.73
N ALA D 165 21.02 11.12 17.12
CA ALA D 165 20.79 9.96 16.29
C ALA D 165 21.40 10.15 14.94
N LEU D 166 21.62 11.41 14.56
CA LEU D 166 22.31 11.75 13.32
C LEU D 166 23.73 11.14 13.36
N PRO D 167 24.04 10.22 12.44
CA PRO D 167 25.34 9.53 12.48
C PRO D 167 26.52 10.48 12.52
N THR D 168 26.22 11.72 12.19
CA THR D 168 27.22 12.68 11.81
C THR D 168 27.07 13.96 12.65
N TYR D 169 26.24 13.86 13.70
CA TYR D 169 25.89 14.95 14.61
C TYR D 169 27.13 15.66 15.19
N ASP D 170 28.02 14.79 15.58
CA ASP D 170 29.41 14.98 15.80
C ASP D 170 30.07 16.17 15.07
N THR D 171 30.23 15.98 13.76
CA THR D 171 30.90 16.92 12.89
C THR D 171 30.06 18.17 12.75
N LEU D 172 28.75 18.00 12.74
CA LEU D 172 27.85 19.12 12.58
C LEU D 172 28.03 20.13 13.69
N LEU D 173 28.17 19.63 14.92
CA LEU D 173 28.27 20.46 16.07
C LEU D 173 29.61 21.18 16.09
N GLU D 174 30.70 20.45 15.81
CA GLU D 174 32.03 21.06 15.71
C GLU D 174 31.96 22.26 14.79
N GLN D 175 31.32 22.05 13.63
CA GLN D 175 31.38 22.98 12.53
C GLN D 175 30.49 24.17 12.73
N LEU D 176 29.36 23.97 13.39
CA LEU D 176 28.56 25.10 13.82
C LEU D 176 29.33 26.10 14.69
N CYS D 177 30.28 25.62 15.48
CA CYS D 177 31.03 26.49 16.38
C CYS D 177 32.09 27.35 15.67
N ASP D 178 32.15 27.29 14.36
CA ASP D 178 33.05 28.14 13.57
C ASP D 178 32.33 29.44 13.20
N TYR D 179 31.02 29.48 13.41
CA TYR D 179 30.25 30.71 13.28
C TYR D 179 30.54 31.60 14.48
N ASP D 180 30.57 32.91 14.26
CA ASP D 180 30.70 33.86 15.33
C ASP D 180 29.39 34.04 16.08
N LEU D 181 28.27 33.96 15.35
CA LEU D 181 26.95 34.15 15.91
C LEU D 181 26.03 33.09 15.35
N LEU D 182 25.31 32.41 16.24
CA LEU D 182 24.28 31.42 15.84
C LEU D 182 22.95 31.96 16.30
N GLY D 183 22.05 32.15 15.34
CA GLY D 183 20.71 32.64 15.62
C GLY D 183 19.65 31.57 15.46
N PHE D 184 18.64 31.63 16.31
CA PHE D 184 17.60 30.60 16.36
C PHE D 184 16.26 31.26 16.39
N GLN D 185 15.23 30.51 16.01
CA GLN D 185 13.90 31.08 16.04
C GLN D 185 13.23 31.19 17.38
N THR D 186 13.50 30.27 18.30
CA THR D 186 12.90 30.31 19.65
C THR D 186 13.95 29.99 20.68
N GLU D 187 13.72 30.44 21.92
CA GLU D 187 14.62 30.06 23.02
C GLU D 187 14.85 28.55 23.12
N ASN D 188 13.80 27.74 22.95
CA ASN D 188 14.00 26.29 22.98
C ASN D 188 14.98 25.74 21.95
N ASP D 189 14.97 26.27 20.72
CA ASP D 189 15.95 25.88 19.69
C ASP D 189 17.40 26.20 20.13
N ARG D 190 17.62 27.40 20.66
CA ARG D 190 18.91 27.79 21.16
C ARG D 190 19.37 26.84 22.25
N LEU D 191 18.54 26.67 23.29
CA LEU D 191 18.84 25.79 24.41
C LEU D 191 19.12 24.35 23.93
N ALA D 192 18.33 23.86 22.97
CA ALA D 192 18.53 22.52 22.41
C ALA D 192 19.92 22.35 21.78
N PHE D 193 20.31 23.30 20.93
CA PHE D 193 21.68 23.32 20.38
C PHE D 193 22.74 23.30 21.49
N LEU D 194 22.53 24.10 22.52
CA LEU D 194 23.52 24.23 23.61
C LEU D 194 23.63 22.92 24.39
N ASP D 195 22.50 22.25 24.50
CA ASP D 195 22.44 20.95 25.13
C ASP D 195 23.22 19.92 24.37
N CYS D 196 22.94 19.83 23.07
CA CYS D 196 23.65 18.92 22.18
C CYS D 196 25.14 19.18 22.30
N LEU D 197 25.53 20.44 22.23
CA LEU D 197 26.94 20.79 22.35
C LEU D 197 27.53 20.30 23.66
N SER D 198 26.84 20.59 24.77
CA SER D 198 27.28 20.15 26.11
C SER D 198 27.45 18.64 26.27
N ASN D 199 26.68 17.86 25.52
CA ASN D 199 26.79 16.42 25.64
C ASN D 199 28.06 15.90 25.03
N LEU D 200 28.58 16.63 24.05
CA LEU D 200 29.75 16.23 23.29
C LEU D 200 31.01 16.75 23.90
N THR D 201 31.03 18.01 24.29
CA THR D 201 32.24 18.65 24.80
C THR D 201 31.90 19.66 25.91
N ARG D 202 32.89 20.15 26.62
CA ARG D 202 32.67 21.15 27.66
C ARG D 202 32.43 22.50 27.02
N VAL D 203 31.29 23.12 27.36
CA VAL D 203 31.04 24.50 26.92
C VAL D 203 31.04 25.50 28.08
N THR D 204 31.94 26.47 28.00
CA THR D 204 32.01 27.55 28.98
C THR D 204 31.07 28.66 28.57
N THR D 205 30.27 29.14 29.51
CA THR D 205 29.37 30.24 29.25
C THR D 205 29.54 31.21 30.36
N ARG D 206 30.37 32.24 30.14
CA ARG D 206 30.69 33.19 31.20
C ARG D 206 29.76 34.42 31.19
N SER D 207 28.95 34.51 30.12
CA SER D 207 28.01 35.63 29.96
C SER D 207 26.67 35.23 29.37
N LYS D 209 24.72 34.19 26.99
CA LYS D 209 24.66 33.78 25.57
C LYS D 209 25.99 33.94 24.81
N SER D 210 27.10 33.74 25.50
CA SER D 210 28.45 33.90 24.97
C SER D 210 29.29 32.71 25.43
N HIS D 211 29.93 32.01 24.52
CA HIS D 211 30.32 30.62 24.78
C HIS D 211 31.76 30.34 24.31
N THR D 212 32.31 29.24 24.82
CA THR D 212 33.54 28.64 24.32
C THR D 212 33.36 27.12 24.21
N ALA D 213 33.73 26.54 23.06
CA ALA D 213 33.80 25.10 22.92
C ALA D 213 35.01 24.77 22.07
N TRP D 214 35.82 23.83 22.53
CA TRP D 214 37.03 23.42 21.84
C TRP D 214 37.90 24.62 21.56
N GLY D 215 37.94 25.57 22.49
CA GLY D 215 38.66 26.83 22.30
C GLY D 215 38.12 27.77 21.22
N LYS D 216 36.94 27.49 20.66
CA LYS D 216 36.31 28.39 19.69
C LYS D 216 35.28 29.25 20.40
N ALA D 217 35.37 30.56 20.23
CA ALA D 217 34.39 31.50 20.81
C ALA D 217 33.22 31.71 19.85
N PHE D 218 32.00 31.77 20.38
CA PHE D 218 30.81 32.06 19.57
C PHE D 218 29.63 32.51 20.43
N ARG D 219 28.68 33.23 19.84
CA ARG D 219 27.51 33.74 20.54
C ARG D 219 26.23 33.09 20.06
N THR D 220 25.25 32.92 20.95
CA THR D 220 23.94 32.42 20.53
C THR D 220 22.87 33.45 20.89
N GLU D 221 21.76 33.46 20.15
CA GLU D 221 20.70 34.44 20.37
C GLU D 221 19.43 34.05 19.62
N VAL D 222 18.32 34.64 20.03
CA VAL D 222 17.02 34.29 19.46
C VAL D 222 16.49 35.46 18.64
N TYR D 223 16.10 35.20 17.39
CA TYR D 223 15.52 36.22 16.55
C TYR D 223 14.33 35.66 15.81
N PRO D 224 13.14 35.67 16.38
CA PRO D 224 11.97 35.13 15.64
C PRO D 224 11.67 35.94 14.39
N ILE D 225 11.66 35.26 13.26
CA ILE D 225 11.47 35.90 11.95
C ILE D 225 10.04 36.38 11.78
N GLY D 226 9.87 37.49 11.08
CA GLY D 226 8.58 38.13 10.95
C GLY D 226 8.22 38.50 9.53
N ILE D 227 7.34 39.45 9.43
CA ILE D 227 6.60 39.74 8.23
C ILE D 227 6.60 41.29 8.07
N GLU D 228 6.18 41.82 6.93
CA GLU D 228 6.01 43.25 6.71
C GLU D 228 4.53 43.63 6.85
N PRO D 229 4.07 44.01 8.06
CA PRO D 229 2.62 44.12 8.35
C PRO D 229 1.94 45.22 7.55
N LYS D 230 2.67 46.29 7.27
CA LYS D 230 2.18 47.36 6.45
C LYS D 230 1.96 46.91 5.01
N GLU D 231 2.94 46.26 4.41
CA GLU D 231 2.79 45.79 3.03
C GLU D 231 1.68 44.76 2.86
N ILE D 232 1.52 43.84 3.81
CA ILE D 232 0.41 42.88 3.63
C ILE D 232 -0.95 43.53 3.80
N ALA D 233 -1.05 44.48 4.72
CA ALA D 233 -2.25 45.29 4.84
C ALA D 233 -2.61 45.81 3.45
N LYS D 234 -1.67 46.50 2.80
CA LYS D 234 -1.86 47.01 1.44
C LYS D 234 -2.30 45.92 0.48
N GLN D 235 -1.54 44.82 0.38
CA GLN D 235 -1.94 43.83 -0.61
C GLN D 235 -3.28 43.12 -0.28
N ALA D 236 -3.58 42.92 1.00
CA ALA D 236 -4.85 42.30 1.44
C ALA D 236 -6.08 43.16 1.11
N ALA D 237 -5.90 44.47 0.99
CA ALA D 237 -7.02 45.39 0.74
C ALA D 237 -7.25 45.68 -0.76
N GLY D 238 -6.37 45.15 -1.62
CA GLY D 238 -6.47 45.34 -3.05
C GLY D 238 -7.65 44.58 -3.59
N PRO D 239 -8.17 44.94 -4.77
CA PRO D 239 -9.38 44.30 -5.28
C PRO D 239 -9.17 42.80 -5.52
N LEU D 240 -10.23 42.00 -5.39
CA LEU D 240 -10.11 40.58 -5.67
C LEU D 240 -10.20 40.33 -7.18
N PRO D 241 -9.49 39.30 -7.67
CA PRO D 241 -9.69 38.83 -9.06
C PRO D 241 -11.20 38.57 -9.29
N PRO D 242 -11.70 38.83 -10.50
CA PRO D 242 -13.16 38.86 -10.74
C PRO D 242 -13.84 37.56 -10.30
N LYS D 243 -13.23 36.41 -10.59
CA LYS D 243 -13.76 35.12 -10.27
C LYS D 243 -13.98 35.02 -8.74
N LEU D 244 -13.05 35.58 -7.96
CA LEU D 244 -13.09 35.44 -6.49
C LEU D 244 -14.02 36.47 -5.90
N ALA D 245 -14.17 37.59 -6.59
CA ALA D 245 -15.16 38.61 -6.22
C ALA D 245 -16.58 38.02 -6.26
N GLN D 246 -16.84 37.17 -7.26
CA GLN D 246 -18.03 36.35 -7.35
C GLN D 246 -18.15 35.41 -6.15
N LEU D 247 -17.16 34.54 -5.96
CA LEU D 247 -17.26 33.54 -4.89
C LEU D 247 -17.56 34.17 -3.53
N LYS D 248 -16.93 35.30 -3.23
CA LYS D 248 -17.16 35.99 -1.96
C LYS D 248 -18.66 36.34 -1.81
N ALA D 249 -19.24 36.93 -2.86
CA ALA D 249 -20.69 37.19 -2.93
C ALA D 249 -21.57 35.93 -2.71
N GLU D 250 -21.18 34.79 -3.30
CA GLU D 250 -21.96 33.56 -3.26
C GLU D 250 -21.86 32.85 -1.90
N LEU D 251 -20.74 33.09 -1.20
CA LEU D 251 -20.41 32.41 0.06
C LEU D 251 -20.74 33.34 1.27
N LYS D 252 -21.65 34.27 1.02
CA LYS D 252 -22.07 35.26 2.01
C LYS D 252 -22.61 34.65 3.32
N ASN D 253 -23.17 33.45 3.27
CA ASN D 253 -23.67 32.80 4.48
C ASN D 253 -22.98 31.49 4.77
N VAL D 254 -21.82 31.33 4.16
CA VAL D 254 -20.90 30.26 4.48
C VAL D 254 -19.65 30.83 5.16
N GLN D 255 -19.25 30.24 6.28
CA GLN D 255 -18.01 30.66 6.91
C GLN D 255 -16.84 29.87 6.32
N ASN D 256 -15.70 30.55 6.16
CA ASN D 256 -14.51 29.94 5.58
C ASN D 256 -13.39 29.71 6.60
N ILE D 257 -12.99 28.44 6.70
CA ILE D 257 -11.78 28.05 7.41
C ILE D 257 -10.74 27.85 6.31
N PHE D 258 -9.58 28.44 6.49
CA PHE D 258 -8.60 28.49 5.42
C PHE D 258 -7.23 28.17 5.95
N SER D 259 -6.49 27.38 5.17
CA SER D 259 -5.14 26.95 5.49
C SER D 259 -4.32 26.98 4.25
N VAL D 260 -3.05 27.35 4.38
CA VAL D 260 -2.12 27.31 3.24
C VAL D 260 -0.71 26.95 3.75
N GLU D 261 -0.06 26.05 3.04
CA GLU D 261 1.32 25.69 3.32
C GLU D 261 1.84 24.74 2.24
N ARG D 262 3.16 24.62 2.16
CA ARG D 262 3.79 23.57 1.39
C ARG D 262 3.24 22.23 1.90
N LEU D 263 3.07 21.29 0.96
CA LEU D 263 2.63 19.96 1.32
C LEU D 263 3.80 19.20 1.96
N ASP D 264 3.95 19.35 3.26
CA ASP D 264 5.10 18.84 4.00
C ASP D 264 4.55 18.07 5.20
N TYR D 265 5.21 16.99 5.60
CA TYR D 265 4.69 16.20 6.72
C TYR D 265 4.88 16.93 8.02
N SER D 266 5.69 17.99 8.02
CA SER D 266 5.89 18.75 9.26
C SER D 266 4.59 19.50 9.57
N LYS D 267 3.78 19.77 8.54
CA LYS D 267 2.59 20.58 8.68
C LYS D 267 1.35 19.86 9.23
N GLY D 268 1.40 18.55 9.43
CA GLY D 268 0.26 17.86 10.01
C GLY D 268 -1.08 18.00 9.30
N LEU D 269 -1.06 18.06 7.99
CA LEU D 269 -2.25 18.10 7.19
C LEU D 269 -3.21 16.90 7.39
N PRO D 270 -2.78 15.65 7.42
CA PRO D 270 -3.72 14.57 7.70
C PRO D 270 -4.39 14.73 9.07
N GLU D 271 -3.63 15.08 10.08
CA GLU D 271 -4.23 15.30 11.40
C GLU D 271 -5.22 16.43 11.35
N ARG D 272 -4.92 17.42 10.50
CA ARG D 272 -5.82 18.55 10.33
C ARG D 272 -7.14 18.10 9.71
N PHE D 273 -7.05 17.29 8.65
CA PHE D 273 -8.23 16.76 7.99
C PHE D 273 -9.08 15.99 9.02
N LEU D 274 -8.41 15.25 9.88
CA LEU D 274 -9.06 14.46 10.90
C LEU D 274 -9.79 15.36 11.94
N ALA D 275 -9.17 16.48 12.26
CA ALA D 275 -9.80 17.47 13.13
C ALA D 275 -11.02 18.09 12.49
N TYR D 276 -10.93 18.37 11.19
CA TYR D 276 -12.10 18.86 10.47
C TYR D 276 -13.21 17.80 10.45
N GLU D 277 -12.87 16.56 10.16
CA GLU D 277 -13.85 15.48 10.26
C GLU D 277 -14.51 15.44 11.64
N ALA D 278 -13.71 15.59 12.69
CA ALA D 278 -14.28 15.57 14.05
C ALA D 278 -15.22 16.76 14.24
N LEU D 279 -14.91 17.88 13.60
CA LEU D 279 -15.79 19.04 13.70
C LEU D 279 -17.13 18.71 13.05
N LEU D 280 -17.05 18.00 11.92
CA LEU D 280 -18.24 17.70 11.17
C LEU D 280 -19.06 16.63 11.89
N GLU D 281 -18.37 15.71 12.55
CA GLU D 281 -19.03 14.64 13.29
C GLU D 281 -19.73 15.17 14.51
N LYS D 282 -19.04 15.99 15.28
CA LYS D 282 -19.56 16.34 16.60
C LYS D 282 -20.28 17.69 16.63
N TYR D 283 -20.18 18.49 15.56
CA TYR D 283 -20.93 19.75 15.49
C TYR D 283 -21.79 19.86 14.20
N PRO D 284 -22.80 19.00 14.07
CA PRO D 284 -23.61 18.90 12.85
C PRO D 284 -24.30 20.22 12.45
N GLN D 285 -24.34 21.17 13.35
CA GLN D 285 -24.99 22.45 13.11
C GLN D 285 -24.27 23.25 12.04
N HIS D 286 -23.02 22.90 11.78
CA HIS D 286 -22.21 23.64 10.82
C HIS D 286 -22.36 23.09 9.40
N HIS D 287 -23.08 21.98 9.25
CA HIS D 287 -23.17 21.35 7.92
C HIS D 287 -23.81 22.29 6.91
N GLY D 288 -23.15 22.50 5.79
CA GLY D 288 -23.69 23.33 4.74
C GLY D 288 -23.39 24.80 4.96
N LYS D 289 -22.85 25.14 6.12
CA LYS D 289 -22.70 26.54 6.52
C LYS D 289 -21.24 26.92 6.72
N ILE D 290 -20.33 25.96 6.52
CA ILE D 290 -18.92 26.21 6.66
C ILE D 290 -18.20 25.50 5.54
N ARG D 291 -16.93 25.82 5.40
CA ARG D 291 -16.11 25.32 4.33
C ARG D 291 -14.67 25.37 4.80
N TYR D 292 -13.93 24.30 4.57
CA TYR D 292 -12.52 24.30 4.92
C TYR D 292 -11.79 24.17 3.61
N THR D 293 -10.98 25.18 3.30
CA THR D 293 -10.19 25.17 2.10
C THR D 293 -8.74 24.99 2.51
N GLN D 294 -8.08 24.00 1.89
CA GLN D 294 -6.68 23.74 2.15
C GLN D 294 -5.86 23.90 0.87
N ILE D 295 -4.94 24.85 0.87
CA ILE D 295 -4.07 25.00 -0.26
C ILE D 295 -2.71 24.45 0.12
N ALA D 296 -2.22 23.53 -0.70
CA ALA D 296 -1.01 22.77 -0.38
C ALA D 296 -0.24 22.43 -1.66
N PRO D 297 0.54 23.36 -2.19
CA PRO D 297 1.38 23.09 -3.34
C PRO D 297 2.41 21.99 -3.00
N THR D 298 2.73 21.17 -3.96
CA THR D 298 3.75 20.14 -3.82
C THR D 298 5.09 20.78 -3.51
N SER D 299 5.79 20.21 -2.55
CA SER D 299 7.13 20.66 -2.20
C SER D 299 8.03 19.42 -2.18
N ARG D 300 9.24 19.53 -2.77
CA ARG D 300 10.26 18.48 -2.63
C ARG D 300 9.69 17.12 -3.06
N GLY D 301 8.99 17.14 -4.20
CA GLY D 301 8.16 16.04 -4.65
C GLY D 301 8.93 14.83 -5.09
N ASP D 302 10.25 14.93 -5.19
CA ASP D 302 11.12 13.78 -5.48
C ASP D 302 11.49 12.94 -4.25
N VAL D 303 11.22 13.43 -3.05
CA VAL D 303 11.55 12.68 -1.85
C VAL D 303 10.40 11.77 -1.49
N GLN D 304 10.70 10.49 -1.32
CA GLN D 304 9.65 9.52 -1.08
C GLN D 304 8.68 9.94 0.01
N ALA D 305 9.19 10.41 1.15
CA ALA D 305 8.33 10.74 2.25
C ALA D 305 7.29 11.82 1.87
N TYR D 306 7.68 12.77 1.00
CA TYR D 306 6.76 13.77 0.43
C TYR D 306 5.69 13.22 -0.53
N GLN D 307 6.07 12.26 -1.39
CA GLN D 307 5.09 11.54 -2.14
C GLN D 307 4.11 10.83 -1.22
N ASP D 308 4.62 10.13 -0.20
CA ASP D 308 3.71 9.41 0.70
C ASP D 308 2.66 10.33 1.32
N ILE D 309 3.08 11.48 1.82
CA ILE D 309 2.16 12.32 2.57
C ILE D 309 1.10 12.89 1.62
N ARG D 310 1.52 13.15 0.41
CA ARG D 310 0.63 13.65 -0.60
C ARG D 310 -0.45 12.65 -0.98
N HIS D 311 -0.06 11.39 -1.18
CA HIS D 311 -1.04 10.33 -1.45
C HIS D 311 -2.01 10.16 -0.30
N GLN D 312 -1.50 10.27 0.92
CA GLN D 312 -2.32 10.10 2.08
C GLN D 312 -3.32 11.29 2.14
N LEU D 313 -2.86 12.47 1.83
CA LEU D 313 -3.77 13.62 1.85
C LEU D 313 -4.86 13.52 0.75
N GLU D 314 -4.50 13.07 -0.45
CA GLU D 314 -5.51 12.83 -1.49
C GLU D 314 -6.54 11.83 -1.04
N ASN D 315 -6.13 10.81 -0.30
CA ASN D 315 -7.09 9.81 0.18
C ASN D 315 -8.09 10.40 1.19
N GLU D 316 -7.57 11.18 2.13
CA GLU D 316 -8.40 11.77 3.10
C GLU D 316 -9.38 12.80 2.52
N ALA D 317 -8.98 13.61 1.56
CA ALA D 317 -9.90 14.53 0.92
C ALA D 317 -11.08 13.78 0.27
N GLY D 318 -10.77 12.76 -0.53
CA GLY D 318 -11.77 11.94 -1.17
C GLY D 318 -12.65 11.26 -0.11
N ARG D 319 -12.06 10.78 0.97
CA ARG D 319 -12.85 10.08 1.97
C ARG D 319 -13.82 11.01 2.72
N ILE D 320 -13.30 12.17 3.13
CA ILE D 320 -14.08 13.08 3.96
C ILE D 320 -15.25 13.69 3.17
N ASN D 321 -14.96 14.15 1.95
CA ASN D 321 -15.99 14.61 1.07
C ASN D 321 -16.95 13.51 0.73
N GLY D 322 -16.47 12.28 0.60
CA GLY D 322 -17.35 11.20 0.20
C GLY D 322 -18.35 10.86 1.27
N LYS D 323 -17.96 11.14 2.51
CA LYS D 323 -18.72 10.76 3.66
C LYS D 323 -19.62 11.91 4.16
N TYR D 324 -19.14 13.16 4.11
CA TYR D 324 -19.95 14.28 4.58
C TYR D 324 -20.46 15.20 3.49
N GLY D 325 -20.05 15.04 2.24
CA GLY D 325 -20.51 15.91 1.18
C GLY D 325 -21.96 15.70 0.91
N GLN D 326 -22.59 16.66 0.23
CA GLN D 326 -23.98 16.60 -0.21
C GLN D 326 -23.98 16.95 -1.68
N LEU D 327 -25.11 16.78 -2.35
CA LEU D 327 -25.17 17.19 -3.74
C LEU D 327 -24.75 18.67 -3.96
N GLY D 328 -25.04 19.57 -3.00
CA GLY D 328 -24.76 20.97 -3.15
C GLY D 328 -23.86 21.49 -2.06
N TRP D 329 -22.99 20.67 -1.53
CA TRP D 329 -22.08 21.14 -0.48
C TRP D 329 -20.85 20.27 -0.33
N THR D 330 -19.70 20.78 -0.73
CA THR D 330 -18.43 20.13 -0.53
C THR D 330 -17.76 20.66 0.73
N PRO D 331 -17.69 19.85 1.77
CA PRO D 331 -17.15 20.32 3.06
C PRO D 331 -15.70 20.81 2.98
N LEU D 332 -14.91 20.20 2.10
CA LEU D 332 -13.47 20.37 2.11
C LEU D 332 -12.93 20.59 0.71
N TYR D 333 -12.23 21.71 0.49
CA TYR D 333 -11.67 22.08 -0.80
C TYR D 333 -10.18 21.90 -0.65
N TYR D 334 -9.64 20.83 -1.21
CA TYR D 334 -8.21 20.60 -1.17
C TYR D 334 -7.61 20.94 -2.52
N LEU D 335 -6.66 21.89 -2.54
CA LEU D 335 -6.05 22.32 -3.77
C LEU D 335 -4.55 22.10 -3.67
N ASN D 336 -4.05 21.25 -4.55
CA ASN D 336 -2.63 20.91 -4.59
C ASN D 336 -1.97 21.83 -5.61
N GLN D 337 -1.97 23.11 -5.29
CA GLN D 337 -1.59 24.13 -6.23
C GLN D 337 -0.92 25.29 -5.54
N HIS D 338 -0.04 25.95 -6.25
CA HIS D 338 0.62 27.09 -5.70
C HIS D 338 -0.26 28.33 -5.97
N PHE D 339 -0.37 29.18 -4.96
CA PHE D 339 -1.06 30.48 -5.11
C PHE D 339 -0.11 31.63 -4.89
N ASP D 340 -0.24 32.65 -5.73
CA ASP D 340 0.53 33.89 -5.57
C ASP D 340 0.30 34.47 -4.16
N ARG D 341 1.37 34.86 -3.49
CA ARG D 341 1.32 35.42 -2.13
C ARG D 341 0.45 36.68 -2.01
N LYS D 342 0.52 37.54 -3.02
CA LYS D 342 -0.36 38.71 -3.12
C LYS D 342 -1.82 38.26 -2.94
N LEU D 343 -2.19 37.20 -3.63
CA LEU D 343 -3.56 36.75 -3.67
C LEU D 343 -3.96 36.13 -2.35
N LEU D 344 -3.03 35.38 -1.77
CA LEU D 344 -3.26 34.78 -0.49
C LEU D 344 -3.61 35.83 0.58
N LYS D 346 -5.25 38.59 0.32
CA LYS D 346 -6.67 38.88 0.14
C LYS D 346 -7.53 37.74 0.65
N ILE D 347 -7.19 36.50 0.31
CA ILE D 347 -7.96 35.36 0.76
C ILE D 347 -7.97 35.27 2.28
N PHE D 348 -6.83 35.55 2.90
CA PHE D 348 -6.75 35.61 4.35
C PHE D 348 -7.78 36.61 4.89
N ARG D 349 -7.80 37.79 4.30
CA ARG D 349 -8.67 38.89 4.76
C ARG D 349 -10.13 38.44 4.76
N TYR D 350 -10.52 37.65 3.78
CA TYR D 350 -11.92 37.23 3.67
C TYR D 350 -12.23 35.90 4.32
N SER D 351 -11.24 35.30 5.00
CA SER D 351 -11.46 34.05 5.74
C SER D 351 -11.88 34.30 7.15
N ASP D 352 -12.84 33.55 7.66
CA ASP D 352 -13.29 33.79 9.04
C ASP D 352 -12.33 33.17 10.03
N VAL D 353 -11.69 32.05 9.65
CA VAL D 353 -10.78 31.35 10.53
C VAL D 353 -9.53 30.95 9.74
N GLY D 354 -8.35 31.24 10.28
CA GLY D 354 -7.12 30.68 9.73
C GLY D 354 -6.68 29.49 10.54
N LEU D 355 -6.48 28.35 9.88
CA LEU D 355 -6.15 27.13 10.58
C LEU D 355 -4.68 26.83 10.36
N VAL D 356 -3.87 27.01 11.39
CA VAL D 356 -2.44 26.77 11.25
C VAL D 356 -1.93 25.81 12.33
N THR D 357 -1.96 24.51 12.03
CA THR D 357 -1.63 23.56 13.09
C THR D 357 -0.55 22.58 12.67
N PRO D 358 0.64 23.06 12.35
CA PRO D 358 1.76 22.17 12.04
C PRO D 358 2.10 21.30 13.26
N LEU D 359 2.64 20.12 12.98
CA LEU D 359 3.11 19.23 14.03
C LEU D 359 4.38 19.80 14.64
N ARG D 360 5.14 20.50 13.81
CA ARG D 360 6.41 21.06 14.22
C ARG D 360 6.85 22.08 13.22
N ASP D 361 7.17 23.27 13.66
CA ASP D 361 7.48 24.36 12.73
C ASP D 361 8.38 25.36 13.41
N GLY D 362 9.42 25.78 12.69
CA GLY D 362 10.38 26.75 13.18
C GLY D 362 9.71 28.03 13.63
N ASN D 364 6.57 29.65 11.35
CA ASN D 364 5.34 29.69 10.58
C ASN D 364 4.88 31.10 10.24
N LEU D 365 5.26 31.59 9.05
CA LEU D 365 4.89 32.95 8.65
C LEU D 365 3.43 33.04 8.23
N VAL D 366 2.87 31.96 7.73
CA VAL D 366 1.47 31.98 7.34
C VAL D 366 0.61 32.48 8.52
N ALA D 367 0.90 32.03 9.74
CA ALA D 367 0.17 32.49 10.92
C ALA D 367 0.26 34.01 11.07
N LYS D 368 1.44 34.57 10.91
CA LYS D 368 1.62 36.02 11.07
C LYS D 368 0.99 36.78 9.91
N GLU D 369 1.07 36.22 8.71
CA GLU D 369 0.45 36.83 7.55
C GLU D 369 -1.05 36.88 7.74
N TYR D 370 -1.61 35.81 8.30
CA TYR D 370 -3.06 35.74 8.50
C TYR D 370 -3.48 36.91 9.38
N VAL D 371 -2.78 37.15 10.49
CA VAL D 371 -3.21 38.22 11.34
C VAL D 371 -2.99 39.62 10.72
N ALA D 372 -1.86 39.79 10.02
CA ALA D 372 -1.53 41.05 9.38
C ALA D 372 -2.52 41.45 8.30
N ALA D 373 -3.22 40.48 7.77
CA ALA D 373 -4.07 40.73 6.62
C ALA D 373 -5.48 41.16 7.07
N GLN D 374 -5.80 40.88 8.32
CA GLN D 374 -7.18 40.95 8.75
C GLN D 374 -7.63 42.40 8.76
N ASP D 375 -8.87 42.63 8.36
CA ASP D 375 -9.53 43.93 8.57
C ASP D 375 -9.68 44.16 10.08
N PRO D 376 -8.91 45.09 10.65
CA PRO D 376 -8.91 45.28 12.12
C PRO D 376 -10.32 45.42 12.66
N ALA D 377 -11.23 46.00 11.85
CA ALA D 377 -12.61 46.29 12.28
C ALA D 377 -13.53 45.09 12.30
N ASN D 378 -13.10 44.01 11.64
CA ASN D 378 -13.85 42.75 11.56
C ASN D 378 -12.93 41.56 11.25
N PRO D 379 -12.04 41.21 12.17
CA PRO D 379 -10.99 40.19 11.93
C PRO D 379 -11.44 38.76 12.19
N GLY D 380 -10.83 37.84 11.45
CA GLY D 380 -11.02 36.42 11.68
C GLY D 380 -10.24 35.92 12.88
N VAL D 381 -10.28 34.62 13.10
CA VAL D 381 -9.68 34.02 14.27
C VAL D 381 -8.57 33.11 13.84
N LEU D 382 -7.45 33.18 14.56
CA LEU D 382 -6.31 32.32 14.30
C LEU D 382 -6.37 31.11 15.25
N VAL D 383 -6.41 29.90 14.67
CA VAL D 383 -6.27 28.64 15.44
C VAL D 383 -4.86 28.11 15.13
N LEU D 384 -4.02 27.98 16.16
CA LEU D 384 -2.57 27.81 16.02
C LEU D 384 -2.06 26.64 16.84
N SER D 385 -1.27 25.78 16.19
CA SER D 385 -0.59 24.72 16.93
C SER D 385 0.41 25.26 17.98
N GLN D 386 0.37 24.69 19.17
CA GLN D 386 1.39 25.03 20.16
C GLN D 386 2.83 24.69 19.74
N PHE D 387 3.00 23.95 18.68
CA PHE D 387 4.33 23.51 18.28
C PHE D 387 4.90 24.41 17.24
N ALA D 388 4.16 25.44 16.81
CA ALA D 388 4.71 26.37 15.85
C ALA D 388 5.46 27.39 16.64
N GLY D 389 6.67 27.70 16.17
CA GLY D 389 7.43 28.79 16.78
C GLY D 389 6.59 30.03 17.03
N ALA D 390 5.67 30.32 16.13
CA ALA D 390 4.80 31.49 16.29
C ALA D 390 3.98 31.52 17.58
N ALA D 391 3.71 30.36 18.14
CA ALA D 391 2.94 30.28 19.38
C ALA D 391 3.60 30.96 20.56
N ASN D 392 4.93 31.14 20.52
CA ASN D 392 5.60 31.90 21.58
C ASN D 392 5.20 33.34 21.58
N GLU D 393 4.86 33.86 20.40
CA GLU D 393 4.43 35.26 20.38
C GLU D 393 2.92 35.55 20.10
N LEU D 394 2.24 34.67 19.38
CA LEU D 394 0.81 34.82 19.05
C LEU D 394 -0.05 34.18 20.10
N THR D 395 0.26 34.57 21.32
CA THR D 395 -0.28 34.06 22.54
C THR D 395 -1.79 34.23 22.68
N SER D 396 -2.35 35.10 21.86
CA SER D 396 -3.79 35.37 21.88
C SER D 396 -4.58 34.62 20.81
N ALA D 397 -3.88 33.82 20.00
CA ALA D 397 -4.55 32.90 19.10
C ALA D 397 -5.23 31.81 19.95
N LEU D 398 -6.12 31.05 19.34
CA LEU D 398 -6.64 29.84 19.97
C LEU D 398 -5.56 28.77 19.83
N ILE D 399 -4.82 28.52 20.91
CA ILE D 399 -3.68 27.61 20.90
C ILE D 399 -4.17 26.20 21.16
N VAL D 400 -3.77 25.29 20.29
CA VAL D 400 -4.21 23.91 20.36
C VAL D 400 -3.07 22.93 20.12
N ASN D 401 -3.31 21.69 20.56
CA ASN D 401 -2.44 20.55 20.34
C ASN D 401 -2.98 19.66 19.20
N PRO D 402 -2.34 19.69 18.04
CA PRO D 402 -2.87 18.95 16.88
C PRO D 402 -3.01 17.45 17.08
N TYR D 403 -2.36 16.87 18.07
CA TYR D 403 -2.46 15.43 18.32
C TYR D 403 -3.76 15.11 19.00
N ASP D 404 -4.55 16.13 19.28
CA ASP D 404 -5.85 15.90 19.90
C ASP D 404 -6.90 16.47 18.96
N ARG D 405 -7.42 15.67 18.04
CA ARG D 405 -8.28 16.24 17.02
C ARG D 405 -9.50 16.92 17.61
N ASP D 406 -10.00 16.42 18.74
CA ASP D 406 -11.20 16.98 19.33
C ASP D 406 -10.91 18.37 19.92
N GLU D 407 -9.74 18.56 20.52
CA GLU D 407 -9.33 19.88 20.96
C GLU D 407 -9.28 20.85 19.76
N VAL D 408 -8.77 20.37 18.62
CA VAL D 408 -8.72 21.23 17.43
C VAL D 408 -10.14 21.51 16.90
N ALA D 409 -11.00 20.49 16.83
CA ALA D 409 -12.39 20.70 16.43
C ALA D 409 -13.09 21.74 17.32
N ALA D 410 -12.91 21.60 18.63
CA ALA D 410 -13.56 22.52 19.60
C ALA D 410 -13.08 23.95 19.38
N ALA D 411 -11.79 24.13 19.09
CA ALA D 411 -11.27 25.47 18.81
C ALA D 411 -11.81 26.00 17.49
N LEU D 412 -12.02 25.14 16.50
CA LEU D 412 -12.64 25.58 15.26
C LEU D 412 -14.05 26.07 15.53
N ASP D 413 -14.78 25.36 16.37
CA ASP D 413 -16.15 25.72 16.72
C ASP D 413 -16.17 27.04 17.50
N ARG D 414 -15.28 27.17 18.47
CA ARG D 414 -15.19 28.41 19.23
C ARG D 414 -14.84 29.57 18.26
N ALA D 415 -13.90 29.34 17.35
CA ALA D 415 -13.51 30.37 16.37
C ALA D 415 -14.70 30.82 15.49
N LEU D 416 -15.50 29.84 15.03
CA LEU D 416 -16.64 30.12 14.16
C LEU D 416 -17.76 30.95 14.84
N THR D 417 -17.86 30.89 16.18
CA THR D 417 -18.97 31.52 16.88
C THR D 417 -18.50 32.66 17.78
N SER D 419 -17.65 36.15 19.20
CA SER D 419 -18.19 37.50 19.06
C SER D 419 -17.13 38.43 18.43
N LEU D 420 -17.66 39.61 17.98
CA LEU D 420 -16.84 40.63 17.34
C LEU D 420 -15.83 41.21 18.31
N ALA D 421 -16.28 41.43 19.53
CA ALA D 421 -15.44 42.03 20.55
C ALA D 421 -14.22 41.13 20.86
N GLU D 422 -14.46 39.86 21.08
CA GLU D 422 -13.34 38.97 21.37
C GLU D 422 -12.43 38.75 20.11
N ARG D 423 -13.03 38.69 18.93
CA ARG D 423 -12.17 38.84 17.74
C ARG D 423 -11.36 40.13 17.68
N ILE D 424 -11.94 41.30 18.03
CA ILE D 424 -11.20 42.59 17.98
C ILE D 424 -9.98 42.61 18.92
N SER D 425 -10.20 42.09 20.14
CA SER D 425 -9.17 42.16 21.16
C SER D 425 -8.10 41.13 21.05
N ARG D 426 -8.45 39.93 20.53
CA ARG D 426 -7.46 38.94 20.23
C ARG D 426 -6.63 39.52 19.10
N HIS D 427 -7.29 40.20 18.13
CA HIS D 427 -6.54 40.46 16.88
C HIS D 427 -5.57 41.59 17.13
N ALA D 428 -6.05 42.55 17.90
CA ALA D 428 -5.28 43.78 18.17
C ALA D 428 -4.08 43.52 19.09
N GLU D 429 -4.20 42.56 19.99
CA GLU D 429 -2.99 42.01 20.67
C GLU D 429 -1.97 41.25 19.73
N LEU D 431 -1.60 41.61 16.50
CA LEU D 431 -1.13 42.50 15.46
C LEU D 431 -0.05 43.34 16.04
N ASP D 432 -0.23 43.76 17.29
CA ASP D 432 0.76 44.59 17.91
C ASP D 432 2.09 43.84 18.07
N VAL D 433 2.03 42.58 18.51
CA VAL D 433 3.23 41.77 18.65
C VAL D 433 3.99 41.66 17.34
N ILE D 434 3.28 41.47 16.22
CA ILE D 434 3.96 41.27 14.94
C ILE D 434 4.42 42.59 14.30
N VAL D 435 3.76 43.69 14.66
CA VAL D 435 4.19 45.01 14.24
C VAL D 435 5.48 45.37 14.96
N LYS D 436 5.55 45.08 16.28
CA LYS D 436 6.77 45.37 17.04
C LYS D 436 7.92 44.48 16.57
N ASN D 437 7.59 43.25 16.20
CA ASN D 437 8.62 42.35 15.72
C ASN D 437 8.53 42.04 14.21
N ASP D 438 8.38 43.10 13.45
CA ASP D 438 8.76 43.35 12.09
C ASP D 438 9.88 42.48 11.54
N ILE D 439 9.82 42.15 10.25
CA ILE D 439 10.99 41.62 9.53
C ILE D 439 12.11 42.65 9.60
N ASN D 440 11.75 43.92 9.61
CA ASN D 440 12.79 44.96 9.72
C ASN D 440 13.53 44.87 11.07
N HIS D 441 12.78 44.65 12.15
CA HIS D 441 13.38 44.42 13.48
C HIS D 441 14.33 43.20 13.53
N TRP D 442 13.88 42.08 12.95
CA TRP D 442 14.65 40.86 12.85
C TRP D 442 16.05 41.15 12.26
N GLN D 443 16.03 41.63 11.02
CA GLN D 443 17.18 42.04 10.23
C GLN D 443 18.08 43.02 11.03
N GLU D 444 17.49 44.05 11.61
CA GLU D 444 18.25 45.03 12.38
C GLU D 444 18.99 44.43 13.59
N CYS D 445 18.28 43.59 14.36
CA CYS D 445 18.83 43.00 15.58
C CYS D 445 19.95 42.05 15.24
N PHE D 446 19.76 41.25 14.20
CA PHE D 446 20.80 40.33 13.81
C PHE D 446 22.06 41.05 13.34
N ILE D 447 21.90 41.95 12.36
CA ILE D 447 23.04 42.66 11.78
C ILE D 447 23.75 43.46 12.89
N SER D 448 22.99 44.16 13.72
CA SER D 448 23.57 44.88 14.83
C SER D 448 24.39 43.98 15.78
N ASP D 449 23.82 42.84 16.17
CA ASP D 449 24.56 41.88 17.00
C ASP D 449 25.82 41.35 16.32
N LEU D 450 25.72 41.01 15.03
CA LEU D 450 26.88 40.60 14.25
C LEU D 450 27.98 41.69 14.19
N LYS D 451 27.57 42.92 13.87
CA LYS D 451 28.51 44.03 13.69
C LYS D 451 29.21 44.29 14.99
N GLN D 452 28.61 43.83 16.08
CA GLN D 452 29.13 44.08 17.43
C GLN D 452 30.20 43.07 17.86
N ILE D 453 30.42 42.00 17.11
CA ILE D 453 31.50 41.11 17.54
C ILE D 453 32.80 41.41 16.80
N VAL D 454 33.93 41.20 17.47
CA VAL D 454 35.23 41.48 16.85
C VAL D 454 35.68 40.22 16.14
N PRO D 455 36.09 40.34 14.88
CA PRO D 455 36.48 39.18 14.07
C PRO D 455 37.82 38.61 14.52
N ARG D 456 38.08 37.35 14.21
CA ARG D 456 39.31 36.65 14.61
C ARG D 456 40.60 37.28 14.07
#